data_1U36
# 
_entry.id   1U36 
# 
_audit_conform.dict_name       mmcif_pdbx.dic 
_audit_conform.dict_version    5.376 
_audit_conform.dict_location   http://mmcif.pdb.org/dictionaries/ascii/mmcif_pdbx.dic 
# 
loop_
_database_2.database_id 
_database_2.database_code 
_database_2.pdbx_database_accession 
_database_2.pdbx_DOI 
PDB   1U36         pdb_00001u36 10.2210/pdb1u36/pdb 
RCSB  RCSB023186   ?            ?                   
WWPDB D_1000023186 ?            ?                   
# 
loop_
_pdbx_database_related.db_name 
_pdbx_database_related.db_id 
_pdbx_database_related.details 
_pdbx_database_related.content_type 
PDB 1U3J . unspecified 
PDB 1U3Y . unspecified 
PDB 1U3Z . unspecified 
PDB 1U41 . unspecified 
PDB 1U42 . unspecified 
# 
_pdbx_database_status.entry_id                        1U36 
_pdbx_database_status.status_code                     REL 
_pdbx_database_status.recvd_initial_deposition_date   2004-07-21 
_pdbx_database_status.deposit_site                    RCSB 
_pdbx_database_status.process_site                    RCSB 
_pdbx_database_status.status_code_sf                  REL 
_pdbx_database_status.SG_entry                        . 
_pdbx_database_status.status_code_mr                  ? 
_pdbx_database_status.status_code_cs                  ? 
_pdbx_database_status.methods_development_category    ? 
_pdbx_database_status.pdb_format_compatible           Y 
_pdbx_database_status.status_code_nmr_data            ? 
# 
loop_
_audit_author.name 
_audit_author.pdbx_ordinal 
'Chirgadze, D.Y.' 1 
'Demydchuk, M.'   2 
'Becker, M.'      3 
'Moran, S.'       4 
'Paoli, M.'       5 
# 
_citation.id                        primary 
_citation.title                     
'Snapshot of Protein Structure Evolution Reveals Conservation of Functional Dimerization through Intertwined Folding' 
_citation.journal_abbrev            Structure 
_citation.journal_volume            12 
_citation.page_first                1489 
_citation.page_last                 1494 
_citation.year                      2004 
_citation.journal_id_ASTM           STRUE6 
_citation.country                   UK 
_citation.journal_id_ISSN           0969-2126 
_citation.journal_id_CSD            2005 
_citation.book_publisher            ? 
_citation.pdbx_database_id_PubMed   15296742 
_citation.pdbx_database_id_DOI      10.1016/j.str.2004.06.011 
# 
loop_
_citation_author.citation_id 
_citation_author.name 
_citation_author.ordinal 
_citation_author.identifier_ORCID 
primary 'Chirgadze, D.Y.' 1 ? 
primary 'Demydchuk, M.'   2 ? 
primary 'Becker, M.'      3 ? 
primary 'Moran, S.'       4 ? 
primary 'Paoli, M.'       5 ? 
# 
_cell.entry_id           1U36 
_cell.length_a           63.087 
_cell.length_b           63.087 
_cell.length_c           65.279 
_cell.angle_alpha        90.00 
_cell.angle_beta         90.00 
_cell.angle_gamma        90.00 
_cell.Z_PDB              8 
_cell.pdbx_unique_axis   ? 
_cell.length_a_esd       ? 
_cell.length_b_esd       ? 
_cell.length_c_esd       ? 
_cell.angle_alpha_esd    ? 
_cell.angle_beta_esd     ? 
_cell.angle_gamma_esd    ? 
# 
_symmetry.entry_id                         1U36 
_symmetry.space_group_name_H-M             'P 41 21 2' 
_symmetry.cell_setting                     tetragonal 
_symmetry.pdbx_full_space_group_name_H-M   ? 
_symmetry.Int_Tables_number                92 
_symmetry.space_group_name_Hall            ? 
# 
loop_
_entity.id 
_entity.type 
_entity.src_method 
_entity.pdbx_description 
_entity.formula_weight 
_entity.pdbx_number_of_molecules 
_entity.pdbx_ec 
_entity.pdbx_mutation 
_entity.pdbx_fragment 
_entity.details 
1 polymer man 'Nuclear factor NF-kappa-B p105 subunit' 12283.879 1   ? 'Y267W, V310C' 'dimerization domain' ? 
2 water   nat water                                    18.015    123 ? ?              ?                     ? 
# 
_entity_name_com.entity_id   1 
_entity_name_com.name        
;NF-kB p50 transcription factor; DNA-binding factor KBF1; EBP- 1; 
NF-kappa-B1 p84/NF-kappa-B1 p98 [Contains: Nuclear factor NF- kappa-B p50 subunit]
;
# 
_entity_poly.entity_id                      1 
_entity_poly.type                           'polypeptide(L)' 
_entity_poly.nstd_linkage                   no 
_entity_poly.nstd_monomer                   no 
_entity_poly.pdbx_seq_one_letter_code       
;ASNLKIVRMDRTAGCVTGGEEIWLLCDKVQKDDIQIRFYEEEENGGVWEGFGDFSPTDVHRQFAICFKTPKYKDVNITKP
ASVFVQLRRKSDLETSEPKPFLYYPE
;
_entity_poly.pdbx_seq_one_letter_code_can   
;ASNLKIVRMDRTAGCVTGGEEIWLLCDKVQKDDIQIRFYEEEENGGVWEGFGDFSPTDVHRQFAICFKTPKYKDVNITKP
ASVFVQLRRKSDLETSEPKPFLYYPE
;
_entity_poly.pdbx_strand_id                 A 
_entity_poly.pdbx_target_identifier         ? 
# 
loop_
_entity_poly_seq.entity_id 
_entity_poly_seq.num 
_entity_poly_seq.mon_id 
_entity_poly_seq.hetero 
1 1   ALA n 
1 2   SER n 
1 3   ASN n 
1 4   LEU n 
1 5   LYS n 
1 6   ILE n 
1 7   VAL n 
1 8   ARG n 
1 9   MET n 
1 10  ASP n 
1 11  ARG n 
1 12  THR n 
1 13  ALA n 
1 14  GLY n 
1 15  CYS n 
1 16  VAL n 
1 17  THR n 
1 18  GLY n 
1 19  GLY n 
1 20  GLU n 
1 21  GLU n 
1 22  ILE n 
1 23  TRP n 
1 24  LEU n 
1 25  LEU n 
1 26  CYS n 
1 27  ASP n 
1 28  LYS n 
1 29  VAL n 
1 30  GLN n 
1 31  LYS n 
1 32  ASP n 
1 33  ASP n 
1 34  ILE n 
1 35  GLN n 
1 36  ILE n 
1 37  ARG n 
1 38  PHE n 
1 39  TYR n 
1 40  GLU n 
1 41  GLU n 
1 42  GLU n 
1 43  GLU n 
1 44  ASN n 
1 45  GLY n 
1 46  GLY n 
1 47  VAL n 
1 48  TRP n 
1 49  GLU n 
1 50  GLY n 
1 51  PHE n 
1 52  GLY n 
1 53  ASP n 
1 54  PHE n 
1 55  SER n 
1 56  PRO n 
1 57  THR n 
1 58  ASP n 
1 59  VAL n 
1 60  HIS n 
1 61  ARG n 
1 62  GLN n 
1 63  PHE n 
1 64  ALA n 
1 65  ILE n 
1 66  CYS n 
1 67  PHE n 
1 68  LYS n 
1 69  THR n 
1 70  PRO n 
1 71  LYS n 
1 72  TYR n 
1 73  LYS n 
1 74  ASP n 
1 75  VAL n 
1 76  ASN n 
1 77  ILE n 
1 78  THR n 
1 79  LYS n 
1 80  PRO n 
1 81  ALA n 
1 82  SER n 
1 83  VAL n 
1 84  PHE n 
1 85  VAL n 
1 86  GLN n 
1 87  LEU n 
1 88  ARG n 
1 89  ARG n 
1 90  LYS n 
1 91  SER n 
1 92  ASP n 
1 93  LEU n 
1 94  GLU n 
1 95  THR n 
1 96  SER n 
1 97  GLU n 
1 98  PRO n 
1 99  LYS n 
1 100 PRO n 
1 101 PHE n 
1 102 LEU n 
1 103 TYR n 
1 104 TYR n 
1 105 PRO n 
1 106 GLU n 
# 
_entity_src_gen.entity_id                          1 
_entity_src_gen.pdbx_src_id                        1 
_entity_src_gen.pdbx_alt_source_flag               sample 
_entity_src_gen.pdbx_seq_type                      ? 
_entity_src_gen.pdbx_beg_seq_num                   ? 
_entity_src_gen.pdbx_end_seq_num                   ? 
_entity_src_gen.gene_src_common_name               'house mouse' 
_entity_src_gen.gene_src_genus                     Mus 
_entity_src_gen.pdbx_gene_src_gene                 'Nfkb1, 18033' 
_entity_src_gen.gene_src_species                   ? 
_entity_src_gen.gene_src_strain                    ? 
_entity_src_gen.gene_src_tissue                    ? 
_entity_src_gen.gene_src_tissue_fraction           ? 
_entity_src_gen.gene_src_details                   ? 
_entity_src_gen.pdbx_gene_src_fragment             ? 
_entity_src_gen.pdbx_gene_src_scientific_name      'Mus musculus' 
_entity_src_gen.pdbx_gene_src_ncbi_taxonomy_id     10090 
_entity_src_gen.pdbx_gene_src_variant              ? 
_entity_src_gen.pdbx_gene_src_cell_line            ? 
_entity_src_gen.pdbx_gene_src_atcc                 ? 
_entity_src_gen.pdbx_gene_src_organ                ? 
_entity_src_gen.pdbx_gene_src_organelle            ? 
_entity_src_gen.pdbx_gene_src_cell                 ? 
_entity_src_gen.pdbx_gene_src_cellular_location    ? 
_entity_src_gen.host_org_common_name               ? 
_entity_src_gen.pdbx_host_org_scientific_name      'Escherichia coli BL21(DE3)' 
_entity_src_gen.pdbx_host_org_ncbi_taxonomy_id     469008 
_entity_src_gen.host_org_genus                     Escherichia 
_entity_src_gen.pdbx_host_org_gene                 ? 
_entity_src_gen.pdbx_host_org_organ                ? 
_entity_src_gen.host_org_species                   'Escherichia coli' 
_entity_src_gen.pdbx_host_org_tissue               ? 
_entity_src_gen.pdbx_host_org_tissue_fraction      ? 
_entity_src_gen.pdbx_host_org_strain               'BL21 DE3' 
_entity_src_gen.pdbx_host_org_variant              ? 
_entity_src_gen.pdbx_host_org_cell_line            ? 
_entity_src_gen.pdbx_host_org_atcc                 ? 
_entity_src_gen.pdbx_host_org_culture_collection   ? 
_entity_src_gen.pdbx_host_org_cell                 ? 
_entity_src_gen.pdbx_host_org_organelle            ? 
_entity_src_gen.pdbx_host_org_cellular_location    ? 
_entity_src_gen.pdbx_host_org_vector_type          plasmid 
_entity_src_gen.pdbx_host_org_vector               ? 
_entity_src_gen.host_org_details                   ? 
_entity_src_gen.expression_system_id               ? 
_entity_src_gen.plasmid_name                       pET3a 
_entity_src_gen.plasmid_details                    ? 
_entity_src_gen.pdbx_description                   ? 
# 
_struct_ref.id                         1 
_struct_ref.entity_id                  1 
_struct_ref.db_name                    UNP 
_struct_ref.db_code                    NFKB1_MOUSE 
_struct_ref.pdbx_db_accession          P25799 
_struct_ref.pdbx_align_begin           245 
_struct_ref.pdbx_seq_one_letter_code   
;ASNLKIVRMDRTAGCVTGGEEIYLLCDKVQKDDIQIRFYEEEENGGVWEGFGDFSPTDVHRQFAIVFKTPKYKDVNITKP
ASVFVQLRRKSDLETSEPKPFLYYPE
;
_struct_ref.pdbx_db_isoform            ? 
# 
_struct_ref_seq.align_id                      1 
_struct_ref_seq.ref_id                        1 
_struct_ref_seq.pdbx_PDB_id_code              1U36 
_struct_ref_seq.pdbx_strand_id                A 
_struct_ref_seq.seq_align_beg                 1 
_struct_ref_seq.pdbx_seq_align_beg_ins_code   ? 
_struct_ref_seq.seq_align_end                 106 
_struct_ref_seq.pdbx_seq_align_end_ins_code   ? 
_struct_ref_seq.pdbx_db_accession             P25799 
_struct_ref_seq.db_align_beg                  245 
_struct_ref_seq.pdbx_db_align_beg_ins_code    ? 
_struct_ref_seq.db_align_end                  350 
_struct_ref_seq.pdbx_db_align_end_ins_code    ? 
_struct_ref_seq.pdbx_auth_seq_align_beg       245 
_struct_ref_seq.pdbx_auth_seq_align_end       350 
# 
loop_
_struct_ref_seq_dif.align_id 
_struct_ref_seq_dif.pdbx_pdb_id_code 
_struct_ref_seq_dif.mon_id 
_struct_ref_seq_dif.pdbx_pdb_strand_id 
_struct_ref_seq_dif.seq_num 
_struct_ref_seq_dif.pdbx_pdb_ins_code 
_struct_ref_seq_dif.pdbx_seq_db_name 
_struct_ref_seq_dif.pdbx_seq_db_accession_code 
_struct_ref_seq_dif.db_mon_id 
_struct_ref_seq_dif.pdbx_seq_db_seq_num 
_struct_ref_seq_dif.details 
_struct_ref_seq_dif.pdbx_auth_seq_num 
_struct_ref_seq_dif.pdbx_ordinal 
1 1U36 TRP A 23 ? UNP P25799 TYR 267 'engineered mutation' 267 1 
1 1U36 CYS A 66 ? UNP P25799 VAL 310 'engineered mutation' 310 2 
# 
loop_
_chem_comp.id 
_chem_comp.type 
_chem_comp.mon_nstd_flag 
_chem_comp.name 
_chem_comp.pdbx_synonyms 
_chem_comp.formula 
_chem_comp.formula_weight 
ALA 'L-peptide linking' y ALANINE         ? 'C3 H7 N O2'     89.093  
ARG 'L-peptide linking' y ARGININE        ? 'C6 H15 N4 O2 1' 175.209 
ASN 'L-peptide linking' y ASPARAGINE      ? 'C4 H8 N2 O3'    132.118 
ASP 'L-peptide linking' y 'ASPARTIC ACID' ? 'C4 H7 N O4'     133.103 
CYS 'L-peptide linking' y CYSTEINE        ? 'C3 H7 N O2 S'   121.158 
GLN 'L-peptide linking' y GLUTAMINE       ? 'C5 H10 N2 O3'   146.144 
GLU 'L-peptide linking' y 'GLUTAMIC ACID' ? 'C5 H9 N O4'     147.129 
GLY 'peptide linking'   y GLYCINE         ? 'C2 H5 N O2'     75.067  
HIS 'L-peptide linking' y HISTIDINE       ? 'C6 H10 N3 O2 1' 156.162 
HOH non-polymer         . WATER           ? 'H2 O'           18.015  
ILE 'L-peptide linking' y ISOLEUCINE      ? 'C6 H13 N O2'    131.173 
LEU 'L-peptide linking' y LEUCINE         ? 'C6 H13 N O2'    131.173 
LYS 'L-peptide linking' y LYSINE          ? 'C6 H15 N2 O2 1' 147.195 
MET 'L-peptide linking' y METHIONINE      ? 'C5 H11 N O2 S'  149.211 
PHE 'L-peptide linking' y PHENYLALANINE   ? 'C9 H11 N O2'    165.189 
PRO 'L-peptide linking' y PROLINE         ? 'C5 H9 N O2'     115.130 
SER 'L-peptide linking' y SERINE          ? 'C3 H7 N O3'     105.093 
THR 'L-peptide linking' y THREONINE       ? 'C4 H9 N O3'     119.119 
TRP 'L-peptide linking' y TRYPTOPHAN      ? 'C11 H12 N2 O2'  204.225 
TYR 'L-peptide linking' y TYROSINE        ? 'C9 H11 N O3'    181.189 
VAL 'L-peptide linking' y VALINE          ? 'C5 H11 N O2'    117.146 
# 
_exptl.entry_id          1U36 
_exptl.method            'X-RAY DIFFRACTION' 
_exptl.crystals_number   1 
# 
_exptl_crystal.id                    1 
_exptl_crystal.density_percent_sol   49.1 
_exptl_crystal.density_Matthews      2.44 
_exptl_crystal.density_meas          ? 
_exptl_crystal.description           ? 
_exptl_crystal.F_000                 ? 
_exptl_crystal.preparation           ? 
# 
_exptl_crystal_grow.crystal_id      1 
_exptl_crystal_grow.method          'VAPOR DIFFUSION, HANGING DROP' 
_exptl_crystal_grow.temp            292 
_exptl_crystal_grow.pH              6.5 
_exptl_crystal_grow.pdbx_details    
'PEG 8000, ammonium sulphate, cacodylate, pH 6.5, VAPOR DIFFUSION, HANGING DROP, temperature 292K' 
_exptl_crystal_grow.temp_details    ? 
_exptl_crystal_grow.pdbx_pH_range   . 
# 
_diffrn.id                     1 
_diffrn.ambient_temp           100 
_diffrn.ambient_temp_details   ? 
_diffrn.crystal_id             1 
# 
_diffrn_detector.diffrn_id              1 
_diffrn_detector.detector               CCD 
_diffrn_detector.type                   'ADSC QUANTUM 4' 
_diffrn_detector.pdbx_collection_date   2001-12-09 
_diffrn_detector.details                ? 
# 
_diffrn_radiation.diffrn_id                        1 
_diffrn_radiation.wavelength_id                    1 
_diffrn_radiation.pdbx_monochromatic_or_laue_m_l   M 
_diffrn_radiation.monochromator                    Daresbury 
_diffrn_radiation.pdbx_diffrn_protocol             'SINGLE WAVELENGTH' 
_diffrn_radiation.pdbx_scattering_type             x-ray 
# 
_diffrn_radiation_wavelength.id           1 
_diffrn_radiation_wavelength.wavelength   1.00 
_diffrn_radiation_wavelength.wt           1.0 
# 
_diffrn_source.diffrn_id                   1 
_diffrn_source.source                      SYNCHROTRON 
_diffrn_source.type                        'SRS BEAMLINE PX14.2' 
_diffrn_source.pdbx_synchrotron_site       SRS 
_diffrn_source.pdbx_synchrotron_beamline   PX14.2 
_diffrn_source.pdbx_wavelength             ? 
_diffrn_source.pdbx_wavelength_list        1.00 
# 
_reflns.entry_id                     1U36 
_reflns.observed_criterion_sigma_I   2.50 
_reflns.observed_criterion_sigma_F   ? 
_reflns.d_resolution_low             45.18 
_reflns.d_resolution_high            1.89 
_reflns.number_obs                   10502 
_reflns.number_all                   11068 
_reflns.percent_possible_obs         99.8 
_reflns.pdbx_Rmerge_I_obs            ? 
_reflns.pdbx_Rsym_value              0.053 
_reflns.pdbx_netI_over_sigmaI        15.4 
_reflns.B_iso_Wilson_estimate        28.957 
_reflns.pdbx_redundancy              7.0 
_reflns.R_free_details               ? 
_reflns.limit_h_max                  ? 
_reflns.limit_h_min                  ? 
_reflns.limit_k_max                  ? 
_reflns.limit_k_min                  ? 
_reflns.limit_l_max                  ? 
_reflns.limit_l_min                  ? 
_reflns.observed_criterion_F_max     ? 
_reflns.observed_criterion_F_min     ? 
_reflns.pdbx_chi_squared             ? 
_reflns.pdbx_scaling_rejects         ? 
_reflns.pdbx_ordinal                 1 
_reflns.pdbx_diffrn_id               1 
# 
_reflns_shell.d_res_high             1.89 
_reflns_shell.d_res_low              1.94 
_reflns_shell.percent_possible_all   100.00 
_reflns_shell.Rmerge_I_obs           0.332 
_reflns_shell.pdbx_Rsym_value        ? 
_reflns_shell.meanI_over_sigI_obs    ? 
_reflns_shell.pdbx_redundancy        ? 
_reflns_shell.percent_possible_obs   ? 
_reflns_shell.number_unique_all      ? 
_reflns_shell.number_measured_all    ? 
_reflns_shell.number_measured_obs    ? 
_reflns_shell.number_unique_obs      ? 
_reflns_shell.pdbx_chi_squared       ? 
_reflns_shell.pdbx_ordinal           1 
_reflns_shell.pdbx_diffrn_id         1 
# 
_refine.entry_id                                 1U36 
_refine.ls_number_reflns_obs                     10502 
_refine.ls_number_reflns_all                     10502 
_refine.pdbx_ls_sigma_I                          ? 
_refine.pdbx_ls_sigma_F                          0. 
_refine.pdbx_data_cutoff_high_absF               ? 
_refine.pdbx_data_cutoff_low_absF                ? 
_refine.pdbx_data_cutoff_high_rms_absF           ? 
_refine.ls_d_res_low                             45.18 
_refine.ls_d_res_high                            1.89 
_refine.ls_percent_reflns_obs                    99.6 
_refine.ls_R_factor_obs                          0.187 
_refine.ls_R_factor_all                          0.187 
_refine.ls_R_factor_R_work                       0.185 
_refine.ls_R_factor_R_free                       0.22 
_refine.ls_R_factor_R_free_error                 ? 
_refine.ls_R_factor_R_free_error_details         ? 
_refine.ls_percent_reflns_R_free                 4.8 
_refine.ls_number_reflns_R_free                  526 
_refine.ls_number_parameters                     ? 
_refine.ls_number_restraints                     ? 
_refine.occupancy_min                            ? 
_refine.occupancy_max                            ? 
_refine.correlation_coeff_Fo_to_Fc               0.963 
_refine.correlation_coeff_Fo_to_Fc_free          0.951 
_refine.B_iso_mean                               29.4 
_refine.aniso_B[1][1]                            -0.02 
_refine.aniso_B[2][2]                            -0.02 
_refine.aniso_B[3][3]                            0.05 
_refine.aniso_B[1][2]                            0.00 
_refine.aniso_B[1][3]                            0.00 
_refine.aniso_B[2][3]                            0.00 
_refine.solvent_model_details                    'BABINET MODEL WITH MASK' 
_refine.solvent_model_param_ksol                 ? 
_refine.solvent_model_param_bsol                 ? 
_refine.pdbx_solvent_vdw_probe_radii             1.40 
_refine.pdbx_solvent_ion_probe_radii             0.80 
_refine.pdbx_solvent_shrinkage_radii             0.80 
_refine.pdbx_ls_cross_valid_method               THROUGHOUT 
_refine.details                                  'HYDROGENS HAVE BEEN ADDED IN THE RIDING POSITIONS' 
_refine.pdbx_starting_model                      'PDB ENTRY 1BFS' 
_refine.pdbx_method_to_determine_struct          'MOLECULAR REPLACEMENT' 
_refine.pdbx_isotropic_thermal_model             ? 
_refine.pdbx_stereochemistry_target_values       'MAXIMUM LIKELIHOOD' 
_refine.pdbx_stereochem_target_val_spec_case     ? 
_refine.pdbx_R_Free_selection_details            RANDOM 
_refine.pdbx_overall_ESU_R                       0.134 
_refine.pdbx_overall_ESU_R_Free                  0.127 
_refine.overall_SU_ML                            0.087 
_refine.overall_SU_B                             2.863 
_refine.ls_redundancy_reflns_obs                 ? 
_refine.B_iso_min                                ? 
_refine.B_iso_max                                ? 
_refine.overall_SU_R_Cruickshank_DPI             ? 
_refine.overall_SU_R_free                        ? 
_refine.pdbx_refine_id                           'X-RAY DIFFRACTION' 
_refine.pdbx_overall_phase_error                 ? 
_refine.ls_wR_factor_R_free                      ? 
_refine.ls_wR_factor_R_work                      ? 
_refine.overall_FOM_free_R_set                   ? 
_refine.overall_FOM_work_R_set                   ? 
_refine.pdbx_diffrn_id                           1 
_refine.pdbx_TLS_residual_ADP_flag               ? 
_refine.pdbx_overall_SU_R_free_Cruickshank_DPI   ? 
_refine.pdbx_overall_SU_R_Blow_DPI               ? 
_refine.pdbx_overall_SU_R_free_Blow_DPI          ? 
# 
_refine_hist.pdbx_refine_id                   'X-RAY DIFFRACTION' 
_refine_hist.cycle_id                         LAST 
_refine_hist.pdbx_number_atoms_protein        829 
_refine_hist.pdbx_number_atoms_nucleic_acid   0 
_refine_hist.pdbx_number_atoms_ligand         0 
_refine_hist.number_atoms_solvent             123 
_refine_hist.number_atoms_total               952 
_refine_hist.d_res_high                       1.89 
_refine_hist.d_res_low                        45.18 
# 
loop_
_refine_ls_restr.type 
_refine_ls_restr.dev_ideal 
_refine_ls_restr.dev_ideal_target 
_refine_ls_restr.weight 
_refine_ls_restr.number 
_refine_ls_restr.pdbx_refine_id 
_refine_ls_restr.pdbx_restraint_function 
r_bond_refined_d         0.015 0.022 ? 849  'X-RAY DIFFRACTION' ? 
r_bond_other_d           0.002 0.020 ? 754  'X-RAY DIFFRACTION' ? 
r_angle_refined_deg      1.588 1.953 ? 1145 'X-RAY DIFFRACTION' ? 
r_angle_other_deg        0.866 3.000 ? 1765 'X-RAY DIFFRACTION' ? 
r_dihedral_angle_1_deg   6.836 5.000 ? 98   'X-RAY DIFFRACTION' ? 
r_chiral_restr           0.102 0.200 ? 121  'X-RAY DIFFRACTION' ? 
r_gen_planes_refined     0.006 0.020 ? 925  'X-RAY DIFFRACTION' ? 
r_gen_planes_other       0.003 0.020 ? 179  'X-RAY DIFFRACTION' ? 
r_nbd_refined            0.174 0.200 ? 153  'X-RAY DIFFRACTION' ? 
r_nbd_other              0.262 0.200 ? 885  'X-RAY DIFFRACTION' ? 
r_nbtor_other            0.087 0.200 ? 505  'X-RAY DIFFRACTION' ? 
r_xyhbond_nbd_refined    0.308 0.200 ? 71   'X-RAY DIFFRACTION' ? 
r_symmetry_vdw_refined   0.206 0.200 ? 10   'X-RAY DIFFRACTION' ? 
r_symmetry_vdw_other     0.264 0.200 ? 36   'X-RAY DIFFRACTION' ? 
r_symmetry_hbond_refined 0.158 0.200 ? 9    'X-RAY DIFFRACTION' ? 
r_mcbond_it              3.019 5.000 ? 500  'X-RAY DIFFRACTION' ? 
r_mcangle_it             4.452 6.000 ? 815  'X-RAY DIFFRACTION' ? 
r_scbond_it              4.084 5.000 ? 349  'X-RAY DIFFRACTION' ? 
r_scangle_it             6.129 7.500 ? 330  'X-RAY DIFFRACTION' ? 
# 
_refine_ls_shell.pdbx_total_number_of_bins_used   20 
_refine_ls_shell.d_res_high                       1.89 
_refine_ls_shell.d_res_low                        1.94 
_refine_ls_shell.number_reflns_R_work             734 
_refine_ls_shell.R_factor_R_work                  0.197 
_refine_ls_shell.percent_reflns_obs               ? 
_refine_ls_shell.R_factor_R_free                  0.284 
_refine_ls_shell.R_factor_R_free_error            ? 
_refine_ls_shell.percent_reflns_R_free            ? 
_refine_ls_shell.number_reflns_R_free             41 
_refine_ls_shell.number_reflns_obs                ? 
_refine_ls_shell.redundancy_reflns_obs            ? 
_refine_ls_shell.number_reflns_all                ? 
_refine_ls_shell.pdbx_refine_id                   'X-RAY DIFFRACTION' 
_refine_ls_shell.R_factor_all                     ? 
# 
_struct.entry_id                  1U36 
_struct.title                     'Crystal structure of WLAC mutant of dimerisation domain of NF-kB p50 transcription factor' 
_struct.pdbx_model_details        ? 
_struct.pdbx_CASP_flag            ? 
_struct.pdbx_model_type_details   ? 
# 
_struct_keywords.entry_id        1U36 
_struct_keywords.pdbx_keywords   TRANSCRIPTION 
_struct_keywords.text            'TRANSCRIPTION FACTOR; NF-KB; DIMERIZATION DOMAIN; INTERTWINED FOLDING, transcription' 
# 
loop_
_struct_asym.id 
_struct_asym.pdbx_blank_PDB_chainid_flag 
_struct_asym.pdbx_modified 
_struct_asym.entity_id 
_struct_asym.details 
A N N 1 ? 
B N N 2 ? 
# 
_struct_biol.id                    1 
_struct_biol.pdbx_parent_biol_id   ? 
_struct_biol.details               ? 
# 
_struct_conf.conf_type_id            HELX_P 
_struct_conf.id                      HELX_P1 
_struct_conf.pdbx_PDB_helix_id       1 
_struct_conf.beg_label_comp_id       SER 
_struct_conf.beg_label_asym_id       A 
_struct_conf.beg_label_seq_id        55 
_struct_conf.pdbx_beg_PDB_ins_code   ? 
_struct_conf.end_label_comp_id       THR 
_struct_conf.end_label_asym_id       A 
_struct_conf.end_label_seq_id        57 
_struct_conf.pdbx_end_PDB_ins_code   ? 
_struct_conf.beg_auth_comp_id        SER 
_struct_conf.beg_auth_asym_id        A 
_struct_conf.beg_auth_seq_id         299 
_struct_conf.end_auth_comp_id        THR 
_struct_conf.end_auth_asym_id        A 
_struct_conf.end_auth_seq_id         301 
_struct_conf.pdbx_PDB_helix_class    5 
_struct_conf.details                 ? 
_struct_conf.pdbx_PDB_helix_length   3 
# 
_struct_conf_type.id          HELX_P 
_struct_conf_type.criteria    ? 
_struct_conf_type.reference   ? 
# 
loop_
_struct_sheet.id 
_struct_sheet.type 
_struct_sheet.number_strands 
_struct_sheet.details 
A ? 4 ? 
B ? 5 ? 
# 
loop_
_struct_sheet_order.sheet_id 
_struct_sheet_order.range_id_1 
_struct_sheet_order.range_id_2 
_struct_sheet_order.offset 
_struct_sheet_order.sense 
A 1 2 ? anti-parallel 
A 2 3 ? anti-parallel 
A 3 4 ? anti-parallel 
B 1 2 ? parallel      
B 2 3 ? anti-parallel 
B 3 4 ? anti-parallel 
B 4 5 ? anti-parallel 
# 
loop_
_struct_sheet_range.sheet_id 
_struct_sheet_range.id 
_struct_sheet_range.beg_label_comp_id 
_struct_sheet_range.beg_label_asym_id 
_struct_sheet_range.beg_label_seq_id 
_struct_sheet_range.pdbx_beg_PDB_ins_code 
_struct_sheet_range.end_label_comp_id 
_struct_sheet_range.end_label_asym_id 
_struct_sheet_range.end_label_seq_id 
_struct_sheet_range.pdbx_end_PDB_ins_code 
_struct_sheet_range.beg_auth_comp_id 
_struct_sheet_range.beg_auth_asym_id 
_struct_sheet_range.beg_auth_seq_id 
_struct_sheet_range.end_auth_comp_id 
_struct_sheet_range.end_auth_asym_id 
_struct_sheet_range.end_auth_seq_id 
A 1 ILE A 6  ? MET A 9   ? ILE A 250 MET A 253 
A 2 GLU A 21 ? CYS A 26  ? GLU A 265 CYS A 270 
A 3 ALA A 64 ? LYS A 68  ? ALA A 308 LYS A 312 
A 4 VAL A 59 ? HIS A 60  ? VAL A 303 HIS A 304 
B 1 ALA A 13 ? CYS A 15  ? ALA A 257 CYS A 259 
B 2 LYS A 99 ? TYR A 104 ? LYS A 343 TYR A 348 
B 3 ALA A 81 ? ARG A 88  ? ALA A 325 ARG A 332 
B 4 GLN A 35 ? GLU A 40  ? GLN A 279 GLU A 284 
B 5 TRP A 48 ? PHE A 51  ? TRP A 292 PHE A 295 
# 
loop_
_pdbx_struct_sheet_hbond.sheet_id 
_pdbx_struct_sheet_hbond.range_id_1 
_pdbx_struct_sheet_hbond.range_id_2 
_pdbx_struct_sheet_hbond.range_1_label_atom_id 
_pdbx_struct_sheet_hbond.range_1_label_comp_id 
_pdbx_struct_sheet_hbond.range_1_label_asym_id 
_pdbx_struct_sheet_hbond.range_1_label_seq_id 
_pdbx_struct_sheet_hbond.range_1_PDB_ins_code 
_pdbx_struct_sheet_hbond.range_1_auth_atom_id 
_pdbx_struct_sheet_hbond.range_1_auth_comp_id 
_pdbx_struct_sheet_hbond.range_1_auth_asym_id 
_pdbx_struct_sheet_hbond.range_1_auth_seq_id 
_pdbx_struct_sheet_hbond.range_2_label_atom_id 
_pdbx_struct_sheet_hbond.range_2_label_comp_id 
_pdbx_struct_sheet_hbond.range_2_label_asym_id 
_pdbx_struct_sheet_hbond.range_2_label_seq_id 
_pdbx_struct_sheet_hbond.range_2_PDB_ins_code 
_pdbx_struct_sheet_hbond.range_2_auth_atom_id 
_pdbx_struct_sheet_hbond.range_2_auth_comp_id 
_pdbx_struct_sheet_hbond.range_2_auth_asym_id 
_pdbx_struct_sheet_hbond.range_2_auth_seq_id 
A 1 2 N ARG A 8   ? N ARG A 252 O LEU A 25  ? O LEU A 269 
A 2 3 N ILE A 22  ? N ILE A 266 O PHE A 67  ? O PHE A 311 
A 3 4 O ALA A 64  ? O ALA A 308 N HIS A 60  ? N HIS A 304 
B 1 2 N GLY A 14  ? N GLY A 258 O TYR A 104 ? O TYR A 348 
B 2 3 O PHE A 101 ? O PHE A 345 N VAL A 83  ? N VAL A 327 
B 3 4 O GLN A 86  ? O GLN A 330 N ARG A 37  ? N ARG A 281 
B 4 5 N PHE A 38  ? N PHE A 282 O GLY A 50  ? O GLY A 294 
# 
_atom_sites.entry_id                    1U36 
_atom_sites.fract_transf_matrix[1][1]   0.00660623 
_atom_sites.fract_transf_matrix[1][2]   0.01070442 
_atom_sites.fract_transf_matrix[1][3]   -0.00964507 
_atom_sites.fract_transf_matrix[2][1]   0.01395867 
_atom_sites.fract_transf_matrix[2][2]   -0.00738579 
_atom_sites.fract_transf_matrix[2][3]   0.00136377 
_atom_sites.fract_transf_matrix[3][1]   -0.00345323 
_atom_sites.fract_transf_matrix[3][2]   -0.00875785 
_atom_sites.fract_transf_matrix[3][3]   -0.01208499 
_atom_sites.fract_transf_vector[1]      0.789668 
_atom_sites.fract_transf_vector[2]      0.333998 
_atom_sites.fract_transf_vector[3]      0.062898 
# 
loop_
_atom_type.symbol 
C 
N 
O 
S 
# 
loop_
_atom_site.group_PDB 
_atom_site.id 
_atom_site.type_symbol 
_atom_site.label_atom_id 
_atom_site.label_alt_id 
_atom_site.label_comp_id 
_atom_site.label_asym_id 
_atom_site.label_entity_id 
_atom_site.label_seq_id 
_atom_site.pdbx_PDB_ins_code 
_atom_site.Cartn_x 
_atom_site.Cartn_y 
_atom_site.Cartn_z 
_atom_site.occupancy 
_atom_site.B_iso_or_equiv 
_atom_site.pdbx_formal_charge 
_atom_site.auth_seq_id 
_atom_site.auth_comp_id 
_atom_site.auth_asym_id 
_atom_site.auth_atom_id 
_atom_site.pdbx_PDB_model_num 
ATOM   1   N N   . ASN A 1 3   ? 11.588  -12.418 1.804   1.00 60.16 ? 247 ASN A N   1 
ATOM   2   C CA  . ASN A 1 3   ? 10.421  -13.171 2.365   1.00 60.36 ? 247 ASN A CA  1 
ATOM   3   C C   . ASN A 1 3   ? 9.067   -12.530 2.024   1.00 53.61 ? 247 ASN A C   1 
ATOM   4   O O   . ASN A 1 3   ? 8.056   -13.230 1.843   1.00 57.79 ? 247 ASN A O   1 
ATOM   5   C CB  . ASN A 1 3   ? 10.555  -13.272 3.894   1.00 61.12 ? 247 ASN A CB  1 
ATOM   6   C CG  . ASN A 1 3   ? 9.528   -14.193 4.513   1.00 66.83 ? 247 ASN A CG  1 
ATOM   7   O OD1 . ASN A 1 3   ? 9.591   -15.418 4.367   1.00 71.58 ? 247 ASN A OD1 1 
ATOM   8   N ND2 . ASN A 1 3   ? 8.560   -13.605 5.199   1.00 69.72 ? 247 ASN A ND2 1 
ATOM   9   N N   . LEU A 1 4   ? 9.039   -11.199 1.985   1.00 44.05 ? 248 LEU A N   1 
ATOM   10  C CA  . LEU A 1 4   ? 7.814   -10.462 1.707   1.00 35.34 ? 248 LEU A CA  1 
ATOM   11  C C   . LEU A 1 4   ? 7.890   -10.061 0.250   1.00 31.94 ? 248 LEU A C   1 
ATOM   12  O O   . LEU A 1 4   ? 8.954   -9.681  -0.255  1.00 26.64 ? 248 LEU A O   1 
ATOM   13  C CB  . LEU A 1 4   ? 7.698   -9.223  2.623   1.00 32.79 ? 248 LEU A CB  1 
ATOM   14  C CG  . LEU A 1 4   ? 7.378   -9.471  4.114   1.00 36.79 ? 248 LEU A CG  1 
ATOM   15  C CD1 . LEU A 1 4   ? 8.647   -9.610  4.912   1.00 45.58 ? 248 LEU A CD1 1 
ATOM   16  C CD2 . LEU A 1 4   ? 6.537   -8.382  4.773   1.00 41.53 ? 248 LEU A CD2 1 
ATOM   17  N N   . LYS A 1 5   ? 6.765   -10.153 -0.456  1.00 26.16 ? 249 LYS A N   1 
ATOM   18  C CA  . LYS A 1 5   ? 6.761   -9.811  -1.858  1.00 26.69 ? 249 LYS A CA  1 
ATOM   19  C C   . LYS A 1 5   ? 5.381   -9.433  -2.336  1.00 23.59 ? 249 LYS A C   1 
ATOM   20  O O   . LYS A 1 5   ? 4.429   -10.174 -2.112  1.00 27.02 ? 249 LYS A O   1 
ATOM   21  C CB  . LYS A 1 5   ? 7.280   -10.968 -2.690  1.00 29.66 ? 249 LYS A CB  1 
ATOM   22  C CG  . LYS A 1 5   ? 7.400   -10.632 -4.159  1.00 32.76 ? 249 LYS A CG  1 
ATOM   23  C CD  . LYS A 1 5   ? 7.886   -11.830 -4.984  1.00 41.45 ? 249 LYS A CD  1 
ATOM   24  C CE  . LYS A 1 5   ? 9.366   -12.144 -4.740  1.00 49.97 ? 249 LYS A CE  1 
ATOM   25  N NZ  . LYS A 1 5   ? 9.865   -13.317 -5.529  1.00 53.32 ? 249 LYS A NZ  1 
ATOM   26  N N   . ILE A 1 6   ? 5.298   -8.249  -2.944  1.00 26.75 ? 250 ILE A N   1 
ATOM   27  C CA  . ILE A 1 6   ? 4.170   -7.847  -3.737  1.00 26.09 ? 250 ILE A CA  1 
ATOM   28  C C   . ILE A 1 6   ? 4.308   -8.468  -5.119  1.00 29.15 ? 250 ILE A C   1 
ATOM   29  O O   . ILE A 1 6   ? 5.162   -8.096  -5.903  1.00 28.01 ? 250 ILE A O   1 
ATOM   30  C CB  . ILE A 1 6   ? 4.035   -6.305  -3.835  1.00 25.43 ? 250 ILE A CB  1 
ATOM   31  C CG1 . ILE A 1 6   ? 3.968   -5.717  -2.443  1.00 23.95 ? 250 ILE A CG1 1 
ATOM   32  C CG2 . ILE A 1 6   ? 2.739   -6.001  -4.606  1.00 24.83 ? 250 ILE A CG2 1 
ATOM   33  C CD1 . ILE A 1 6   ? 3.950   -4.231  -2.386  1.00 24.23 ? 250 ILE A CD1 1 
ATOM   34  N N   . VAL A 1 7   ? 3.443   -9.432  -5.415  1.00 25.63 ? 251 VAL A N   1 
ATOM   35  C CA  . VAL A 1 7   ? 3.538   -10.148 -6.675  1.00 25.16 ? 251 VAL A CA  1 
ATOM   36  C C   . VAL A 1 7   ? 2.857   -9.339  -7.773  1.00 26.17 ? 251 VAL A C   1 
ATOM   37  O O   . VAL A 1 7   ? 3.399   -9.163  -8.873  1.00 27.98 ? 251 VAL A O   1 
ATOM   38  C CB  . VAL A 1 7   ? 2.942   -11.562 -6.487  1.00 30.93 ? 251 VAL A CB  1 
ATOM   39  C CG1 . VAL A 1 7   ? 2.743   -12.261 -7.839  1.00 34.80 ? 251 VAL A CG1 1 
ATOM   40  C CG2 . VAL A 1 7   ? 3.845   -12.378 -5.564  1.00 30.98 ? 251 VAL A CG2 1 
ATOM   41  N N   . ARG A 1 8   ? 1.680   -8.801  -7.475  1.00 25.93 ? 252 ARG A N   1 
ATOM   42  C CA  . ARG A 1 8   ? 0.945   -7.968  -8.405  1.00 27.78 ? 252 ARG A CA  1 
ATOM   43  C C   . ARG A 1 8   ? -0.013  -7.111  -7.617  1.00 25.60 ? 252 ARG A C   1 
ATOM   44  O O   . ARG A 1 8   ? -0.385  -7.444  -6.514  1.00 26.42 ? 252 ARG A O   1 
ATOM   45  C CB  . ARG A 1 8   ? 0.052   -8.822  -9.333  1.00 31.40 ? 252 ARG A CB  1 
ATOM   46  C CG  . ARG A 1 8   ? 0.744   -9.655  -10.394 1.00 46.94 ? 252 ARG A CG  1 
ATOM   47  C CD  . ARG A 1 8   ? -0.199  -10.060 -11.529 1.00 47.88 ? 252 ARG A CD  1 
ATOM   48  N NE  . ARG A 1 8   ? -0.770  -8.851  -12.122 1.00 53.53 ? 252 ARG A NE  1 
ATOM   49  C CZ  . ARG A 1 8   ? -1.554  -8.805  -13.187 1.00 52.76 ? 252 ARG A CZ  1 
ATOM   50  N NH1 . ARG A 1 8   ? -1.899  -9.913  -13.846 1.00 56.37 ? 252 ARG A NH1 1 
ATOM   51  N NH2 . ARG A 1 8   ? -2.000  -7.617  -13.592 1.00 59.20 ? 252 ARG A NH2 1 
ATOM   52  N N   . MET A 1 9   ? -0.422  -6.025  -8.228  1.00 25.64 ? 253 MET A N   1 
ATOM   53  C CA  . MET A 1 9   ? -1.478  -5.143  -7.737  1.00 23.50 ? 253 MET A CA  1 
ATOM   54  C C   . MET A 1 9   ? -2.478  -4.863  -8.854  1.00 24.33 ? 253 MET A C   1 
ATOM   55  O O   . MET A 1 9   ? -2.095  -4.744  -10.016 1.00 24.67 ? 253 MET A O   1 
ATOM   56  C CB  . MET A 1 9   ? -0.859  -3.816  -7.265  1.00 27.42 ? 253 MET A CB  1 
ATOM   57  C CG  . MET A 1 9   ? 0.062   -4.014  -6.094  1.00 28.68 ? 253 MET A CG  1 
ATOM   58  S SD  . MET A 1 9   ? 0.795   -2.416  -5.548  1.00 33.06 ? 253 MET A SD  1 
ATOM   59  C CE  . MET A 1 9   ? -0.603  -1.538  -5.013  1.00 32.04 ? 253 MET A CE  1 
ATOM   60  N N   . ASP A 1 10  ? -3.781  -4.785  -8.551  1.00 23.30 ? 254 ASP A N   1 
ATOM   61  C CA  . ASP A 1 10  ? -4.776  -4.606  -9.627  1.00 20.86 ? 254 ASP A CA  1 
ATOM   62  C C   . ASP A 1 10  ? -4.932  -3.140  -10.040 1.00 26.82 ? 254 ASP A C   1 
ATOM   63  O O   . ASP A 1 10  ? -5.607  -2.821  -11.001 1.00 28.90 ? 254 ASP A O   1 
ATOM   64  C CB  . ASP A 1 10  ? -6.145  -5.304  -9.308  1.00 23.55 ? 254 ASP A CB  1 
ATOM   65  C CG  . ASP A 1 10  ? -6.941  -4.628  -8.250  1.00 24.90 ? 254 ASP A CG  1 
ATOM   66  O OD1 . ASP A 1 10  ? -6.444  -3.693  -7.578  1.00 22.64 ? 254 ASP A OD1 1 
ATOM   67  O OD2 . ASP A 1 10  ? -8.146  -4.965  -8.024  1.00 24.14 ? 254 ASP A OD2 1 
ATOM   68  N N   . ARG A 1 11  ? -4.287  -2.242  -9.322  1.00 23.96 ? 255 ARG A N   1 
ATOM   69  C CA  . ARG A 1 11  ? -4.283  -0.815  -9.609  1.00 27.18 ? 255 ARG A CA  1 
ATOM   70  C C   . ARG A 1 11  ? -2.947  -0.300  -9.096  1.00 25.48 ? 255 ARG A C   1 
ATOM   71  O O   . ARG A 1 11  ? -2.550  -0.674  -7.991  1.00 25.59 ? 255 ARG A O   1 
ATOM   72  C CB  . ARG A 1 11  ? -5.377  -0.089  -8.815  1.00 31.86 ? 255 ARG A CB  1 
ATOM   73  C CG  . ARG A 1 11  ? -6.713  0.033   -9.469  1.00 41.55 ? 255 ARG A CG  1 
ATOM   74  C CD  . ARG A 1 11  ? -6.728  1.052   -10.607 1.00 48.50 ? 255 ARG A CD  1 
ATOM   75  N NE  . ARG A 1 11  ? -6.941  2.450   -10.196 1.00 53.15 ? 255 ARG A NE  1 
ATOM   76  C CZ  . ARG A 1 11  ? -6.619  3.505   -10.967 1.00 51.72 ? 255 ARG A CZ  1 
ATOM   77  N NH1 . ARG A 1 11  ? -6.857  4.738   -10.543 1.00 50.95 ? 255 ARG A NH1 1 
ATOM   78  N NH2 . ARG A 1 11  ? -6.073  3.322   -12.175 1.00 45.67 ? 255 ARG A NH2 1 
ATOM   79  N N   . THR A 1 12  ? -2.247  0.521   -9.861  1.00 21.69 ? 256 THR A N   1 
ATOM   80  C CA  . THR A 1 12  ? -0.982  1.131   -9.383  1.00 23.48 ? 256 THR A CA  1 
ATOM   81  C C   . THR A 1 12  ? -1.042  2.650   -9.363  1.00 26.84 ? 256 THR A C   1 
ATOM   82  O O   . THR A 1 12  ? -0.009  3.337   -9.347  1.00 23.65 ? 256 THR A O   1 
ATOM   83  C CB  . THR A 1 12  ? 0.212   0.652   -10.225 1.00 26.56 ? 256 THR A CB  1 
ATOM   84  O OG1 . THR A 1 12  ? -0.061  0.946   -11.591 1.00 26.75 ? 256 THR A OG1 1 
ATOM   85  C CG2 . THR A 1 12  ? 0.347   -0.885  -10.159 1.00 26.57 ? 256 THR A CG2 1 
ATOM   86  N N   . ALA A 1 13  ? -2.254  3.180   -9.337  1.00 24.42 ? 257 ALA A N   1 
ATOM   87  C CA  . ALA A 1 13  ? -2.457  4.590   -9.172  1.00 24.68 ? 257 ALA A CA  1 
ATOM   88  C C   . ALA A 1 13  ? -3.753  4.833   -8.415  1.00 24.43 ? 257 ALA A C   1 
ATOM   89  O O   . ALA A 1 13  ? -4.639  3.951   -8.334  1.00 25.93 ? 257 ALA A O   1 
ATOM   90  C CB  . ALA A 1 13  ? -2.521  5.290   -10.545 1.00 27.27 ? 257 ALA A CB  1 
ATOM   91  N N   . GLY A 1 14  ? -3.885  6.049   -7.920  1.00 24.42 ? 258 GLY A N   1 
ATOM   92  C CA  . GLY A 1 14  ? -5.107  6.452   -7.250  1.00 26.84 ? 258 GLY A CA  1 
ATOM   93  C C   . GLY A 1 14  ? -5.158  7.910   -6.875  1.00 24.72 ? 258 GLY A C   1 
ATOM   94  O O   . GLY A 1 14  ? -4.170  8.617   -6.881  1.00 26.16 ? 258 GLY A O   1 
ATOM   95  N N   . CYS A 1 15  ? -6.355  8.349   -6.489  1.00 26.27 ? 259 CYS A N   1 
ATOM   96  C CA  . CYS A 1 15  ? -6.578  9.748   -6.167  1.00 27.97 ? 259 CYS A CA  1 
ATOM   97  C C   . CYS A 1 15  ? -5.949  10.077  -4.806  1.00 28.46 ? 259 CYS A C   1 
ATOM   98  O O   . CYS A 1 15  ? -5.891  9.227   -3.906  1.00 32.51 ? 259 CYS A O   1 
ATOM   99  C CB  . CYS A 1 15  ? -8.083  10.039  -6.138  1.00 29.76 ? 259 CYS A CB  1 
ATOM   100 S SG  . CYS A 1 15  ? -8.423  11.791  -6.148  1.00 34.23 ? 259 CYS A SG  1 
ATOM   101 N N   . VAL A 1 16  ? -5.422  11.281  -4.702  1.00 29.31 ? 260 VAL A N   1 
ATOM   102 C CA  . VAL A 1 16  ? -4.866  11.817  -3.450  1.00 29.91 ? 260 VAL A CA  1 
ATOM   103 C C   . VAL A 1 16  ? -5.826  11.747  -2.272  1.00 29.43 ? 260 VAL A C   1 
ATOM   104 O O   . VAL A 1 16  ? -5.377  11.705  -1.091  1.00 32.69 ? 260 VAL A O   1 
ATOM   105 C CB  . VAL A 1 16  ? -4.399  13.272  -3.611  1.00 31.49 ? 260 VAL A CB  1 
ATOM   106 C CG1 . VAL A 1 16  ? -3.108  13.347  -4.439  1.00 36.16 ? 260 VAL A CG1 1 
ATOM   107 C CG2 . VAL A 1 16  ? -5.506  14.144  -4.225  1.00 35.28 ? 260 VAL A CG2 1 
ATOM   108 N N   . THR A 1 17  ? -7.132  11.730  -2.546  1.00 30.38 ? 261 THR A N   1 
ATOM   109 C CA  . THR A 1 17  ? -8.098  11.661  -1.447  1.00 32.26 ? 261 THR A CA  1 
ATOM   110 C C   . THR A 1 17  ? -8.125  10.321  -0.700  1.00 34.94 ? 261 THR A C   1 
ATOM   111 O O   . THR A 1 17  ? -8.664  10.226  0.421   1.00 31.87 ? 261 THR A O   1 
ATOM   112 C CB  . THR A 1 17  ? -9.497  12.082  -1.896  1.00 37.74 ? 261 THR A CB  1 
ATOM   113 O OG1 . THR A 1 17  ? -9.836  11.490  -3.148  1.00 36.97 ? 261 THR A OG1 1 
ATOM   114 C CG2 . THR A 1 17  ? -9.535  13.580  -2.184  1.00 42.17 ? 261 THR A CG2 1 
ATOM   115 N N   . GLY A 1 18  ? -7.557  9.283   -1.310  1.00 30.28 ? 262 GLY A N   1 
ATOM   116 C CA  . GLY A 1 18  ? -7.528  7.971   -0.696  1.00 28.70 ? 262 GLY A CA  1 
ATOM   117 C C   . GLY A 1 18  ? -8.880  7.303   -0.621  1.00 32.59 ? 262 GLY A C   1 
ATOM   118 O O   . GLY A 1 18  ? -9.889  7.708   -1.224  1.00 31.50 ? 262 GLY A O   1 
ATOM   119 N N   . GLY A 1 19  ? -8.904  6.241   0.148   1.00 30.50 ? 263 GLY A N   1 
ATOM   120 C CA  . GLY A 1 19  ? -10.090 5.443   0.314   1.00 30.09 ? 263 GLY A CA  1 
ATOM   121 C C   . GLY A 1 19  ? -10.522 4.592   -0.830  1.00 30.18 ? 263 GLY A C   1 
ATOM   122 O O   . GLY A 1 19  ? -11.664 4.141   -0.844  1.00 30.34 ? 263 GLY A O   1 
ATOM   123 N N   . GLU A 1 20  ? -9.618  4.319   -1.785  1.00 29.50 ? 264 GLU A N   1 
ATOM   124 C CA  . GLU A 1 20  ? -9.960  3.573   -2.977  1.00 30.34 ? 264 GLU A CA  1 
ATOM   125 C C   . GLU A 1 20  ? -9.485  2.152   -2.824  1.00 27.03 ? 264 GLU A C   1 
ATOM   126 O O   . GLU A 1 20  ? -8.381  1.920   -2.357  1.00 27.87 ? 264 GLU A O   1 
ATOM   127 C CB  . GLU A 1 20  ? -9.334  4.253   -4.210  1.00 31.61 ? 264 GLU A CB  1 
ATOM   128 C CG  . GLU A 1 20  ? -9.917  5.653   -4.455  1.00 33.92 ? 264 GLU A CG  1 
ATOM   129 C CD  . GLU A 1 20  ? -9.302  6.337   -5.660  1.00 38.82 ? 264 GLU A CD  1 
ATOM   130 O OE1 . GLU A 1 20  ? -8.129  6.101   -5.976  1.00 30.90 ? 264 GLU A OE1 1 
ATOM   131 O OE2 . GLU A 1 20  ? -9.990  7.137   -6.291  1.00 43.62 ? 264 GLU A OE2 1 
ATOM   132 N N   . GLU A 1 21  ? -10.320 1.186   -3.188  1.00 25.83 ? 265 GLU A N   1 
ATOM   133 C CA  . GLU A 1 21  ? -9.986  -0.210  -2.961  1.00 28.37 ? 265 GLU A CA  1 
ATOM   134 C C   . GLU A 1 21  ? -8.985  -0.730  -4.017  1.00 29.05 ? 265 GLU A C   1 
ATOM   135 O O   . GLU A 1 21  ? -9.215  -0.604  -5.225  1.00 27.98 ? 265 GLU A O   1 
ATOM   136 C CB  . GLU A 1 21  ? -11.238 -1.083  -2.940  1.00 32.62 ? 265 GLU A CB  1 
ATOM   137 C CG  . GLU A 1 21  ? -10.939 -2.563  -2.720  1.00 31.90 ? 265 GLU A CG  1 
ATOM   138 C CD  . GLU A 1 21  ? -12.142 -3.364  -2.258  1.00 39.09 ? 265 GLU A CD  1 
ATOM   139 O OE1 . GLU A 1 21  ? -13.089 -2.763  -1.746  1.00 44.60 ? 265 GLU A OE1 1 
ATOM   140 O OE2 . GLU A 1 21  ? -12.122 -4.597  -2.394  1.00 36.13 ? 265 GLU A OE2 1 
ATOM   141 N N   . ILE A 1 22  ? -7.883  -1.323  -3.543  1.00 23.56 ? 266 ILE A N   1 
ATOM   142 C CA  . ILE A 1 22  ? -6.924  -1.993  -4.384  1.00 23.21 ? 266 ILE A CA  1 
ATOM   143 C C   . ILE A 1 22  ? -6.704  -3.367  -3.807  1.00 19.55 ? 266 ILE A C   1 
ATOM   144 O O   . ILE A 1 22  ? -6.782  -3.584  -2.571  1.00 23.90 ? 266 ILE A O   1 
ATOM   145 C CB  . ILE A 1 22  ? -5.577  -1.152  -4.446  1.00 20.96 ? 266 ILE A CB  1 
ATOM   146 C CG1 . ILE A 1 22  ? -5.888  0.257   -4.971  1.00 26.18 ? 266 ILE A CG1 1 
ATOM   147 C CG2 . ILE A 1 22  ? -4.472  -1.886  -5.263  1.00 24.01 ? 266 ILE A CG2 1 
ATOM   148 C CD1 . ILE A 1 22  ? -4.696  1.131   -5.318  1.00 24.31 ? 266 ILE A CD1 1 
ATOM   149 N N   . TRP A 1 23  ? -6.419  -4.300  -4.696  1.00 21.02 ? 267 TRP A N   1 
ATOM   150 C CA  . TRP A 1 23  ? -6.043  -5.640  -4.327  1.00 21.68 ? 267 TRP A CA  1 
ATOM   151 C C   . TRP A 1 23  ? -4.594  -5.856  -4.651  1.00 24.34 ? 267 TRP A C   1 
ATOM   152 O O   . TRP A 1 23  ? -4.120  -5.422  -5.703  1.00 22.97 ? 267 TRP A O   1 
ATOM   153 C CB  . TRP A 1 23  ? -6.837  -6.685  -5.082  1.00 21.83 ? 267 TRP A CB  1 
ATOM   154 C CG  . TRP A 1 23  ? -8.307  -6.694  -4.749  1.00 22.66 ? 267 TRP A CG  1 
ATOM   155 C CD1 . TRP A 1 23  ? -9.040  -5.751  -4.070  1.00 26.90 ? 267 TRP A CD1 1 
ATOM   156 C CD2 . TRP A 1 23  ? -9.217  -7.715  -5.127  1.00 22.30 ? 267 TRP A CD2 1 
ATOM   157 N NE1 . TRP A 1 23  ? -10.361 -6.130  -4.025  1.00 23.19 ? 267 TRP A NE1 1 
ATOM   158 C CE2 . TRP A 1 23  ? -10.488 -7.353  -4.641  1.00 23.23 ? 267 TRP A CE2 1 
ATOM   159 C CE3 . TRP A 1 23  ? -9.078  -8.929  -5.784  1.00 23.99 ? 267 TRP A CE3 1 
ATOM   160 C CZ2 . TRP A 1 23  ? -11.616 -8.164  -4.844  1.00 28.27 ? 267 TRP A CZ2 1 
ATOM   161 C CZ3 . TRP A 1 23  ? -10.199 -9.720  -6.006  1.00 25.26 ? 267 TRP A CZ3 1 
ATOM   162 C CH2 . TRP A 1 23  ? -11.426 -9.352  -5.531  1.00 21.29 ? 267 TRP A CH2 1 
ATOM   163 N N   . LEU A 1 24  ? -3.914  -6.581  -3.776  1.00 22.94 ? 268 LEU A N   1 
ATOM   164 C CA  . LEU A 1 24  ? -2.598  -7.064  -4.096  1.00 25.75 ? 268 LEU A CA  1 
ATOM   165 C C   . LEU A 1 24  ? -2.462  -8.561  -3.820  1.00 24.18 ? 268 LEU A C   1 
ATOM   166 O O   . LEU A 1 24  ? -3.101  -9.128  -2.937  1.00 26.56 ? 268 LEU A O   1 
ATOM   167 C CB  . LEU A 1 24  ? -1.517  -6.209  -3.402  1.00 27.81 ? 268 LEU A CB  1 
ATOM   168 C CG  . LEU A 1 24  ? -1.241  -6.270  -1.920  1.00 27.79 ? 268 LEU A CG  1 
ATOM   169 C CD1 . LEU A 1 24  ? -0.517  -7.583  -1.585  1.00 28.19 ? 268 LEU A CD1 1 
ATOM   170 C CD2 . LEU A 1 24  ? -0.391  -5.067  -1.493  1.00 27.78 ? 268 LEU A CD2 1 
ATOM   171 N N   . LEU A 1 25  ? -1.680  -9.210  -4.659  1.00 26.79 ? 269 LEU A N   1 
ATOM   172 C CA  . LEU A 1 25  ? -1.294  -10.589 -4.469  1.00 27.08 ? 269 LEU A CA  1 
ATOM   173 C C   . LEU A 1 25  ? 0.093   -10.556 -3.845  1.00 22.22 ? 269 LEU A C   1 
ATOM   174 O O   . LEU A 1 25  ? 0.960   -9.770  -4.273  1.00 27.10 ? 269 LEU A O   1 
ATOM   175 C CB  . LEU A 1 25  ? -1.244  -11.276 -5.830  1.00 25.72 ? 269 LEU A CB  1 
ATOM   176 C CG  . LEU A 1 25  ? -2.513  -11.171 -6.688  1.00 27.22 ? 269 LEU A CG  1 
ATOM   177 C CD1 . LEU A 1 25  ? -2.387  -11.910 -8.005  1.00 27.11 ? 269 LEU A CD1 1 
ATOM   178 C CD2 . LEU A 1 25  ? -3.750  -11.597 -5.900  1.00 25.93 ? 269 LEU A CD2 1 
ATOM   179 N N   . CYS A 1 26  ? 0.319   -11.429 -2.875  1.00 26.16 ? 270 CYS A N   1 
ATOM   180 C CA  . CYS A 1 26  ? 1.580   -11.473 -2.176  1.00 26.46 ? 270 CYS A CA  1 
ATOM   181 C C   . CYS A 1 26  ? 2.050   -12.888 -1.982  1.00 28.01 ? 270 CYS A C   1 
ATOM   182 O O   . CYS A 1 26  ? 1.249   -13.830 -2.081  1.00 26.76 ? 270 CYS A O   1 
ATOM   183 C CB  . CYS A 1 26  ? 1.416   -10.784 -0.823  1.00 24.11 ? 270 CYS A CB  1 
ATOM   184 S SG  . CYS A 1 26  ? 0.011   -11.271 0.198   1.00 28.41 ? 270 CYS A SG  1 
ATOM   185 N N   . ASP A 1 27  ? 3.333   -13.042 -1.646  1.00 28.98 ? 271 ASP A N   1 
ATOM   186 C CA  . ASP A 1 27  ? 3.812   -14.292 -1.040  1.00 31.88 ? 271 ASP A CA  1 
ATOM   187 C C   . ASP A 1 27  ? 3.152   -14.376 0.320   1.00 29.19 ? 271 ASP A C   1 
ATOM   188 O O   . ASP A 1 27  ? 2.524   -13.424 0.775   1.00 28.66 ? 271 ASP A O   1 
ATOM   189 C CB  . ASP A 1 27  ? 5.355   -14.309 -0.889  1.00 31.97 ? 271 ASP A CB  1 
ATOM   190 C CG  . ASP A 1 27  ? 6.099   -14.514 -2.203  1.00 41.79 ? 271 ASP A CG  1 
ATOM   191 O OD1 . ASP A 1 27  ? 5.486   -14.833 -3.259  1.00 41.19 ? 271 ASP A OD1 1 
ATOM   192 O OD2 . ASP A 1 27  ? 7.343   -14.386 -2.271  1.00 43.60 ? 271 ASP A OD2 1 
ATOM   193 N N   . LYS A 1 28  ? 3.302   -15.516 1.009   1.00 30.98 ? 272 LYS A N   1 
ATOM   194 C CA  . LYS A 1 28  ? 2.524   -15.777 2.207   1.00 30.45 ? 272 LYS A CA  1 
ATOM   195 C C   . LYS A 1 28  ? 2.790   -14.764 3.343   1.00 30.92 ? 272 LYS A C   1 
ATOM   196 O O   . LYS A 1 28  ? 3.934   -14.538 3.712   1.00 32.31 ? 272 LYS A O   1 
ATOM   197 C CB  . LYS A 1 28  ? 2.769   -17.237 2.681   1.00 37.16 ? 272 LYS A CB  1 
ATOM   198 C CG  . LYS A 1 28  ? 1.772   -17.736 3.723   1.00 41.77 ? 272 LYS A CG  1 
ATOM   199 C CD  . LYS A 1 28  ? 2.029   -19.227 4.070   1.00 48.38 ? 272 LYS A CD  1 
ATOM   200 C CE  . LYS A 1 28  ? 0.810   -19.913 4.674   1.00 51.10 ? 272 LYS A CE  1 
ATOM   201 N NZ  . LYS A 1 28  ? 0.943   -21.430 4.766   1.00 49.81 ? 272 LYS A NZ  1 
ATOM   202 N N   . VAL A 1 29  ? 1.728   -14.151 3.873   1.00 26.13 ? 273 VAL A N   1 
ATOM   203 C CA  . VAL A 1 29  ? 1.769   -13.282 5.039   1.00 29.72 ? 273 VAL A CA  1 
ATOM   204 C C   . VAL A 1 29  ? 0.923   -13.848 6.197   1.00 33.49 ? 273 VAL A C   1 
ATOM   205 O O   . VAL A 1 29  ? 0.111   -14.771 6.008   1.00 35.68 ? 273 VAL A O   1 
ATOM   206 C CB  . VAL A 1 29  ? 1.336   -11.836 4.701   1.00 30.91 ? 273 VAL A CB  1 
ATOM   207 C CG1 . VAL A 1 29  ? 2.216   -11.264 3.577   1.00 30.01 ? 273 VAL A CG1 1 
ATOM   208 C CG2 . VAL A 1 29  ? -0.161  -11.741 4.304   1.00 30.13 ? 273 VAL A CG2 1 
ATOM   209 N N   . GLN A 1 30  ? 1.133   -13.314 7.396   1.00 31.06 ? 274 GLN A N   1 
ATOM   210 C CA  . GLN A 1 30  ? 0.266   -13.562 8.563   1.00 34.11 ? 274 GLN A CA  1 
ATOM   211 C C   . GLN A 1 30  ? -0.666  -12.390 8.708   1.00 34.09 ? 274 GLN A C   1 
ATOM   212 O O   . GLN A 1 30  ? -0.243  -11.231 8.794   1.00 32.29 ? 274 GLN A O   1 
ATOM   213 C CB  . GLN A 1 30  ? 1.069   -13.769 9.859   1.00 37.68 ? 274 GLN A CB  1 
ATOM   214 C CG  . GLN A 1 30  ? 2.165   -14.779 9.734   1.00 45.86 ? 274 GLN A CG  1 
ATOM   215 C CD  . GLN A 1 30  ? 1.644   -16.167 9.411   1.00 55.85 ? 274 GLN A CD  1 
ATOM   216 O OE1 . GLN A 1 30  ? 0.719   -16.665 10.071  1.00 60.36 ? 274 GLN A OE1 1 
ATOM   217 N NE2 . GLN A 1 30  ? 2.231   -16.800 8.396   1.00 62.03 ? 274 GLN A NE2 1 
ATOM   218 N N   . LYS A 1 31  ? -1.959  -12.676 8.645   1.00 25.65 ? 275 LYS A N   1 
ATOM   219 C CA  . LYS A 1 31  ? -2.957  -11.621 8.577   1.00 27.44 ? 275 LYS A CA  1 
ATOM   220 C C   . LYS A 1 31  ? -2.924  -10.578 9.662   1.00 24.44 ? 275 LYS A C   1 
ATOM   221 O O   . LYS A 1 31  ? -3.348  -9.449  9.458   1.00 29.81 ? 275 LYS A O   1 
ATOM   222 C CB  . LYS A 1 31  ? -4.346  -12.245 8.443   1.00 29.35 ? 275 LYS A CB  1 
ATOM   223 C CG  . LYS A 1 31  ? -4.862  -12.821 9.718   1.00 30.57 ? 275 LYS A CG  1 
ATOM   224 C CD  . LYS A 1 31  ? -6.266  -13.375 9.573   1.00 31.89 ? 275 LYS A CD  1 
ATOM   225 C CE  . LYS A 1 31  ? -6.432  -14.236 8.378   1.00 34.72 ? 275 LYS A CE  1 
ATOM   226 N NZ  . LYS A 1 31  ? -7.900  -14.716 8.312   1.00 39.28 ? 275 LYS A NZ  1 
ATOM   227 N N   . ASP A 1 32  ? -2.463  -10.987 10.845  1.00 30.57 ? 276 ASP A N   1 
ATOM   228 C CA  . ASP A 1 32  ? -2.339  -10.099 11.982  1.00 31.67 ? 276 ASP A CA  1 
ATOM   229 C C   . ASP A 1 32  ? -0.919  -9.481  12.100  1.00 32.92 ? 276 ASP A C   1 
ATOM   230 O O   . ASP A 1 32  ? -0.674  -8.755  13.044  1.00 34.44 ? 276 ASP A O   1 
ATOM   231 C CB  . ASP A 1 32  ? -2.609  -10.870 13.289  1.00 38.71 ? 276 ASP A CB  1 
ATOM   232 C CG  . ASP A 1 32  ? -4.007  -11.453 13.330  1.00 43.34 ? 276 ASP A CG  1 
ATOM   233 O OD1 . ASP A 1 32  ? -4.161  -12.684 13.475  1.00 49.18 ? 276 ASP A OD1 1 
ATOM   234 O OD2 . ASP A 1 32  ? -5.002  -10.736 13.171  1.00 49.87 ? 276 ASP A OD2 1 
ATOM   235 N N   . ASP A 1 33  ? -0.024  -9.758  11.158  1.00 31.50 ? 277 ASP A N   1 
ATOM   236 C CA  . ASP A 1 33  ? 1.367   -9.238  11.217  1.00 29.93 ? 277 ASP A CA  1 
ATOM   237 C C   . ASP A 1 33  ? 1.797   -8.677  9.870   1.00 29.17 ? 277 ASP A C   1 
ATOM   238 O O   . ASP A 1 33  ? 2.873   -8.970  9.366   1.00 34.68 ? 277 ASP A O   1 
ATOM   239 C CB  . ASP A 1 33  ? 2.325   -10.354 11.655  1.00 31.37 ? 277 ASP A CB  1 
ATOM   240 C CG  . ASP A 1 33  ? 3.674   -9.818  12.130  1.00 35.76 ? 277 ASP A CG  1 
ATOM   241 O OD1 . ASP A 1 33  ? 3.766   -8.630  12.470  1.00 30.50 ? 277 ASP A OD1 1 
ATOM   242 O OD2 . ASP A 1 33  ? 4.687   -10.518 12.191  1.00 35.87 ? 277 ASP A OD2 1 
ATOM   243 N N   . ILE A 1 34  ? 0.916   -7.893  9.262   1.00 27.58 ? 278 ILE A N   1 
ATOM   244 C CA  . ILE A 1 34  ? 1.189   -7.369  7.941   1.00 27.24 ? 278 ILE A CA  1 
ATOM   245 C C   . ILE A 1 34  ? 0.572   -5.988  7.795   1.00 28.22 ? 278 ILE A C   1 
ATOM   246 O O   . ILE A 1 34  ? -0.510  -5.699  8.309   1.00 27.85 ? 278 ILE A O   1 
ATOM   247 C CB  . ILE A 1 34  ? 0.717   -8.337  6.848   1.00 29.63 ? 278 ILE A CB  1 
ATOM   248 C CG1 . ILE A 1 34  ? 1.308   -7.960  5.504   1.00 28.58 ? 278 ILE A CG1 1 
ATOM   249 C CG2 . ILE A 1 34  ? -0.833  -8.372  6.816   1.00 27.55 ? 278 ILE A CG2 1 
ATOM   250 C CD1 . ILE A 1 34  ? 2.819   -8.043  5.449   1.00 26.60 ? 278 ILE A CD1 1 
ATOM   251 N N   . GLN A 1 35  ? 1.315   -5.098  7.142   1.00 25.27 ? 279 GLN A N   1 
ATOM   252 C CA  . GLN A 1 35  ? 0.768   -3.777  6.803   1.00 26.61 ? 279 GLN A CA  1 
ATOM   253 C C   . GLN A 1 35  ? 1.222   -3.455  5.411   1.00 21.35 ? 279 GLN A C   1 
ATOM   254 O O   . GLN A 1 35  ? 2.089   -4.128  4.829   1.00 22.15 ? 279 GLN A O   1 
ATOM   255 C CB  . GLN A 1 35  ? 1.130   -2.658  7.797   1.00 31.36 ? 279 GLN A CB  1 
ATOM   256 C CG  . GLN A 1 35  ? 2.543   -2.654  8.154   1.00 34.05 ? 279 GLN A CG  1 
ATOM   257 C CD  . GLN A 1 35  ? 3.001   -1.684  9.235   1.00 35.14 ? 279 GLN A CD  1 
ATOM   258 O OE1 . GLN A 1 35  ? 4.179   -1.488  9.307   1.00 30.22 ? 279 GLN A OE1 1 
ATOM   259 N NE2 . GLN A 1 35  ? 2.106   -1.105  10.054  1.00 33.59 ? 279 GLN A NE2 1 
ATOM   260 N N   . ILE A 1 36  ? 0.616   -2.432  4.850   1.00 21.46 ? 280 ILE A N   1 
ATOM   261 C CA  . ILE A 1 36  ? 0.933   -1.999  3.497   1.00 23.36 ? 280 ILE A CA  1 
ATOM   262 C C   . ILE A 1 36  ? 1.299   -0.544  3.614   1.00 21.66 ? 280 ILE A C   1 
ATOM   263 O O   . ILE A 1 36  ? 0.491   0.280   3.964   1.00 26.08 ? 280 ILE A O   1 
ATOM   264 C CB  . ILE A 1 36  ? -0.245  -2.132  2.571   1.00 24.42 ? 280 ILE A CB  1 
ATOM   265 C CG1 . ILE A 1 36  ? -0.609  -3.625  2.390   1.00 24.10 ? 280 ILE A CG1 1 
ATOM   266 C CG2 . ILE A 1 36  ? 0.101   -1.536  1.222   1.00 24.60 ? 280 ILE A CG2 1 
ATOM   267 C CD1 . ILE A 1 36  ? -1.964  -3.853  1.707   1.00 27.49 ? 280 ILE A CD1 1 
ATOM   268 N N   . ARG A 1 37  ? 2.546   -0.253  3.351   1.00 21.41 ? 281 ARG A N   1 
ATOM   269 C CA  . ARG A 1 37  ? 3.060   1.059   3.615   1.00 20.82 ? 281 ARG A CA  1 
ATOM   270 C C   . ARG A 1 37  ? 3.363   1.782   2.320   1.00 22.02 ? 281 ARG A C   1 
ATOM   271 O O   . ARG A 1 37  ? 4.108   1.278   1.493   1.00 23.54 ? 281 ARG A O   1 
ATOM   272 C CB  . ARG A 1 37  ? 4.376   0.881   4.410   1.00 25.94 ? 281 ARG A CB  1 
ATOM   273 C CG  . ARG A 1 37  ? 5.007   2.194   4.799   1.00 27.08 ? 281 ARG A CG  1 
ATOM   274 C CD  . ARG A 1 37  ? 6.275   1.979   5.627   1.00 30.23 ? 281 ARG A CD  1 
ATOM   275 N NE  . ARG A 1 37  ? 6.965   3.225   5.817   1.00 32.65 ? 281 ARG A NE  1 
ATOM   276 C CZ  . ARG A 1 37  ? 8.074   3.609   5.217   1.00 28.78 ? 281 ARG A CZ  1 
ATOM   277 N NH1 . ARG A 1 37  ? 8.703   2.879   4.281   1.00 32.10 ? 281 ARG A NH1 1 
ATOM   278 N NH2 . ARG A 1 37  ? 8.548   4.814   5.523   1.00 32.25 ? 281 ARG A NH2 1 
ATOM   279 N N   . PHE A 1 38  ? 2.749   2.961   2.148   1.00 22.36 ? 282 PHE A N   1 
ATOM   280 C CA  . PHE A 1 38  ? 2.973   3.879   1.035   1.00 22.88 ? 282 PHE A CA  1 
ATOM   281 C C   . PHE A 1 38  ? 3.959   4.901   1.604   1.00 24.75 ? 282 PHE A C   1 
ATOM   282 O O   . PHE A 1 38  ? 3.821   5.345   2.747   1.00 26.10 ? 282 PHE A O   1 
ATOM   283 C CB  . PHE A 1 38  ? 1.687   4.606   0.681   1.00 22.86 ? 282 PHE A CB  1 
ATOM   284 C CG  . PHE A 1 38  ? 0.676   3.761   -0.006  1.00 28.53 ? 282 PHE A CG  1 
ATOM   285 C CD1 . PHE A 1 38  ? 0.018   2.733   0.659   1.00 24.74 ? 282 PHE A CD1 1 
ATOM   286 C CD2 . PHE A 1 38  ? 0.346   4.015   -1.317  1.00 28.20 ? 282 PHE A CD2 1 
ATOM   287 C CE1 . PHE A 1 38  ? -0.916  1.977   0.039   1.00 24.86 ? 282 PHE A CE1 1 
ATOM   288 C CE2 . PHE A 1 38  ? -0.609  3.235   -1.971  1.00 26.99 ? 282 PHE A CE2 1 
ATOM   289 C CZ  . PHE A 1 38  ? -1.226  2.215   -1.305  1.00 25.14 ? 282 PHE A CZ  1 
ATOM   290 N N   . TYR A 1 39  ? 4.981   5.216   0.850   1.00 26.20 ? 283 TYR A N   1 
ATOM   291 C CA  . TYR A 1 39  ? 5.953   6.181   1.312   1.00 27.73 ? 283 TYR A CA  1 
ATOM   292 C C   . TYR A 1 39  ? 6.596   6.992   0.210   1.00 29.62 ? 283 TYR A C   1 
ATOM   293 O O   . TYR A 1 39  ? 6.582   6.629   -0.972  1.00 28.99 ? 283 TYR A O   1 
ATOM   294 C CB  . TYR A 1 39  ? 7.019   5.454   2.165   1.00 30.06 ? 283 TYR A CB  1 
ATOM   295 C CG  . TYR A 1 39  ? 7.890   4.513   1.399   1.00 30.25 ? 283 TYR A CG  1 
ATOM   296 C CD1 . TYR A 1 39  ? 7.534   3.163   1.218   1.00 30.25 ? 283 TYR A CD1 1 
ATOM   297 C CD2 . TYR A 1 39  ? 9.100   4.949   0.886   1.00 34.01 ? 283 TYR A CD2 1 
ATOM   298 C CE1 . TYR A 1 39  ? 8.341   2.322   0.531   1.00 30.64 ? 283 TYR A CE1 1 
ATOM   299 C CE2 . TYR A 1 39  ? 9.925   4.098   0.182   1.00 38.55 ? 283 TYR A CE2 1 
ATOM   300 C CZ  . TYR A 1 39  ? 9.547   2.786   0.023   1.00 33.96 ? 283 TYR A CZ  1 
ATOM   301 O OH  . TYR A 1 39  ? 10.375  1.964   -0.702  1.00 39.43 ? 283 TYR A OH  1 
ATOM   302 N N   . GLU A 1 40  ? 7.202   8.102   0.624   1.00 29.18 ? 284 GLU A N   1 
ATOM   303 C CA  . GLU A 1 40  ? 7.835   9.041   -0.271  1.00 33.05 ? 284 GLU A CA  1 
ATOM   304 C C   . GLU A 1 40  ? 9.009   9.667   0.491   1.00 36.17 ? 284 GLU A C   1 
ATOM   305 O O   . GLU A 1 40  ? 8.808   10.228  1.557   1.00 38.98 ? 284 GLU A O   1 
ATOM   306 C CB  . GLU A 1 40  ? 6.835   10.148  -0.624  1.00 36.98 ? 284 GLU A CB  1 
ATOM   307 C CG  . GLU A 1 40  ? 7.370   11.216  -1.566  1.00 42.52 ? 284 GLU A CG  1 
ATOM   308 C CD  . GLU A 1 40  ? 6.295   12.229  -1.957  1.00 41.38 ? 284 GLU A CD  1 
ATOM   309 O OE1 . GLU A 1 40  ? 5.608   12.759  -1.072  1.00 46.72 ? 284 GLU A OE1 1 
ATOM   310 O OE2 . GLU A 1 40  ? 6.158   12.493  -3.152  1.00 48.18 ? 284 GLU A OE2 1 
ATOM   311 N N   . GLU A 1 41  ? 10.196  9.550   -0.066  1.00 36.94 ? 285 GLU A N   1 
ATOM   312 C CA  . GLU A 1 41  ? 11.389  10.216  0.438   1.00 47.03 ? 285 GLU A CA  1 
ATOM   313 C C   . GLU A 1 41  ? 11.398  11.678  -0.031  1.00 50.31 ? 285 GLU A C   1 
ATOM   314 O O   . GLU A 1 41  ? 11.278  11.930  -1.228  1.00 50.79 ? 285 GLU A O   1 
ATOM   315 C CB  . GLU A 1 41  ? 12.613  9.469   -0.070  1.00 51.16 ? 285 GLU A CB  1 
ATOM   316 C CG  . GLU A 1 41  ? 12.679  8.031   0.448   1.00 59.59 ? 285 GLU A CG  1 
ATOM   317 C CD  . GLU A 1 41  ? 13.597  7.130   -0.360  1.00 67.37 ? 285 GLU A CD  1 
ATOM   318 O OE1 . GLU A 1 41  ? 14.824  7.150   -0.098  1.00 72.95 ? 285 GLU A OE1 1 
ATOM   319 O OE2 . GLU A 1 41  ? 13.093  6.386   -1.240  1.00 72.31 ? 285 GLU A OE2 1 
ATOM   320 N N   . GLU A 1 42  ? 11.514  12.625  0.907   1.00 56.00 ? 286 GLU A N   1 
ATOM   321 C CA  . GLU A 1 42  ? 11.532  14.060  0.567   1.00 60.74 ? 286 GLU A CA  1 
ATOM   322 C C   . GLU A 1 42  ? 12.935  14.652  0.605   1.00 58.15 ? 286 GLU A C   1 
ATOM   323 O O   . GLU A 1 42  ? 13.900  13.942  0.382   1.00 59.61 ? 286 GLU A O   1 
ATOM   324 C CB  . GLU A 1 42  ? 10.643  14.844  1.519   1.00 62.83 ? 286 GLU A CB  1 
ATOM   325 C CG  . GLU A 1 42  ? 9.173   14.819  1.136   1.00 66.83 ? 286 GLU A CG  1 
ATOM   326 C CD  . GLU A 1 42  ? 8.311   14.207  2.212   1.00 69.06 ? 286 GLU A CD  1 
ATOM   327 O OE1 . GLU A 1 42  ? 8.548   14.517  3.413   1.00 69.26 ? 286 GLU A OE1 1 
ATOM   328 O OE2 . GLU A 1 42  ? 7.406   13.416  1.847   1.00 69.38 ? 286 GLU A OE2 1 
ATOM   329 N N   . VAL A 1 47  ? 10.607  11.843  5.165   1.00 47.08 ? 291 VAL A N   1 
ATOM   330 C CA  . VAL A 1 47  ? 9.874   10.688  4.606   1.00 45.90 ? 291 VAL A CA  1 
ATOM   331 C C   . VAL A 1 47  ? 8.399   10.680  5.011   1.00 43.93 ? 291 VAL A C   1 
ATOM   332 O O   . VAL A 1 47  ? 8.075   10.555  6.192   1.00 43.76 ? 291 VAL A O   1 
ATOM   333 C CB  . VAL A 1 47  ? 10.509  9.318   4.984   1.00 49.29 ? 291 VAL A CB  1 
ATOM   334 C CG1 . VAL A 1 47  ? 9.647   8.127   4.449   1.00 50.00 ? 291 VAL A CG1 1 
ATOM   335 C CG2 . VAL A 1 47  ? 11.922  9.210   4.448   1.00 52.52 ? 291 VAL A CG2 1 
ATOM   336 N N   . TRP A 1 48  ? 7.515   10.828  4.018   1.00 37.08 ? 292 TRP A N   1 
ATOM   337 C CA  . TRP A 1 48  ? 6.077   10.720  4.219   1.00 33.65 ? 292 TRP A CA  1 
ATOM   338 C C   . TRP A 1 48  ? 5.713   9.240   4.181   1.00 29.28 ? 292 TRP A C   1 
ATOM   339 O O   . TRP A 1 48  ? 6.271   8.519   3.402   1.00 29.82 ? 292 TRP A O   1 
ATOM   340 C CB  . TRP A 1 48  ? 5.284   11.473  3.146   1.00 31.45 ? 292 TRP A CB  1 
ATOM   341 C CG  . TRP A 1 48  ? 3.848   11.155  3.240   1.00 27.66 ? 292 TRP A CG  1 
ATOM   342 C CD1 . TRP A 1 48  ? 2.977   11.680  4.111   1.00 29.63 ? 292 TRP A CD1 1 
ATOM   343 C CD2 . TRP A 1 48  ? 3.117   10.208  2.450   1.00 31.98 ? 292 TRP A CD2 1 
ATOM   344 N NE1 . TRP A 1 48  ? 1.729   11.154  3.910   1.00 33.94 ? 292 TRP A NE1 1 
ATOM   345 C CE2 . TRP A 1 48  ? 1.784   10.241  2.895   1.00 32.68 ? 292 TRP A CE2 1 
ATOM   346 C CE3 . TRP A 1 48  ? 3.460   9.327   1.406   1.00 31.60 ? 292 TRP A CE3 1 
ATOM   347 C CZ2 . TRP A 1 48  ? 0.780   9.422   2.351   1.00 28.78 ? 292 TRP A CZ2 1 
ATOM   348 C CZ3 . TRP A 1 48  ? 2.478   8.526   0.854   1.00 27.67 ? 292 TRP A CZ3 1 
ATOM   349 C CH2 . TRP A 1 48  ? 1.146   8.571   1.334   1.00 30.06 ? 292 TRP A CH2 1 
ATOM   350 N N   . GLU A 1 49  ? 4.845   8.796   5.072   1.00 32.39 ? 293 GLU A N   1 
ATOM   351 C CA  . GLU A 1 49  ? 4.277   7.442   4.953   1.00 28.82 ? 293 GLU A CA  1 
ATOM   352 C C   . GLU A 1 49  ? 2.815   7.473   5.253   1.00 28.75 ? 293 GLU A C   1 
ATOM   353 O O   . GLU A 1 49  ? 2.306   8.343   5.970   1.00 31.62 ? 293 GLU A O   1 
ATOM   354 C CB  . GLU A 1 49  ? 4.995   6.426   5.850   1.00 30.18 ? 293 GLU A CB  1 
ATOM   355 C CG  . GLU A 1 49  ? 4.888   6.768   7.325   1.00 33.15 ? 293 GLU A CG  1 
ATOM   356 C CD  . GLU A 1 49  ? 5.639   5.790   8.236   1.00 32.27 ? 293 GLU A CD  1 
ATOM   357 O OE1 . GLU A 1 49  ? 6.526   5.057   7.792   1.00 36.21 ? 293 GLU A OE1 1 
ATOM   358 O OE2 . GLU A 1 49  ? 5.336   5.822   9.420   1.00 40.72 ? 293 GLU A OE2 1 
ATOM   359 N N   . GLY A 1 50  ? 2.109   6.520   4.665   1.00 24.22 ? 294 GLY A N   1 
ATOM   360 C CA  . GLY A 1 50  ? 0.702   6.328   4.893   1.00 29.65 ? 294 GLY A CA  1 
ATOM   361 C C   . GLY A 1 50  ? 0.471   4.840   4.772   1.00 28.22 ? 294 GLY A C   1 
ATOM   362 O O   . GLY A 1 50  ? 1.293   4.141   4.185   1.00 30.16 ? 294 GLY A O   1 
ATOM   363 N N   . PHE A 1 51  ? -0.614  4.353   5.338   1.00 26.93 ? 295 PHE A N   1 
ATOM   364 C CA  . PHE A 1 51  ? -0.834  2.917   5.403   1.00 26.47 ? 295 PHE A CA  1 
ATOM   365 C C   . PHE A 1 51  ? -2.159  2.524   4.799   1.00 26.24 ? 295 PHE A C   1 
ATOM   366 O O   . PHE A 1 51  ? -3.194  3.163   4.991   1.00 27.77 ? 295 PHE A O   1 
ATOM   367 C CB  . PHE A 1 51  ? -0.733  2.407   6.847   1.00 32.14 ? 295 PHE A CB  1 
ATOM   368 C CG  . PHE A 1 51  ? 0.635   2.581   7.422   1.00 30.92 ? 295 PHE A CG  1 
ATOM   369 C CD1 . PHE A 1 51  ? 1.000   3.784   8.002   1.00 34.51 ? 295 PHE A CD1 1 
ATOM   370 C CD2 . PHE A 1 51  ? 1.582   1.580   7.331   1.00 30.59 ? 295 PHE A CD2 1 
ATOM   371 C CE1 . PHE A 1 51  ? 2.296   3.978   8.502   1.00 33.39 ? 295 PHE A CE1 1 
ATOM   372 C CE2 . PHE A 1 51  ? 2.865   1.765   7.830   1.00 28.10 ? 295 PHE A CE2 1 
ATOM   373 C CZ  . PHE A 1 51  ? 3.217   2.983   8.413   1.00 30.74 ? 295 PHE A CZ  1 
ATOM   374 N N   . GLY A 1 52  ? -2.108  1.418   4.071   1.00 24.08 ? 296 GLY A N   1 
ATOM   375 C CA  . GLY A 1 52  ? -3.319  0.827   3.559   1.00 24.07 ? 296 GLY A CA  1 
ATOM   376 C C   . GLY A 1 52  ? -4.275  0.502   4.677   1.00 25.28 ? 296 GLY A C   1 
ATOM   377 O O   . GLY A 1 52  ? -3.871  0.009   5.732   1.00 25.41 ? 296 GLY A O   1 
ATOM   378 N N   . ASP A 1 53  ? -5.554  0.755   4.422   1.00 28.51 ? 297 ASP A N   1 
ATOM   379 C CA  . ASP A 1 53  ? -6.620  0.577   5.430   1.00 29.32 ? 297 ASP A CA  1 
ATOM   380 C C   . ASP A 1 53  ? -7.265  -0.772  5.148   1.00 27.32 ? 297 ASP A C   1 
ATOM   381 O O   . ASP A 1 53  ? -7.915  -0.964  4.134   1.00 29.08 ? 297 ASP A O   1 
ATOM   382 C CB  . ASP A 1 53  ? -7.591  1.739   5.333   1.00 29.32 ? 297 ASP A CB  1 
ATOM   383 C CG  . ASP A 1 53  ? -8.880  1.505   6.080   1.00 39.04 ? 297 ASP A CG  1 
ATOM   384 O OD1 . ASP A 1 53  ? -8.868  0.811   7.108   1.00 36.05 ? 297 ASP A OD1 1 
ATOM   385 O OD2 . ASP A 1 53  ? -9.954  2.013   5.709   1.00 44.36 ? 297 ASP A OD2 1 
ATOM   386 N N   . PHE A 1 54  ? -7.037  -1.718  6.043   1.00 24.55 ? 298 PHE A N   1 
ATOM   387 C CA  . PHE A 1 54  ? -7.648  -3.062  5.969   1.00 28.77 ? 298 PHE A CA  1 
ATOM   388 C C   . PHE A 1 54  ? -7.658  -3.762  7.337   1.00 31.73 ? 298 PHE A C   1 
ATOM   389 O O   . PHE A 1 54  ? -6.935  -3.362  8.251   1.00 28.49 ? 298 PHE A O   1 
ATOM   390 C CB  . PHE A 1 54  ? -6.993  -3.945  4.877   1.00 25.27 ? 298 PHE A CB  1 
ATOM   391 C CG  . PHE A 1 54  ? -5.586  -4.349  5.169   1.00 26.24 ? 298 PHE A CG  1 
ATOM   392 C CD1 . PHE A 1 54  ? -4.514  -3.505  4.888   1.00 26.87 ? 298 PHE A CD1 1 
ATOM   393 C CD2 . PHE A 1 54  ? -5.337  -5.580  5.764   1.00 23.19 ? 298 PHE A CD2 1 
ATOM   394 C CE1 . PHE A 1 54  ? -3.195  -3.897  5.192   1.00 26.15 ? 298 PHE A CE1 1 
ATOM   395 C CE2 . PHE A 1 54  ? -4.043  -5.969  6.081   1.00 28.78 ? 298 PHE A CE2 1 
ATOM   396 C CZ  . PHE A 1 54  ? -2.970  -5.126  5.784   1.00 25.90 ? 298 PHE A CZ  1 
ATOM   397 N N   . SER A 1 55  ? -8.498  -4.776  7.487   1.00 33.99 ? 299 SER A N   1 
ATOM   398 C CA  . SER A 1 55  ? -8.433  -5.647  8.672   1.00 36.12 ? 299 SER A CA  1 
ATOM   399 C C   . SER A 1 55  ? -7.891  -7.014  8.289   1.00 35.72 ? 299 SER A C   1 
ATOM   400 O O   . SER A 1 55  ? -7.807  -7.338  7.090   1.00 31.05 ? 299 SER A O   1 
ATOM   401 C CB  . SER A 1 55  ? -9.819  -5.796  9.284   1.00 40.82 ? 299 SER A CB  1 
ATOM   402 O OG  . SER A 1 55  ? -10.599 -6.683  8.514   1.00 47.66 ? 299 SER A OG  1 
ATOM   403 N N   . PRO A 1 56  ? -7.577  -7.850  9.281   1.00 33.17 ? 300 PRO A N   1 
ATOM   404 C CA  . PRO A 1 56  ? -7.114  -9.215  9.011   1.00 33.65 ? 300 PRO A CA  1 
ATOM   405 C C   . PRO A 1 56  ? -8.091  -10.021 8.211   1.00 31.94 ? 300 PRO A C   1 
ATOM   406 O O   . PRO A 1 56  ? -7.622  -10.873 7.489   1.00 32.24 ? 300 PRO A O   1 
ATOM   407 C CB  . PRO A 1 56  ? -6.939  -9.819  10.414  1.00 39.83 ? 300 PRO A CB  1 
ATOM   408 C CG  . PRO A 1 56  ? -6.684  -8.604  11.274  1.00 39.72 ? 300 PRO A CG  1 
ATOM   409 C CD  . PRO A 1 56  ? -7.581  -7.571  10.732  1.00 37.28 ? 300 PRO A CD  1 
ATOM   410 N N   . THR A 1 57  ? -9.390  -9.733  8.293   1.00 33.08 ? 301 THR A N   1 
ATOM   411 C CA  . THR A 1 57  ? -10.395 -10.424 7.480   1.00 31.94 ? 301 THR A CA  1 
ATOM   412 C C   . THR A 1 57  ? -10.263 -10.076 5.986   1.00 36.00 ? 301 THR A C   1 
ATOM   413 O O   . THR A 1 57  ? -10.765 -10.805 5.167   1.00 26.52 ? 301 THR A O   1 
ATOM   414 C CB  . THR A 1 57  ? -11.847 -10.110 7.945   1.00 36.80 ? 301 THR A CB  1 
ATOM   415 O OG1 . THR A 1 57  ? -12.135 -8.715  7.775   1.00 37.69 ? 301 THR A OG1 1 
ATOM   416 C CG2 . THR A 1 57  ? -12.021 -10.332 9.428   1.00 43.53 ? 301 THR A CG2 1 
ATOM   417 N N   . ASP A 1 58  ? -9.574  -8.981  5.657   1.00 30.66 ? 302 ASP A N   1 
ATOM   418 C CA  . ASP A 1 58  ? -9.350  -8.560  4.272   1.00 28.27 ? 302 ASP A CA  1 
ATOM   419 C C   . ASP A 1 58  ? -8.134  -9.241  3.636   1.00 29.87 ? 302 ASP A C   1 
ATOM   420 O O   . ASP A 1 58  ? -7.843  -9.055  2.454   1.00 24.98 ? 302 ASP A O   1 
ATOM   421 C CB  . ASP A 1 58  ? -9.141  -7.059  4.228   1.00 29.60 ? 302 ASP A CB  1 
ATOM   422 C CG  . ASP A 1 58  ? -10.354 -6.300  4.553   1.00 33.12 ? 302 ASP A CG  1 
ATOM   423 O OD1 . ASP A 1 58  ? -11.446 -6.694  4.089   1.00 34.68 ? 302 ASP A OD1 1 
ATOM   424 O OD2 . ASP A 1 58  ? -10.325 -5.263  5.226   1.00 29.84 ? 302 ASP A OD2 1 
ATOM   425 N N   . VAL A 1 59  ? -7.428  -10.026 4.427   1.00 28.39 ? 303 VAL A N   1 
ATOM   426 C CA  . VAL A 1 59  ? -6.321  -10.837 3.969   1.00 26.58 ? 303 VAL A CA  1 
ATOM   427 C C   . VAL A 1 59  ? -6.899  -12.186 3.588   1.00 29.64 ? 303 VAL A C   1 
ATOM   428 O O   . VAL A 1 59  ? -7.441  -12.908 4.430   1.00 27.32 ? 303 VAL A O   1 
ATOM   429 C CB  . VAL A 1 59  ? -5.214  -10.949 5.042   1.00 26.32 ? 303 VAL A CB  1 
ATOM   430 C CG1 . VAL A 1 59  ? -4.008  -11.734 4.519   1.00 28.13 ? 303 VAL A CG1 1 
ATOM   431 C CG2 . VAL A 1 59  ? -4.793  -9.528  5.478   1.00 31.36 ? 303 VAL A CG2 1 
ATOM   432 N N   . HIS A 1 60  ? -6.814  -12.504 2.303   1.00 28.19 ? 304 HIS A N   1 
ATOM   433 C CA  . HIS A 1 60  ? -7.420  -13.726 1.782   1.00 30.00 ? 304 HIS A CA  1 
ATOM   434 C C   . HIS A 1 60  ? -6.449  -14.897 1.799   1.00 30.09 ? 304 HIS A C   1 
ATOM   435 O O   . HIS A 1 60  ? -5.548  -15.003 0.954   1.00 25.97 ? 304 HIS A O   1 
ATOM   436 C CB  . HIS A 1 60  ? -7.969  -13.485 0.371   1.00 29.40 ? 304 HIS A CB  1 
ATOM   437 C CG  . HIS A 1 60  ? -8.479  -14.722 -0.302  1.00 31.18 ? 304 HIS A CG  1 
ATOM   438 N ND1 . HIS A 1 60  ? -9.661  -15.339 0.074   1.00 33.32 ? 304 HIS A ND1 1 
ATOM   439 C CD2 . HIS A 1 60  ? -7.980  -15.448 -1.331  1.00 29.30 ? 304 HIS A CD2 1 
ATOM   440 C CE1 . HIS A 1 60  ? -9.841  -16.414 -0.683  1.00 30.70 ? 304 HIS A CE1 1 
ATOM   441 N NE2 . HIS A 1 60  ? -8.841  -16.496 -1.549  1.00 29.68 ? 304 HIS A NE2 1 
ATOM   442 N N   . ARG A 1 61  ? -6.650  -15.784 2.770   1.00 30.16 ? 305 ARG A N   1 
ATOM   443 C CA  . ARG A 1 61  ? -5.896  -17.035 2.862   1.00 31.14 ? 305 ARG A CA  1 
ATOM   444 C C   . ARG A 1 61  ? -4.364  -16.801 2.765   1.00 29.19 ? 305 ARG A C   1 
ATOM   445 O O   . ARG A 1 61  ? -3.638  -17.598 2.176   1.00 29.13 ? 305 ARG A O   1 
ATOM   446 C CB  . ARG A 1 61  ? -6.377  -18.041 1.809   1.00 34.49 ? 305 ARG A CB  1 
ATOM   447 C CG  . ARG A 1 61  ? -7.846  -18.472 1.993   1.00 39.51 ? 305 ARG A CG  1 
ATOM   448 C CD  . ARG A 1 61  ? -8.175  -19.027 3.400   1.00 47.79 ? 305 ARG A CD  1 
ATOM   449 N NE  . ARG A 1 61  ? -7.094  -19.870 3.932   1.00 47.63 ? 305 ARG A NE  1 
ATOM   450 C CZ  . ARG A 1 61  ? -7.033  -21.206 3.858   1.00 53.46 ? 305 ARG A CZ  1 
ATOM   451 N NH1 . ARG A 1 61  ? -8.010  -21.922 3.303   1.00 46.32 ? 305 ARG A NH1 1 
ATOM   452 N NH2 . ARG A 1 61  ? -5.974  -21.844 4.354   1.00 54.02 ? 305 ARG A NH2 1 
ATOM   453 N N   . GLN A 1 62  ? -3.925  -15.673 3.338   1.00 34.08 ? 306 GLN A N   1 
ATOM   454 C CA  . GLN A 1 62  ? -2.495  -15.359 3.484   1.00 29.47 ? 306 GLN A CA  1 
ATOM   455 C C   . GLN A 1 62  ? -1.786  -14.993 2.183   1.00 30.62 ? 306 GLN A C   1 
ATOM   456 O O   . GLN A 1 62  ? -0.582  -14.744 2.177   1.00 28.27 ? 306 GLN A O   1 
ATOM   457 C CB  . GLN A 1 62  ? -1.774  -16.526 4.198   1.00 33.22 ? 306 GLN A CB  1 
ATOM   458 C CG  . GLN A 1 62  ? -2.301  -16.768 5.553   1.00 32.36 ? 306 GLN A CG  1 
ATOM   459 C CD  . GLN A 1 62  ? -1.514  -17.829 6.306   1.00 43.48 ? 306 GLN A CD  1 
ATOM   460 O OE1 . GLN A 1 62  ? -0.541  -17.523 7.012   1.00 46.55 ? 306 GLN A OE1 1 
ATOM   461 N NE2 . GLN A 1 62  ? -1.907  -19.074 6.133   1.00 42.39 ? 306 GLN A NE2 1 
ATOM   462 N N   . PHE A 1 63  ? -2.521  -14.914 1.074   1.00 27.12 ? 307 PHE A N   1 
ATOM   463 C CA  . PHE A 1 63  ? -1.897  -14.741 -0.238  1.00 23.12 ? 307 PHE A CA  1 
ATOM   464 C C   . PHE A 1 63  ? -2.419  -13.534 -1.053  1.00 23.80 ? 307 PHE A C   1 
ATOM   465 O O   . PHE A 1 63  ? -1.974  -13.276 -2.183  1.00 24.74 ? 307 PHE A O   1 
ATOM   466 C CB  . PHE A 1 63  ? -2.080  -16.033 -1.036  1.00 27.92 ? 307 PHE A CB  1 
ATOM   467 C CG  . PHE A 1 63  ? -1.113  -17.124 -0.639  1.00 29.93 ? 307 PHE A CG  1 
ATOM   468 C CD1 . PHE A 1 63  ? 0.246   -16.948 -0.833  1.00 28.04 ? 307 PHE A CD1 1 
ATOM   469 C CD2 . PHE A 1 63  ? -1.566  -18.311 -0.077  1.00 32.09 ? 307 PHE A CD2 1 
ATOM   470 C CE1 . PHE A 1 63  ? 1.168   -17.924 -0.438  1.00 31.34 ? 307 PHE A CE1 1 
ATOM   471 C CE2 . PHE A 1 63  ? -0.649  -19.315 0.307   1.00 32.01 ? 307 PHE A CE2 1 
ATOM   472 C CZ  . PHE A 1 63  ? 0.714   -19.118 0.119   1.00 32.03 ? 307 PHE A CZ  1 
ATOM   473 N N   . ALA A 1 64  ? -3.392  -12.833 -0.509  1.00 26.26 ? 308 ALA A N   1 
ATOM   474 C CA  . ALA A 1 64  ? -3.855  -11.602 -1.134  1.00 25.43 ? 308 ALA A CA  1 
ATOM   475 C C   . ALA A 1 64  ? -4.414  -10.704 -0.086  1.00 24.76 ? 308 ALA A C   1 
ATOM   476 O O   . ALA A 1 64  ? -4.839  -11.161 0.974   1.00 25.27 ? 308 ALA A O   1 
ATOM   477 C CB  . ALA A 1 64  ? -4.905  -11.853 -2.228  1.00 24.21 ? 308 ALA A CB  1 
ATOM   478 N N   . ILE A 1 65  ? -4.436  -9.417  -0.390  1.00 23.41 ? 309 ILE A N   1 
ATOM   479 C CA  . ILE A 1 65  ? -4.960  -8.406  0.526   1.00 22.95 ? 309 ILE A CA  1 
ATOM   480 C C   . ILE A 1 65  ? -5.798  -7.385  -0.224  1.00 25.31 ? 309 ILE A C   1 
ATOM   481 O O   . ILE A 1 65  ? -5.360  -6.806  -1.233  1.00 24.24 ? 309 ILE A O   1 
ATOM   482 C CB  . ILE A 1 65  ? -3.804  -7.680  1.266   1.00 24.39 ? 309 ILE A CB  1 
ATOM   483 C CG1 . ILE A 1 65  ? -2.846  -8.681  1.931   1.00 27.42 ? 309 ILE A CG1 1 
ATOM   484 C CG2 . ILE A 1 65  ? -4.381  -6.718  2.308   1.00 24.53 ? 309 ILE A CG2 1 
ATOM   485 C CD1 . ILE A 1 65  ? -1.597  -7.947  2.548   1.00 26.29 ? 309 ILE A CD1 1 
ATOM   486 N N   . CYS A 1 66  ? -7.021  -7.155  0.260   1.00 25.23 ? 310 CYS A N   1 
ATOM   487 C CA  . CYS A 1 66  ? -7.870  -6.112  -0.291  1.00 23.43 ? 310 CYS A CA  1 
ATOM   488 C C   . CYS A 1 66  ? -7.813  -4.983  0.711   1.00 25.77 ? 310 CYS A C   1 
ATOM   489 O O   . CYS A 1 66  ? -8.045  -5.194  1.911   1.00 27.57 ? 310 CYS A O   1 
ATOM   490 C CB  . CYS A 1 66  ? -9.324  -6.579  -0.416  1.00 25.85 ? 310 CYS A CB  1 
ATOM   491 S SG  . CYS A 1 66  ? -9.499  -8.196  -1.186  1.00 28.12 ? 310 CYS A SG  1 
ATOM   492 N N   . PHE A 1 67  ? -7.520  -3.794  0.238   1.00 23.32 ? 311 PHE A N   1 
ATOM   493 C CA  . PHE A 1 67  ? -7.338  -2.656  1.106   1.00 26.14 ? 311 PHE A CA  1 
ATOM   494 C C   . PHE A 1 67  ? -7.740  -1.354  0.445   1.00 26.47 ? 311 PHE A C   1 
ATOM   495 O O   . PHE A 1 67  ? -7.962  -1.278  -0.778  1.00 27.58 ? 311 PHE A O   1 
ATOM   496 C CB  . PHE A 1 67  ? -5.864  -2.569  1.517   1.00 25.79 ? 311 PHE A CB  1 
ATOM   497 C CG  . PHE A 1 67  ? -4.968  -2.217  0.392   1.00 21.77 ? 311 PHE A CG  1 
ATOM   498 C CD1 . PHE A 1 67  ? -4.485  -3.202  -0.457  1.00 24.58 ? 311 PHE A CD1 1 
ATOM   499 C CD2 . PHE A 1 67  ? -4.565  -0.905  0.200   1.00 22.57 ? 311 PHE A CD2 1 
ATOM   500 C CE1 . PHE A 1 67  ? -3.675  -2.844  -1.502  1.00 26.01 ? 311 PHE A CE1 1 
ATOM   501 C CE2 . PHE A 1 67  ? -3.706  -0.580  -0.822  1.00 26.38 ? 311 PHE A CE2 1 
ATOM   502 C CZ  . PHE A 1 67  ? -3.285  -1.545  -1.662  1.00 23.02 ? 311 PHE A CZ  1 
ATOM   503 N N   . LYS A 1 68  ? -7.811  -0.301  1.253   1.00 25.05 ? 312 LYS A N   1 
ATOM   504 C CA  . LYS A 1 68  ? -8.089  1.015   0.744   1.00 24.07 ? 312 LYS A CA  1 
ATOM   505 C C   . LYS A 1 68  ? -6.862  1.873   0.888   1.00 26.38 ? 312 LYS A C   1 
ATOM   506 O O   . LYS A 1 68  ? -6.154  1.838   1.906   1.00 23.27 ? 312 LYS A O   1 
ATOM   507 C CB  . LYS A 1 68  ? -9.265  1.635   1.470   1.00 29.32 ? 312 LYS A CB  1 
ATOM   508 C CG  . LYS A 1 68  ? -10.569 0.870   1.212   1.00 32.68 ? 312 LYS A CG  1 
ATOM   509 C CD  . LYS A 1 68  ? -11.768 1.540   1.843   1.00 42.53 ? 312 LYS A CD  1 
ATOM   510 C CE  . LYS A 1 68  ? -13.079 1.091   1.213   1.00 47.29 ? 312 LYS A CE  1 
ATOM   511 N NZ  . LYS A 1 68  ? -13.144 -0.399  1.125   1.00 53.99 ? 312 LYS A NZ  1 
ATOM   512 N N   . THR A 1 69  ? -6.599  2.650   -0.134  1.00 23.88 ? 313 THR A N   1 
ATOM   513 C CA  . THR A 1 69  ? -5.457  3.538   -0.120  1.00 24.62 ? 313 THR A CA  1 
ATOM   514 C C   . THR A 1 69  ? -5.574  4.571   0.978   1.00 26.19 ? 313 THR A C   1 
ATOM   515 O O   . THR A 1 69  ? -6.702  4.981   1.359   1.00 24.78 ? 313 THR A O   1 
ATOM   516 C CB  . THR A 1 69  ? -5.334  4.281   -1.436  1.00 27.16 ? 313 THR A CB  1 
ATOM   517 O OG1 . THR A 1 69  ? -6.569  4.976   -1.688  1.00 25.83 ? 313 THR A OG1 1 
ATOM   518 C CG2 . THR A 1 69  ? -5.103  3.295   -2.601  1.00 26.74 ? 313 THR A CG2 1 
ATOM   519 N N   . PRO A 1 70  ? -4.417  5.009   1.471   1.00 24.89 ? 314 PRO A N   1 
ATOM   520 C CA  . PRO A 1 70  ? -4.398  6.122   2.394   1.00 26.21 ? 314 PRO A CA  1 
ATOM   521 C C   . PRO A 1 70  ? -4.510  7.381   1.576   1.00 29.33 ? 314 PRO A C   1 
ATOM   522 O O   . PRO A 1 70  ? -4.159  7.469   0.369   1.00 26.62 ? 314 PRO A O   1 
ATOM   523 C CB  . PRO A 1 70  ? -3.042  6.006   3.060   1.00 25.23 ? 314 PRO A CB  1 
ATOM   524 C CG  . PRO A 1 70  ? -2.123  5.334   2.006   1.00 26.29 ? 314 PRO A CG  1 
ATOM   525 C CD  . PRO A 1 70  ? -3.053  4.476   1.229   1.00 26.16 ? 314 PRO A CD  1 
ATOM   526 N N   . LYS A 1 71  ? -4.948  8.400   2.267   1.00 26.41 ? 315 LYS A N   1 
ATOM   527 C CA  . LYS A 1 71  ? -4.891  9.750   1.744   1.00 26.93 ? 315 LYS A CA  1 
ATOM   528 C C   . LYS A 1 71  ? -3.434  10.176  1.605   1.00 30.20 ? 315 LYS A C   1 
ATOM   529 O O   . LYS A 1 71  ? -2.600  9.835   2.442   1.00 28.42 ? 315 LYS A O   1 
ATOM   530 C CB  . LYS A 1 71  ? -5.656  10.624  2.734   1.00 36.83 ? 315 LYS A CB  1 
ATOM   531 C CG  . LYS A 1 71  ? -5.571  12.102  2.563   1.00 42.07 ? 315 LYS A CG  1 
ATOM   532 C CD  . LYS A 1 71  ? -6.435  12.770  3.662   1.00 49.94 ? 315 LYS A CD  1 
ATOM   533 C CE  . LYS A 1 71  ? -6.989  14.099  3.198   1.00 57.60 ? 315 LYS A CE  1 
ATOM   534 N NZ  . LYS A 1 71  ? -8.234  13.924  2.370   1.00 61.91 ? 315 LYS A NZ  1 
ATOM   535 N N   . TYR A 1 72  ? -3.113  10.889  0.526   1.00 29.25 ? 316 TYR A N   1 
ATOM   536 C CA  . TYR A 1 72  ? -1.765  11.304  0.250   1.00 30.15 ? 316 TYR A CA  1 
ATOM   537 C C   . TYR A 1 72  ? -1.495  12.549  1.132   1.00 29.59 ? 316 TYR A C   1 
ATOM   538 O O   . TYR A 1 72  ? -2.444  13.129  1.661   1.00 31.78 ? 316 TYR A O   1 
ATOM   539 C CB  . TYR A 1 72  ? -1.583  11.588  -1.236  1.00 27.56 ? 316 TYR A CB  1 
ATOM   540 C CG  . TYR A 1 72  ? -0.239  12.156  -1.597  1.00 28.81 ? 316 TYR A CG  1 
ATOM   541 C CD1 . TYR A 1 72  ? 0.922   11.455  -1.385  1.00 30.30 ? 316 TYR A CD1 1 
ATOM   542 C CD2 . TYR A 1 72  ? -0.131  13.420  -2.177  1.00 30.17 ? 316 TYR A CD2 1 
ATOM   543 C CE1 . TYR A 1 72  ? 2.147   12.007  -1.689  1.00 27.14 ? 316 TYR A CE1 1 
ATOM   544 C CE2 . TYR A 1 72  ? 1.076   13.954  -2.481  1.00 30.46 ? 316 TYR A CE2 1 
ATOM   545 C CZ  . TYR A 1 72  ? 2.204   13.273  -2.250  1.00 30.92 ? 316 TYR A CZ  1 
ATOM   546 O OH  . TYR A 1 72  ? 3.412   13.832  -2.593  1.00 29.36 ? 316 TYR A OH  1 
ATOM   547 N N   . LYS A 1 73  ? -0.232  12.929  1.295   1.00 34.25 ? 317 LYS A N   1 
ATOM   548 C CA  . LYS A 1 73  ? 0.113   14.019  2.231   1.00 39.96 ? 317 LYS A CA  1 
ATOM   549 C C   . LYS A 1 73  ? -0.500  15.364  1.824   1.00 44.78 ? 317 LYS A C   1 
ATOM   550 O O   . LYS A 1 73  ? -0.827  16.195  2.671   1.00 42.30 ? 317 LYS A O   1 
ATOM   551 C CB  . LYS A 1 73  ? 1.631   14.162  2.377   1.00 44.40 ? 317 LYS A CB  1 
ATOM   552 C CG  . LYS A 1 73  ? 2.331   14.746  1.193   1.00 45.71 ? 317 LYS A CG  1 
ATOM   553 C CD  . LYS A 1 73  ? 3.787   14.964  1.484   1.00 49.89 ? 317 LYS A CD  1 
ATOM   554 C CE  . LYS A 1 73  ? 4.473   15.624  0.291   1.00 49.81 ? 317 LYS A CE  1 
ATOM   555 N NZ  . LYS A 1 73  ? 5.921   15.350  0.248   1.00 49.80 ? 317 LYS A NZ  1 
ATOM   556 N N   . ASP A 1 74  ? -0.692  15.541  0.524   1.00 40.21 ? 318 ASP A N   1 
ATOM   557 C CA  . ASP A 1 74  ? -1.156  16.797  -0.041  1.00 41.03 ? 318 ASP A CA  1 
ATOM   558 C C   . ASP A 1 74  ? -2.257  16.558  -1.054  1.00 39.27 ? 318 ASP A C   1 
ATOM   559 O O   . ASP A 1 74  ? -1.993  16.175  -2.194  1.00 40.87 ? 318 ASP A O   1 
ATOM   560 C CB  . ASP A 1 74  ? 0.019   17.488  -0.701  1.00 42.11 ? 318 ASP A CB  1 
ATOM   561 C CG  . ASP A 1 74  ? -0.319  18.900  -1.181  1.00 46.50 ? 318 ASP A CG  1 
ATOM   562 O OD1 . ASP A 1 74  ? -1.507  19.276  -1.245  1.00 50.13 ? 318 ASP A OD1 1 
ATOM   563 O OD2 . ASP A 1 74  ? 0.565   19.696  -1.506  1.00 48.62 ? 318 ASP A OD2 1 
ATOM   564 N N   . VAL A 1 75  ? -3.492  16.807  -0.652  1.00 38.23 ? 319 VAL A N   1 
ATOM   565 C CA  . VAL A 1 75  ? -4.634  16.644  -1.538  1.00 43.31 ? 319 VAL A CA  1 
ATOM   566 C C   . VAL A 1 75  ? -4.822  17.777  -2.538  1.00 44.60 ? 319 VAL A C   1 
ATOM   567 O O   . VAL A 1 75  ? -5.747  17.716  -3.356  1.00 46.33 ? 319 VAL A O   1 
ATOM   568 C CB  . VAL A 1 75  ? -5.955  16.445  -0.752  1.00 45.24 ? 319 VAL A CB  1 
ATOM   569 C CG1 . VAL A 1 75  ? -5.906  15.138  0.016   1.00 46.44 ? 319 VAL A CG1 1 
ATOM   570 C CG2 . VAL A 1 75  ? -6.245  17.648  0.189   1.00 48.16 ? 319 VAL A CG2 1 
ATOM   571 N N   . ASN A 1 76  ? -3.959  18.791  -2.458  1.00 47.81 ? 320 ASN A N   1 
ATOM   572 C CA  . ASN A 1 76  ? -3.978  19.939  -3.362  1.00 52.06 ? 320 ASN A CA  1 
ATOM   573 C C   . ASN A 1 76  ? -2.851  19.960  -4.398  1.00 52.64 ? 320 ASN A C   1 
ATOM   574 O O   . ASN A 1 76  ? -2.540  21.014  -4.940  1.00 52.26 ? 320 ASN A O   1 
ATOM   575 C CB  . ASN A 1 76  ? -3.952  21.236  -2.537  1.00 51.14 ? 320 ASN A CB  1 
ATOM   576 C CG  . ASN A 1 76  ? -5.119  21.327  -1.593  1.00 49.56 ? 320 ASN A CG  1 
ATOM   577 O OD1 . ASN A 1 76  ? -6.263  21.169  -2.010  1.00 46.61 ? 320 ASN A OD1 1 
ATOM   578 N ND2 . ASN A 1 76  ? -4.842  21.539  -0.308  1.00 53.80 ? 320 ASN A ND2 1 
ATOM   579 N N   . ILE A 1 77  ? -2.240  18.808  -4.679  1.00 47.10 ? 321 ILE A N   1 
ATOM   580 C CA  . ILE A 1 77  ? -1.259  18.743  -5.761  1.00 45.25 ? 321 ILE A CA  1 
ATOM   581 C C   . ILE A 1 77  ? -1.899  18.939  -7.140  1.00 46.32 ? 321 ILE A C   1 
ATOM   582 O O   . ILE A 1 77  ? -3.064  18.652  -7.349  1.00 45.12 ? 321 ILE A O   1 
ATOM   583 C CB  . ILE A 1 77  ? -0.459  17.407  -5.750  1.00 47.13 ? 321 ILE A CB  1 
ATOM   584 C CG1 . ILE A 1 77  ? -1.390  16.207  -5.980  1.00 46.72 ? 321 ILE A CG1 1 
ATOM   585 C CG2 . ILE A 1 77  ? 0.336   17.295  -4.446  1.00 46.30 ? 321 ILE A CG2 1 
ATOM   586 C CD1 . ILE A 1 77  ? -0.662  14.885  -6.228  1.00 46.48 ? 321 ILE A CD1 1 
ATOM   587 N N   . THR A 1 78  ? -1.056  19.362  -8.066  1.00 49.33 ? 322 THR A N   1 
ATOM   588 C CA  . THR A 1 78  ? -1.421  19.841  -9.403  1.00 54.72 ? 322 THR A CA  1 
ATOM   589 C C   . THR A 1 78  ? -1.163  18.796  -10.487 1.00 53.60 ? 322 THR A C   1 
ATOM   590 O O   . THR A 1 78  ? -1.866  18.746  -11.497 1.00 56.16 ? 322 THR A O   1 
ATOM   591 C CB  . THR A 1 78  ? -0.565  21.125  -9.672  1.00 54.83 ? 322 THR A CB  1 
ATOM   592 O OG1 . THR A 1 78  ? -1.374  22.273  -9.453  1.00 59.03 ? 322 THR A OG1 1 
ATOM   593 C CG2 . THR A 1 78  ? -0.075  21.256  -11.131 1.00 62.30 ? 322 THR A CG2 1 
ATOM   594 N N   . LYS A 1 79  ? -0.134  17.984  -10.266 1.00 46.56 ? 323 LYS A N   1 
ATOM   595 C CA  . LYS A 1 79  ? 0.304   16.945  -11.174 1.00 44.21 ? 323 LYS A CA  1 
ATOM   596 C C   . LYS A 1 79  ? 0.500   15.672  -10.329 1.00 39.86 ? 323 LYS A C   1 
ATOM   597 O O   . LYS A 1 79  ? 0.536   15.779  -9.100  1.00 37.40 ? 323 LYS A O   1 
ATOM   598 C CB  . LYS A 1 79  ? 1.621   17.345  -11.816 1.00 47.64 ? 323 LYS A CB  1 
ATOM   599 C CG  . LYS A 1 79  ? 2.704   17.790  -10.820 1.00 54.26 ? 323 LYS A CG  1 
ATOM   600 C CD  . LYS A 1 79  ? 3.750   18.714  -11.467 1.00 60.73 ? 323 LYS A CD  1 
ATOM   601 C CE  . LYS A 1 79  ? 4.882   19.100  -10.500 1.00 62.04 ? 323 LYS A CE  1 
ATOM   602 N NZ  . LYS A 1 79  ? 5.987   18.075  -10.433 1.00 63.90 ? 323 LYS A NZ  1 
ATOM   603 N N   . PRO A 1 80  ? 0.601   14.505  -10.968 1.00 38.65 ? 324 PRO A N   1 
ATOM   604 C CA  . PRO A 1 80  ? 0.809   13.244  -10.233 1.00 35.49 ? 324 PRO A CA  1 
ATOM   605 C C   . PRO A 1 80  ? 2.080   13.211  -9.384  1.00 35.86 ? 324 PRO A C   1 
ATOM   606 O O   . PRO A 1 80  ? 3.097   13.793  -9.748  1.00 38.67 ? 324 PRO A O   1 
ATOM   607 C CB  . PRO A 1 80  ? 0.845   12.177  -11.337 1.00 35.89 ? 324 PRO A CB  1 
ATOM   608 C CG  . PRO A 1 80  ? 0.110   12.814  -12.519 1.00 39.48 ? 324 PRO A CG  1 
ATOM   609 C CD  . PRO A 1 80  ? 0.452   14.262  -12.420 1.00 40.20 ? 324 PRO A CD  1 
ATOM   610 N N   . ALA A 1 81  ? 1.987   12.491  -8.264  1.00 30.43 ? 325 ALA A N   1 
ATOM   611 C CA  . ALA A 1 81  ? 3.041   12.383  -7.271  1.00 32.97 ? 325 ALA A CA  1 
ATOM   612 C C   . ALA A 1 81  ? 3.405   10.908  -7.193  1.00 30.98 ? 325 ALA A C   1 
ATOM   613 O O   . ALA A 1 81  ? 2.554   10.084  -6.903  1.00 29.56 ? 325 ALA A O   1 
ATOM   614 C CB  . ALA A 1 81  ? 2.545   12.864  -5.938  1.00 34.25 ? 325 ALA A CB  1 
ATOM   615 N N   . SER A 1 82  ? 4.651   10.598  -7.534  1.00 30.10 ? 326 SER A N   1 
ATOM   616 C CA  . SER A 1 82  ? 5.122   9.230   -7.566  1.00 33.37 ? 326 SER A CA  1 
ATOM   617 C C   . SER A 1 82  ? 5.634   8.788   -6.190  1.00 35.96 ? 326 SER A C   1 
ATOM   618 O O   . SER A 1 82  ? 6.503   9.441   -5.611  1.00 29.94 ? 326 SER A O   1 
ATOM   619 C CB  . SER A 1 82  ? 6.200   9.114   -8.633  1.00 37.32 ? 326 SER A CB  1 
ATOM   620 O OG  . SER A 1 82  ? 6.284   7.755   -9.009  1.00 47.32 ? 326 SER A OG  1 
ATOM   621 N N   . VAL A 1 83  ? 5.085   7.693   -5.654  1.00 24.26 ? 327 VAL A N   1 
ATOM   622 C CA  . VAL A 1 83  ? 5.436   7.226   -4.317  1.00 28.21 ? 327 VAL A CA  1 
ATOM   623 C C   . VAL A 1 83  ? 5.747   5.749   -4.465  1.00 26.17 ? 327 VAL A C   1 
ATOM   624 O O   . VAL A 1 83  ? 5.739   5.204   -5.583  1.00 27.27 ? 327 VAL A O   1 
ATOM   625 C CB  . VAL A 1 83  ? 4.333   7.509   -3.234  1.00 26.31 ? 327 VAL A CB  1 
ATOM   626 C CG1 . VAL A 1 83  ? 3.923   8.973   -3.183  1.00 29.49 ? 327 VAL A CG1 1 
ATOM   627 C CG2 . VAL A 1 83  ? 3.122   6.582   -3.398  1.00 28.39 ? 327 VAL A CG2 1 
ATOM   628 N N   . PHE A 1 84  ? 6.062   5.101   -3.358  1.00 25.09 ? 328 PHE A N   1 
ATOM   629 C CA  . PHE A 1 84  ? 6.294   3.652   -3.380  1.00 24.16 ? 328 PHE A CA  1 
ATOM   630 C C   . PHE A 1 84  ? 5.364   2.952   -2.423  1.00 24.03 ? 328 PHE A C   1 
ATOM   631 O O   . PHE A 1 84  ? 4.854   3.575   -1.499  1.00 23.45 ? 328 PHE A O   1 
ATOM   632 C CB  . PHE A 1 84  ? 7.715   3.367   -2.984  1.00 28.31 ? 328 PHE A CB  1 
ATOM   633 C CG  . PHE A 1 84  ? 8.695   3.744   -4.041  1.00 35.07 ? 328 PHE A CG  1 
ATOM   634 C CD1 . PHE A 1 84  ? 8.908   2.909   -5.117  1.00 39.25 ? 328 PHE A CD1 1 
ATOM   635 C CD2 . PHE A 1 84  ? 9.343   4.977   -3.992  1.00 40.48 ? 328 PHE A CD2 1 
ATOM   636 C CE1 . PHE A 1 84  ? 9.802   3.245   -6.126  1.00 44.05 ? 328 PHE A CE1 1 
ATOM   637 C CE2 . PHE A 1 84  ? 10.254  5.328   -5.005  1.00 45.04 ? 328 PHE A CE2 1 
ATOM   638 C CZ  . PHE A 1 84  ? 10.482  4.462   -6.063  1.00 46.31 ? 328 PHE A CZ  1 
ATOM   639 N N   . VAL A 1 85  ? 5.118   1.664   -2.664  1.00 22.49 ? 329 VAL A N   1 
ATOM   640 C CA  . VAL A 1 85  ? 4.331   0.857   -1.762  1.00 23.89 ? 329 VAL A CA  1 
ATOM   641 C C   . VAL A 1 85  ? 5.140   -0.366  -1.442  1.00 21.17 ? 329 VAL A C   1 
ATOM   642 O O   . VAL A 1 85  ? 5.740   -0.970  -2.332  1.00 24.65 ? 329 VAL A O   1 
ATOM   643 C CB  . VAL A 1 85  ? 2.978   0.411   -2.419  1.00 28.33 ? 329 VAL A CB  1 
ATOM   644 C CG1 . VAL A 1 85  ? 2.092   -0.298  -1.404  1.00 25.95 ? 329 VAL A CG1 1 
ATOM   645 C CG2 . VAL A 1 85  ? 2.277   1.569   -2.930  1.00 36.35 ? 329 VAL A CG2 1 
ATOM   646 N N   . GLN A 1 86  ? 5.160   -0.762  -0.172  1.00 22.18 ? 330 GLN A N   1 
ATOM   647 C CA  . GLN A 1 86  ? 5.805   -2.025  0.237   1.00 24.96 ? 330 GLN A CA  1 
ATOM   648 C C   . GLN A 1 86  ? 4.929   -2.762  1.241   1.00 24.00 ? 330 GLN A C   1 
ATOM   649 O O   . GLN A 1 86  ? 4.166   -2.145  1.994   1.00 24.30 ? 330 GLN A O   1 
ATOM   650 C CB  . GLN A 1 86  ? 7.192   -1.724  0.879   1.00 27.29 ? 330 GLN A CB  1 
ATOM   651 C CG  . GLN A 1 86  ? 7.034   -1.064  2.227   1.00 29.14 ? 330 GLN A CG  1 
ATOM   652 C CD  . GLN A 1 86  ? 8.309   -0.436  2.845   1.00 33.68 ? 330 GLN A CD  1 
ATOM   653 O OE1 . GLN A 1 86  ? 8.218   0.137   3.906   1.00 36.48 ? 330 GLN A OE1 1 
ATOM   654 N NE2 . GLN A 1 86  ? 9.430   -0.543  2.191   1.00 27.72 ? 330 GLN A NE2 1 
ATOM   655 N N   . LEU A 1 87  ? 5.049   -4.103  1.281   1.00 24.82 ? 331 LEU A N   1 
ATOM   656 C CA  . LEU A 1 87  ? 4.612   -4.828  2.460   1.00 20.98 ? 331 LEU A CA  1 
ATOM   657 C C   . LEU A 1 87  ? 5.614   -4.612  3.585   1.00 26.11 ? 331 LEU A C   1 
ATOM   658 O O   . LEU A 1 87  ? 6.800   -4.478  3.334   1.00 24.72 ? 331 LEU A O   1 
ATOM   659 C CB  . LEU A 1 87  ? 4.498   -6.328  2.198   1.00 19.62 ? 331 LEU A CB  1 
ATOM   660 C CG  . LEU A 1 87  ? 3.440   -6.667  1.158   1.00 24.95 ? 331 LEU A CG  1 
ATOM   661 C CD1 . LEU A 1 87  ? 3.651   -8.053  0.575   1.00 25.60 ? 331 LEU A CD1 1 
ATOM   662 C CD2 . LEU A 1 87  ? 2.056   -6.510  1.767   1.00 27.71 ? 331 LEU A CD2 1 
ATOM   663 N N   . ARG A 1 88  ? 5.103   -4.597  4.796   1.00 21.57 ? 332 ARG A N   1 
ATOM   664 C CA  . ARG A 1 88  ? 5.916   -4.578  6.005   1.00 25.48 ? 332 ARG A CA  1 
ATOM   665 C C   . ARG A 1 88  ? 5.288   -5.373  7.131   1.00 24.61 ? 332 ARG A C   1 
ATOM   666 O O   . ARG A 1 88  ? 4.108   -5.219  7.469   1.00 25.26 ? 332 ARG A O   1 
ATOM   667 C CB  . ARG A 1 88  ? 6.169   -3.137  6.447   1.00 24.08 ? 332 ARG A CB  1 
ATOM   668 C CG  . ARG A 1 88  ? 7.202   -3.034  7.601   1.00 23.76 ? 332 ARG A CG  1 
ATOM   669 C CD  . ARG A 1 88  ? 7.716   -1.614  7.803   1.00 24.47 ? 332 ARG A CD  1 
ATOM   670 N NE  . ARG A 1 88  ? 6.731   -0.834  8.507   1.00 25.36 ? 332 ARG A NE  1 
ATOM   671 C CZ  . ARG A 1 88  ? 6.915   0.437   8.871   1.00 24.98 ? 332 ARG A CZ  1 
ATOM   672 N NH1 . ARG A 1 88  ? 8.038   1.079   8.585   1.00 28.70 ? 332 ARG A NH1 1 
ATOM   673 N NH2 . ARG A 1 88  ? 5.998   1.039   9.555   1.00 25.53 ? 332 ARG A NH2 1 
ATOM   674 N N   . ARG A 1 89  ? 6.104   -6.223  7.751   1.00 27.23 ? 333 ARG A N   1 
ATOM   675 C CA  . ARG A 1 89  ? 5.720   -6.949  8.927   1.00 29.16 ? 333 ARG A CA  1 
ATOM   676 C C   . ARG A 1 89  ? 5.713   -6.032  10.146  1.00 30.79 ? 333 ARG A C   1 
ATOM   677 O O   . ARG A 1 89  ? 6.645   -5.233  10.369  1.00 29.67 ? 333 ARG A O   1 
ATOM   678 C CB  . ARG A 1 89  ? 6.689   -8.121  9.082   1.00 32.71 ? 333 ARG A CB  1 
ATOM   679 C CG  . ARG A 1 89  ? 6.215   -9.216  9.943   1.00 39.80 ? 333 ARG A CG  1 
ATOM   680 C CD  . ARG A 1 89  ? 6.808   -10.585 9.626   1.00 41.06 ? 333 ARG A CD  1 
ATOM   681 N NE  . ARG A 1 89  ? 8.257   -10.537 9.427   1.00 39.90 ? 333 ARG A NE  1 
ATOM   682 C CZ  . ARG A 1 89  ? 8.899   -11.182 8.468   1.00 37.88 ? 333 ARG A CZ  1 
ATOM   683 N NH1 . ARG A 1 89  ? 8.255   -11.956 7.618   1.00 42.54 ? 333 ARG A NH1 1 
ATOM   684 N NH2 . ARG A 1 89  ? 10.216  -11.071 8.353   1.00 39.33 ? 333 ARG A NH2 1 
ATOM   685 N N   . LYS A 1 90  ? 4.655   -6.116  10.932  1.00 28.73 ? 334 LYS A N   1 
ATOM   686 C CA  . LYS A 1 90  ? 4.494   -5.229  12.071  1.00 33.86 ? 334 LYS A CA  1 
ATOM   687 C C   . LYS A 1 90  ? 5.522   -5.625  13.132  1.00 34.47 ? 334 LYS A C   1 
ATOM   688 O O   . LYS A 1 90  ? 6.065   -4.766  13.815  1.00 34.78 ? 334 LYS A O   1 
ATOM   689 C CB  . LYS A 1 90  ? 3.098   -5.318  12.638  1.00 34.47 ? 334 LYS A CB  1 
ATOM   690 C CG  . LYS A 1 90  ? 2.030   -4.722  11.750  1.00 38.61 ? 334 LYS A CG  1 
ATOM   691 C CD  . LYS A 1 90  ? 0.680   -4.898  12.407  1.00 46.37 ? 334 LYS A CD  1 
ATOM   692 C CE  . LYS A 1 90  ? -0.444  -4.320  11.585  1.00 48.85 ? 334 LYS A CE  1 
ATOM   693 N NZ  . LYS A 1 90  ? -1.673  -4.220  12.434  1.00 50.94 ? 334 LYS A NZ  1 
ATOM   694 N N   . SER A 1 91  ? 5.842   -6.907  13.188  1.00 32.18 ? 335 SER A N   1 
ATOM   695 C CA  . SER A 1 91  ? 6.603   -7.449  14.315  1.00 33.61 ? 335 SER A CA  1 
ATOM   696 C C   . SER A 1 91  ? 8.066   -7.035  14.269  1.00 34.88 ? 335 SER A C   1 
ATOM   697 O O   . SER A 1 91  ? 8.592   -6.547  15.257  1.00 39.95 ? 335 SER A O   1 
ATOM   698 C CB  . SER A 1 91  ? 6.435   -8.973  14.376  1.00 34.34 ? 335 SER A CB  1 
ATOM   699 O OG  . SER A 1 91  ? 6.952   -9.671  13.245  1.00 33.02 ? 335 SER A OG  1 
ATOM   700 N N   . ASP A 1 92  ? 8.695   -7.210  13.111  1.00 33.63 ? 336 ASP A N   1 
ATOM   701 C CA  . ASP A 1 92  ? 10.139  -7.005  12.937  1.00 36.87 ? 336 ASP A CA  1 
ATOM   702 C C   . ASP A 1 92  ? 10.493  -6.002  11.857  1.00 33.59 ? 336 ASP A C   1 
ATOM   703 O O   . ASP A 1 92  ? 11.665  -5.781  11.584  1.00 32.35 ? 336 ASP A O   1 
ATOM   704 C CB  . ASP A 1 92  ? 10.860  -8.343  12.725  1.00 31.40 ? 336 ASP A CB  1 
ATOM   705 C CG  . ASP A 1 92  ? 10.572  -8.982  11.402  1.00 37.94 ? 336 ASP A CG  1 
ATOM   706 O OD1 . ASP A 1 92  ? 9.735   -8.471  10.600  1.00 34.72 ? 336 ASP A OD1 1 
ATOM   707 O OD2 . ASP A 1 92  ? 11.130  -10.033 11.076  1.00 37.91 ? 336 ASP A OD2 1 
ATOM   708 N N   . LEU A 1 93  ? 9.460   -5.368  11.285  1.00 30.12 ? 337 LEU A N   1 
ATOM   709 C CA  . LEU A 1 93  ? 9.603   -4.310  10.299  1.00 28.63 ? 337 LEU A CA  1 
ATOM   710 C C   . LEU A 1 93  ? 10.314  -4.720  9.025   1.00 24.94 ? 337 LEU A C   1 
ATOM   711 O O   . LEU A 1 93  ? 10.805  -3.885  8.260   1.00 31.52 ? 337 LEU A O   1 
ATOM   712 C CB  . LEU A 1 93  ? 10.251  -3.071  10.956  1.00 26.10 ? 337 LEU A CB  1 
ATOM   713 C CG  . LEU A 1 93  ? 9.425   -2.344  11.989  1.00 32.15 ? 337 LEU A CG  1 
ATOM   714 C CD1 . LEU A 1 93  ? 10.177  -1.093  12.369  1.00 35.28 ? 337 LEU A CD1 1 
ATOM   715 C CD2 . LEU A 1 93  ? 8.032   -1.979  11.546  1.00 36.90 ? 337 LEU A CD2 1 
ATOM   716 N N   . GLU A 1 94  ? 10.354  -6.013  8.751   1.00 22.14 ? 338 GLU A N   1 
ATOM   717 C CA  . GLU A 1 94  ? 10.927  -6.504  7.533   1.00 26.59 ? 338 GLU A CA  1 
ATOM   718 C C   . GLU A 1 94  ? 9.975   -6.049  6.398   1.00 25.69 ? 338 GLU A C   1 
ATOM   719 O O   . GLU A 1 94  ? 8.761   -5.982  6.595   1.00 26.12 ? 338 GLU A O   1 
ATOM   720 C CB  . GLU A 1 94  ? 11.059  -8.036  7.605   1.00 31.25 ? 338 GLU A CB  1 
ATOM   721 C CG  . GLU A 1 94  ? 11.778  -8.704  6.443   1.00 40.06 ? 338 GLU A CG  1 
ATOM   722 C CD  . GLU A 1 94  ? 13.296  -8.517  6.476   1.00 49.59 ? 338 GLU A CD  1 
ATOM   723 O OE1 . GLU A 1 94  ? 13.925  -8.708  5.412   1.00 54.53 ? 338 GLU A OE1 1 
ATOM   724 O OE2 . GLU A 1 94  ? 13.861  -8.165  7.548   1.00 54.43 ? 338 GLU A OE2 1 
ATOM   725 N N   . THR A 1 95  ? 10.539  -5.705  5.250   1.00 22.99 ? 339 THR A N   1 
ATOM   726 C CA  . THR A 1 95  ? 9.774   -5.138  4.128   1.00 26.27 ? 339 THR A CA  1 
ATOM   727 C C   . THR A 1 95  ? 9.962   -5.928  2.841   1.00 32.09 ? 339 THR A C   1 
ATOM   728 O O   . THR A 1 95  ? 10.961  -6.660  2.663   1.00 30.69 ? 339 THR A O   1 
ATOM   729 C CB  . THR A 1 95  ? 10.151  -3.668  3.862   1.00 30.71 ? 339 THR A CB  1 
ATOM   730 O OG1 . THR A 1 95  ? 11.584  -3.527  3.661   1.00 31.35 ? 339 THR A OG1 1 
ATOM   731 C CG2 . THR A 1 95  ? 9.854   -2.807  5.036   1.00 31.51 ? 339 THR A CG2 1 
ATOM   732 N N   . SER A 1 96  ? 9.003   -5.761  1.922   1.00 27.35 ? 340 SER A N   1 
ATOM   733 C CA  . SER A 1 96  ? 9.161   -6.245  0.572   1.00 24.57 ? 340 SER A CA  1 
ATOM   734 C C   . SER A 1 96  ? 9.937   -5.194  -0.177  1.00 27.96 ? 340 SER A C   1 
ATOM   735 O O   . SER A 1 96  ? 10.076  -4.073  0.307   1.00 28.23 ? 340 SER A O   1 
ATOM   736 C CB  . SER A 1 96  ? 7.803   -6.479  -0.102  1.00 26.94 ? 340 SER A CB  1 
ATOM   737 O OG  . SER A 1 96  ? 7.099   -5.241  -0.246  1.00 21.16 ? 340 SER A OG  1 
ATOM   738 N N   . GLU A 1 97  ? 10.455  -5.569  -1.349  1.00 28.70 ? 341 GLU A N   1 
ATOM   739 C CA  . GLU A 1 97  ? 10.868  -4.602  -2.348  1.00 31.91 ? 341 GLU A CA  1 
ATOM   740 C C   . GLU A 1 97  ? 9.657   -3.713  -2.679  1.00 30.13 ? 341 GLU A C   1 
ATOM   741 O O   . GLU A 1 97  ? 8.496   -4.169  -2.648  1.00 29.37 ? 341 GLU A O   1 
ATOM   742 C CB  . GLU A 1 97  ? 11.378  -5.284  -3.627  1.00 35.39 ? 341 GLU A CB  1 
ATOM   743 C CG  . GLU A 1 97  ? 12.745  -5.950  -3.486  1.00 41.82 ? 341 GLU A CG  1 
ATOM   744 C CD  . GLU A 1 97  ? 13.815  -5.021  -2.922  1.00 43.51 ? 341 GLU A CD  1 
ATOM   745 O OE1 . GLU A 1 97  ? 13.981  -3.903  -3.442  1.00 43.38 ? 341 GLU A OE1 1 
ATOM   746 O OE2 . GLU A 1 97  ? 14.443  -5.389  -1.915  1.00 49.54 ? 341 GLU A OE2 1 
ATOM   747 N N   . PRO A 1 98  ? 9.912   -2.444  -2.931  1.00 30.42 ? 342 PRO A N   1 
ATOM   748 C CA  . PRO A 1 98  ? 8.834   -1.503  -3.193  1.00 33.07 ? 342 PRO A CA  1 
ATOM   749 C C   . PRO A 1 98  ? 8.334   -1.612  -4.636  1.00 35.95 ? 342 PRO A C   1 
ATOM   750 O O   . PRO A 1 98  ? 9.035   -2.104  -5.543  1.00 30.67 ? 342 PRO A O   1 
ATOM   751 C CB  . PRO A 1 98  ? 9.494   -0.147  -2.930  1.00 32.60 ? 342 PRO A CB  1 
ATOM   752 C CG  . PRO A 1 98  ? 10.885  -0.327  -3.268  1.00 32.66 ? 342 PRO A CG  1 
ATOM   753 C CD  . PRO A 1 98  ? 11.227  -1.755  -2.958  1.00 34.16 ? 342 PRO A CD  1 
ATOM   754 N N   . LYS A 1 99  ? 7.095   -1.164  -4.808  1.00 27.55 ? 343 LYS A N   1 
ATOM   755 C CA  . LYS A 1 99  ? 6.454   -1.032  -6.097  1.00 28.29 ? 343 LYS A CA  1 
ATOM   756 C C   . LYS A 1 99  ? 6.146   0.448   -6.287  1.00 23.41 ? 343 LYS A C   1 
ATOM   757 O O   . LYS A 1 99  ? 5.699   1.078   -5.346  1.00 23.24 ? 343 LYS A O   1 
ATOM   758 C CB  . LYS A 1 99  ? 5.132   -1.818  -6.105  1.00 31.30 ? 343 LYS A CB  1 
ATOM   759 C CG  . LYS A 1 99  ? 5.274   -3.356  -6.055  1.00 37.60 ? 343 LYS A CG  1 
ATOM   760 C CD  . LYS A 1 99  ? 6.085   -3.847  -7.258  1.00 45.87 ? 343 LYS A CD  1 
ATOM   761 C CE  . LYS A 1 99  ? 6.181   -5.361  -7.362  1.00 50.21 ? 343 LYS A CE  1 
ATOM   762 N NZ  . LYS A 1 99  ? 6.631   -5.738  -8.763  1.00 52.21 ? 343 LYS A NZ  1 
ATOM   763 N N   . PRO A 1 100 ? 6.294   0.994   -7.489  1.00 27.32 ? 344 PRO A N   1 
ATOM   764 C CA  . PRO A 1 100 ? 5.862   2.376   -7.749  1.00 27.41 ? 344 PRO A CA  1 
ATOM   765 C C   . PRO A 1 100 ? 4.334   2.517   -7.757  1.00 27.25 ? 344 PRO A C   1 
ATOM   766 O O   . PRO A 1 100 ? 3.598   1.589   -8.136  1.00 26.81 ? 344 PRO A O   1 
ATOM   767 C CB  . PRO A 1 100 ? 6.461   2.668   -9.133  1.00 29.27 ? 344 PRO A CB  1 
ATOM   768 C CG  . PRO A 1 100 ? 6.514   1.379   -9.770  1.00 36.54 ? 344 PRO A CG  1 
ATOM   769 C CD  . PRO A 1 100 ? 6.876   0.380   -8.704  1.00 32.30 ? 344 PRO A CD  1 
ATOM   770 N N   . PHE A 1 101 ? 3.879   3.667   -7.304  1.00 24.27 ? 345 PHE A N   1 
ATOM   771 C CA  . PHE A 1 101 ? 2.448   3.991   -7.198  1.00 22.91 ? 345 PHE A CA  1 
ATOM   772 C C   . PHE A 1 101 ? 2.324   5.454   -7.507  1.00 22.91 ? 345 PHE A C   1 
ATOM   773 O O   . PHE A 1 101 ? 3.107   6.294   -7.011  1.00 24.35 ? 345 PHE A O   1 
ATOM   774 C CB  . PHE A 1 101 ? 1.930   3.722   -5.791  1.00 27.85 ? 345 PHE A CB  1 
ATOM   775 C CG  . PHE A 1 101 ? 0.449   3.914   -5.638  1.00 23.95 ? 345 PHE A CG  1 
ATOM   776 C CD1 . PHE A 1 101 ? -0.427  2.886   -5.940  1.00 24.25 ? 345 PHE A CD1 1 
ATOM   777 C CD2 . PHE A 1 101 ? -0.070  5.131   -5.222  1.00 25.82 ? 345 PHE A CD2 1 
ATOM   778 C CE1 . PHE A 1 101 ? -1.808  3.077   -5.815  1.00 29.54 ? 345 PHE A CE1 1 
ATOM   779 C CE2 . PHE A 1 101 ? -1.452  5.321   -5.093  1.00 27.90 ? 345 PHE A CE2 1 
ATOM   780 C CZ  . PHE A 1 101 ? -2.312  4.309   -5.416  1.00 21.76 ? 345 PHE A CZ  1 
ATOM   781 N N   . LEU A 1 102 ? 1.349   5.791   -8.332  1.00 23.81 ? 346 LEU A N   1 
ATOM   782 C CA  . LEU A 1 102 ? 1.116   7.172   -8.692  1.00 25.31 ? 346 LEU A CA  1 
ATOM   783 C C   . LEU A 1 102 ? -0.147  7.737   -8.055  1.00 25.41 ? 346 LEU A C   1 
ATOM   784 O O   . LEU A 1 102 ? -1.256  7.278   -8.306  1.00 27.25 ? 346 LEU A O   1 
ATOM   785 C CB  . LEU A 1 102 ? 0.968   7.252   -10.199 1.00 30.89 ? 346 LEU A CB  1 
ATOM   786 C CG  . LEU A 1 102 ? 1.508   8.411   -10.985 1.00 38.54 ? 346 LEU A CG  1 
ATOM   787 C CD1 . LEU A 1 102 ? 2.816   9.028   -10.468 1.00 39.75 ? 346 LEU A CD1 1 
ATOM   788 C CD2 . LEU A 1 102 ? 1.688   7.884   -12.438 1.00 38.14 ? 346 LEU A CD2 1 
ATOM   789 N N   . TYR A 1 103 ? 0.030   8.777   -7.251  1.00 28.84 ? 347 TYR A N   1 
ATOM   790 C CA  . TYR A 1 103 ? -1.101  9.531   -6.751  1.00 28.50 ? 347 TYR A CA  1 
ATOM   791 C C   . TYR A 1 103 ? -1.458  10.663  -7.746  1.00 27.21 ? 347 TYR A C   1 
ATOM   792 O O   . TYR A 1 103 ? -0.585  11.361  -8.227  1.00 30.55 ? 347 TYR A O   1 
ATOM   793 C CB  . TYR A 1 103 ? -0.748  10.122  -5.389  1.00 27.12 ? 347 TYR A CB  1 
ATOM   794 C CG  . TYR A 1 103 ? -1.073  9.250   -4.163  1.00 26.85 ? 347 TYR A CG  1 
ATOM   795 C CD1 . TYR A 1 103 ? -2.399  8.930   -3.834  1.00 27.51 ? 347 TYR A CD1 1 
ATOM   796 C CD2 . TYR A 1 103 ? -0.070  8.786   -3.337  1.00 29.98 ? 347 TYR A CD2 1 
ATOM   797 C CE1 . TYR A 1 103 ? -2.709  8.145   -2.702  1.00 27.77 ? 347 TYR A CE1 1 
ATOM   798 C CE2 . TYR A 1 103 ? -0.364  7.978   -2.211  1.00 30.63 ? 347 TYR A CE2 1 
ATOM   799 C CZ  . TYR A 1 103 ? -1.665  7.696   -1.894  1.00 29.45 ? 347 TYR A CZ  1 
ATOM   800 O OH  . TYR A 1 103 ? -1.916  6.969   -0.766  1.00 29.14 ? 347 TYR A OH  1 
ATOM   801 N N   . TYR A 1 104 ? -2.729  10.858  -8.019  1.00 31.86 ? 348 TYR A N   1 
ATOM   802 C CA  . TYR A 1 104 ? -3.127  11.950  -8.924  1.00 31.82 ? 348 TYR A CA  1 
ATOM   803 C C   . TYR A 1 104 ? -4.144  12.871  -8.273  1.00 35.93 ? 348 TYR A C   1 
ATOM   804 O O   . TYR A 1 104 ? -4.904  12.469  -7.376  1.00 29.02 ? 348 TYR A O   1 
ATOM   805 C CB  . TYR A 1 104 ? -3.674  11.426  -10.264 1.00 30.07 ? 348 TYR A CB  1 
ATOM   806 C CG  . TYR A 1 104 ? -4.766  10.410  -10.146 1.00 27.47 ? 348 TYR A CG  1 
ATOM   807 C CD1 . TYR A 1 104 ? -6.068  10.783  -9.877  1.00 29.21 ? 348 TYR A CD1 1 
ATOM   808 C CD2 . TYR A 1 104 ? -4.488  9.057   -10.301 1.00 29.75 ? 348 TYR A CD2 1 
ATOM   809 C CE1 . TYR A 1 104 ? -7.060  9.851   -9.772  1.00 33.10 ? 348 TYR A CE1 1 
ATOM   810 C CE2 . TYR A 1 104 ? -5.458  8.117   -10.183 1.00 29.94 ? 348 TYR A CE2 1 
ATOM   811 C CZ  . TYR A 1 104 ? -6.742  8.514   -9.889  1.00 31.45 ? 348 TYR A CZ  1 
ATOM   812 O OH  . TYR A 1 104 ? -7.701  7.576   -9.784  1.00 37.26 ? 348 TYR A OH  1 
ATOM   813 N N   . PRO A 1 105 ? -4.189  14.111  -8.767  1.00 37.82 ? 349 PRO A N   1 
ATOM   814 C CA  . PRO A 1 105 ? -5.103  15.118  -8.220  1.00 39.14 ? 349 PRO A CA  1 
ATOM   815 C C   . PRO A 1 105 ? -6.569  14.719  -8.355  1.00 38.98 ? 349 PRO A C   1 
ATOM   816 O O   . PRO A 1 105 ? -6.974  13.943  -9.241  1.00 38.70 ? 349 PRO A O   1 
ATOM   817 C CB  . PRO A 1 105 ? -4.806  16.352  -9.076  1.00 37.63 ? 349 PRO A CB  1 
ATOM   818 C CG  . PRO A 1 105 ? -3.433  16.134  -9.593  1.00 38.18 ? 349 PRO A CG  1 
ATOM   819 C CD  . PRO A 1 105 ? -3.376  14.655  -9.871  1.00 35.88 ? 349 PRO A CD  1 
ATOM   820 N N   . GLU A 1 106 ? -7.383  15.251  -7.461  1.00 40.92 ? 350 GLU A N   1 
ATOM   821 C CA  . GLU A 1 106 ? -8.828  15.034  -7.544  1.00 42.32 ? 350 GLU A CA  1 
ATOM   822 C C   . GLU A 1 106 ? -9.448  15.784  -8.721  1.00 44.16 ? 350 GLU A C   1 
ATOM   823 O O   . GLU A 1 106 ? -8.922  16.851  -9.039  1.00 44.38 ? 350 GLU A O   1 
ATOM   824 C CB  . GLU A 1 106 ? -9.491  15.533  -6.261  1.00 47.60 ? 350 GLU A CB  1 
ATOM   825 C CG  . GLU A 1 106 ? -10.839 14.892  -6.026  1.00 49.47 ? 350 GLU A CG  1 
ATOM   826 C CD  . GLU A 1 106 ? -11.581 15.537  -4.891  1.00 51.34 ? 350 GLU A CD  1 
ATOM   827 O OE1 . GLU A 1 106 ? -11.315 16.722  -4.602  1.00 55.87 ? 350 GLU A OE1 1 
ATOM   828 O OE2 . GLU A 1 106 ? -12.440 14.856  -4.319  1.00 53.39 ? 350 GLU A OE2 1 
ATOM   829 O OXT . GLU A 1 106 ? -10.452 15.315  -9.276  1.00 44.46 ? 350 GLU A OXT 1 
HETATM 830 O O   . HOH B 2 .   ? -1.504  -1.156  6.470   1.00 24.56 ? 1   HOH A O   1 
HETATM 831 O O   . HOH B 2 .   ? 2.081   1.399   11.626  1.00 50.86 ? 2   HOH A O   1 
HETATM 832 O O   . HOH B 2 .   ? -5.369  4.308   5.719   1.00 51.38 ? 3   HOH A O   1 
HETATM 833 O O   . HOH B 2 .   ? -5.750  8.065   5.025   1.00 44.43 ? 4   HOH A O   1 
HETATM 834 O O   . HOH B 2 .   ? -7.676  5.253   3.770   1.00 35.45 ? 5   HOH A O   1 
HETATM 835 O O   . HOH B 2 .   ? -9.955  3.979   3.812   1.00 42.63 ? 6   HOH A O   1 
HETATM 836 O O   . HOH B 2 .   ? -14.118 -4.124  7.775   1.00 55.60 ? 7   HOH A O   1 
HETATM 837 O O   . HOH B 2 .   ? 7.694   -6.740  -3.673  1.00 26.03 ? 8   HOH A O   1 
HETATM 838 O O   . HOH B 2 .   ? 3.814   -0.659  -9.545  1.00 38.80 ? 9   HOH A O   1 
HETATM 839 O O   . HOH B 2 .   ? 3.437   3.059   -11.842 1.00 53.15 ? 10  HOH A O   1 
HETATM 840 O O   . HOH B 2 .   ? -6.450  6.447   -3.978  1.00 26.14 ? 11  HOH A O   1 
HETATM 841 O O   . HOH B 2 .   ? -3.356  1.214   -12.399 1.00 34.28 ? 12  HOH A O   1 
HETATM 842 O O   . HOH B 2 .   ? -2.909  1.175   -15.116 1.00 36.81 ? 13  HOH A O   1 
HETATM 843 O O   . HOH B 2 .   ? -5.429  -14.609 5.778   1.00 30.82 ? 14  HOH A O   1 
HETATM 844 O O   . HOH B 2 .   ? -11.305 -3.273  1.599   1.00 38.88 ? 15  HOH A O   1 
HETATM 845 O O   . HOH B 2 .   ? 4.792   -11.612 1.136   1.00 30.82 ? 16  HOH A O   1 
HETATM 846 O O   . HOH B 2 .   ? 4.119   10.831  7.328   1.00 36.15 ? 17  HOH A O   1 
HETATM 847 O O   . HOH B 2 .   ? 8.546   3.878   9.331   1.00 34.41 ? 18  HOH A O   1 
HETATM 848 O O   . HOH B 2 .   ? 1.365   -4.910  -10.386 1.00 38.93 ? 19  HOH A O   1 
HETATM 849 O O   . HOH B 2 .   ? -14.484 12.280  -3.552  1.00 43.03 ? 20  HOH A O   1 
HETATM 850 O O   . HOH B 2 .   ? 11.720  -1.424  7.861   1.00 33.26 ? 21  HOH A O   1 
HETATM 851 O O   . HOH B 2 .   ? -2.917  -2.943  10.293  1.00 50.12 ? 22  HOH A O   1 
HETATM 852 O O   . HOH B 2 .   ? 3.222   -11.276 7.673   1.00 32.18 ? 23  HOH A O   1 
HETATM 853 O O   . HOH B 2 .   ? 5.582   -12.233 6.313   1.00 46.06 ? 24  HOH A O   1 
HETATM 854 O O   . HOH B 2 .   ? -0.937  -14.075 -10.927 1.00 55.88 ? 25  HOH A O   1 
HETATM 855 O O   . HOH B 2 .   ? -11.146 -14.294 2.323   1.00 46.44 ? 26  HOH A O   1 
HETATM 856 O O   . HOH B 2 .   ? -5.859  -5.311  -12.942 1.00 34.27 ? 27  HOH A O   1 
HETATM 857 O O   . HOH B 2 .   ? -7.819  -17.117 6.878   1.00 50.34 ? 28  HOH A O   1 
HETATM 858 O O   . HOH B 2 .   ? -8.884  -13.497 6.779   1.00 39.61 ? 29  HOH A O   1 
HETATM 859 O O   . HOH B 2 .   ? -8.968  -15.841 4.654   1.00 37.54 ? 30  HOH A O   1 
HETATM 860 O O   . HOH B 2 .   ? -10.331 -21.056 1.777   1.00 54.03 ? 31  HOH A O   1 
HETATM 861 O O   . HOH B 2 .   ? -5.703  17.369  -5.969  1.00 52.99 ? 32  HOH A O   1 
HETATM 862 O O   . HOH B 2 .   ? 11.506  0.847   3.781   1.00 42.51 ? 33  HOH A O   1 
HETATM 863 O O   . HOH B 2 .   ? -4.295  -4.994  9.946   1.00 55.49 ? 34  HOH A O   1 
HETATM 864 O O   . HOH B 2 .   ? -2.048  -7.156  10.025  1.00 32.70 ? 35  HOH A O   1 
HETATM 865 O O   . HOH B 2 .   ? 10.176  0.508   6.704   1.00 32.55 ? 36  HOH A O   1 
HETATM 866 O O   . HOH B 2 .   ? 12.999  -1.543  4.409   1.00 34.95 ? 37  HOH A O   1 
HETATM 867 O O   . HOH B 2 .   ? 1.238   3.612   -12.264 1.00 32.99 ? 38  HOH A O   1 
HETATM 868 O O   . HOH B 2 .   ? 1.707   0.298   -13.598 1.00 43.49 ? 39  HOH A O   1 
HETATM 869 O O   . HOH B 2 .   ? 2.939   -3.727  -8.970  1.00 45.95 ? 40  HOH A O   1 
HETATM 870 O O   . HOH B 2 .   ? 7.663   5.935   -7.622  1.00 41.75 ? 41  HOH A O   1 
HETATM 871 O O   . HOH B 2 .   ? -9.810  -3.192  -6.607  1.00 34.77 ? 42  HOH A O   1 
HETATM 872 O O   . HOH B 2 .   ? 3.730   -15.843 -4.283  1.00 45.54 ? 43  HOH A O   1 
HETATM 873 O O   . HOH B 2 .   ? -10.362 9.176   -3.347  1.00 52.26 ? 44  HOH A O   1 
HETATM 874 O O   . HOH B 2 .   ? -9.375  8.763   2.744   1.00 50.76 ? 45  HOH A O   1 
HETATM 875 O O   . HOH B 2 .   ? 3.474   7.380   10.317  1.00 45.97 ? 46  HOH A O   1 
HETATM 876 O O   . HOH B 2 .   ? -7.265  -11.845 13.275  1.00 53.32 ? 47  HOH A O   1 
HETATM 877 O O   . HOH B 2 .   ? -9.247  -12.563 11.418  1.00 52.84 ? 48  HOH A O   1 
HETATM 878 O O   . HOH B 2 .   ? -10.670 -2.365  3.007   1.00 47.29 ? 49  HOH A O   1 
HETATM 879 O O   . HOH B 2 .   ? -1.004  15.926  5.236   1.00 57.97 ? 50  HOH A O   1 
HETATM 880 O O   . HOH B 2 .   ? -0.400  12.662  5.740   1.00 50.91 ? 51  HOH A O   1 
HETATM 881 O O   . HOH B 2 .   ? 3.282   15.372  5.869   1.00 65.81 ? 52  HOH A O   1 
HETATM 882 O O   . HOH B 2 .   ? 4.082   14.900  -11.789 1.00 49.64 ? 53  HOH A O   1 
HETATM 883 O O   . HOH B 2 .   ? 6.443   12.599  -8.871  1.00 48.16 ? 54  HOH A O   1 
HETATM 884 O O   . HOH B 2 .   ? 13.907  -5.799  2.045   1.00 56.92 ? 55  HOH A O   1 
HETATM 885 O O   . HOH B 2 .   ? 10.376  -8.390  -2.211  1.00 33.21 ? 56  HOH A O   1 
HETATM 886 O O   . HOH B 2 .   ? -2.269  2.407   -13.498 1.00 44.47 ? 57  HOH A O   1 
HETATM 887 O O   . HOH B 2 .   ? -10.161 8.229   -8.553  1.00 52.37 ? 58  HOH A O   1 
HETATM 888 O O   . HOH B 2 .   ? 0.477   -12.907 13.907  1.00 51.28 ? 59  HOH A O   1 
HETATM 889 O O   . HOH B 2 .   ? -1.136  -0.880  9.334   1.00 40.28 ? 60  HOH A O   1 
HETATM 890 O O   . HOH B 2 .   ? -5.927  -17.230 6.993   1.00 52.45 ? 61  HOH A O   1 
HETATM 891 O O   . HOH B 2 .   ? -2.770  -15.495 8.424   1.00 46.87 ? 62  HOH A O   1 
HETATM 892 O O   . HOH B 2 .   ? -2.930  -20.102 3.180   1.00 41.74 ? 63  HOH A O   1 
HETATM 893 O O   . HOH B 2 .   ? -2.322  6.363   6.743   1.00 41.50 ? 64  HOH A O   1 
HETATM 894 O O   . HOH B 2 .   ? 1.831   18.783  2.673   1.00 61.37 ? 65  HOH A O   1 
HETATM 895 O O   . HOH B 2 .   ? 1.918   19.625  -7.814  1.00 59.54 ? 66  HOH A O   1 
HETATM 896 O O   . HOH B 2 .   ? 2.784   -8.120  15.038  1.00 54.02 ? 67  HOH A O   1 
HETATM 897 O O   . HOH B 2 .   ? -2.346  -6.611  13.438  1.00 58.57 ? 68  HOH A O   1 
HETATM 898 O O   . HOH B 2 .   ? 10.216  8.183   -2.745  1.00 41.60 ? 69  HOH A O   1 
HETATM 899 O O   . HOH B 2 .   ? -5.163  -0.453  8.305   1.00 44.78 ? 70  HOH A O   1 
HETATM 900 O O   . HOH B 2 .   ? -1.393  -12.914 -13.783 1.00 48.90 ? 71  HOH A O   1 
HETATM 901 O O   . HOH B 2 .   ? -12.013 18.470  -6.561  1.00 47.47 ? 72  HOH A O   1 
HETATM 902 O O   . HOH B 2 .   ? 10.687  -9.026  -4.945  1.00 44.39 ? 73  HOH A O   1 
HETATM 903 O O   . HOH B 2 .   ? 8.972   -7.421  -5.864  1.00 42.03 ? 74  HOH A O   1 
HETATM 904 O O   . HOH B 2 .   ? 11.652  -9.709  2.114   1.00 46.17 ? 75  HOH A O   1 
HETATM 905 O O   . HOH B 2 .   ? 12.300  -11.616 5.644   1.00 63.84 ? 76  HOH A O   1 
HETATM 906 O O   . HOH B 2 .   ? 15.992  -6.925  5.491   1.00 62.05 ? 77  HOH A O   1 
HETATM 907 O O   . HOH B 2 .   ? -13.260 1.658   -3.217  1.00 46.77 ? 78  HOH A O   1 
HETATM 908 O O   . HOH B 2 .   ? 6.385   3.697   10.734  1.00 43.27 ? 79  HOH A O   1 
HETATM 909 O O   . HOH B 2 .   ? -7.174  3.445   -7.163  1.00 40.37 ? 80  HOH A O   1 
HETATM 910 O O   . HOH B 2 .   ? 8.078   -0.642  -12.722 1.00 66.39 ? 81  HOH A O   1 
HETATM 911 O O   . HOH B 2 .   ? 10.022  -4.245  -6.641  1.00 50.32 ? 82  HOH A O   1 
HETATM 912 O O   . HOH B 2 .   ? 13.348  -3.262  -5.751  1.00 64.13 ? 83  HOH A O   1 
HETATM 913 O O   . HOH B 2 .   ? 12.548  2.722   -1.502  1.00 55.25 ? 84  HOH A O   1 
HETATM 914 O O   . HOH B 2 .   ? 13.887  1.693   -3.369  1.00 53.76 ? 85  HOH A O   1 
HETATM 915 O O   . HOH B 2 .   ? -3.067  -3.306  8.543   1.00 64.95 ? 86  HOH A O   1 
HETATM 916 O O   . HOH B 2 .   ? -5.393  -5.184  12.777  1.00 47.72 ? 87  HOH A O   1 
HETATM 917 O O   . HOH B 2 .   ? -8.440  -1.289  13.562  1.00 72.74 ? 88  HOH A O   1 
HETATM 918 O O   . HOH B 2 .   ? -4.746  -19.273 5.860   1.00 51.02 ? 89  HOH A O   1 
HETATM 919 O O   . HOH B 2 .   ? 12.753  -8.716  0.014   1.00 56.81 ? 90  HOH A O   1 
HETATM 920 O O   . HOH B 2 .   ? 13.082  -3.034  0.338   1.00 60.85 ? 91  HOH A O   1 
HETATM 921 O O   . HOH B 2 .   ? 4.485   0.421   12.110  1.00 51.11 ? 92  HOH A O   1 
HETATM 922 O O   . HOH B 2 .   ? 4.957   -1.582  13.484  1.00 60.58 ? 93  HOH A O   1 
HETATM 923 O O   . HOH B 2 .   ? -6.262  13.594  -11.907 1.00 42.46 ? 94  HOH A O   1 
HETATM 924 O O   . HOH B 2 .   ? 2.671   18.608  -2.309  1.00 50.25 ? 95  HOH A O   1 
HETATM 925 O O   . HOH B 2 .   ? -10.390 -3.274  -11.648 1.00 69.87 ? 96  HOH A O   1 
HETATM 926 O O   . HOH B 2 .   ? 11.670  2.907   6.285   1.00 45.48 ? 97  HOH A O   1 
HETATM 927 O O   . HOH B 2 .   ? 0.275   9.789   6.401   1.00 43.85 ? 98  HOH A O   1 
HETATM 928 O O   . HOH B 2 .   ? -6.257  21.903  -4.659  1.00 59.37 ? 99  HOH A O   1 
HETATM 929 O O   . HOH B 2 .   ? 7.093   -8.574  -7.522  1.00 53.28 ? 100 HOH A O   1 
HETATM 930 O O   . HOH B 2 .   ? 13.511  -14.077 3.091   1.00 54.61 ? 101 HOH A O   1 
HETATM 931 O O   . HOH B 2 .   ? 15.013  -8.942  -3.136  1.00 60.21 ? 102 HOH A O   1 
HETATM 932 O O   . HOH B 2 .   ? 16.381  -8.888  6.929   1.00 55.57 ? 103 HOH A O   1 
HETATM 933 O O   . HOH B 2 .   ? 3.979   -6.946  -10.306 1.00 50.57 ? 104 HOH A O   1 
HETATM 934 O O   . HOH B 2 .   ? -10.168 4.550   7.792   1.00 59.09 ? 105 HOH A O   1 
HETATM 935 O O   . HOH B 2 .   ? 5.997   -10.142 -9.573  1.00 48.40 ? 106 HOH A O   1 
HETATM 936 O O   . HOH B 2 .   ? 12.822  10.035  -4.173  1.00 74.47 ? 107 HOH A O   1 
HETATM 937 O O   . HOH B 2 .   ? -5.906  19.422  -10.523 1.00 69.63 ? 108 HOH A O   1 
HETATM 938 O O   . HOH B 2 .   ? -8.447  16.838  -3.108  1.00 62.03 ? 109 HOH A O   1 
HETATM 939 O O   . HOH B 2 .   ? -7.845  18.551  -7.681  1.00 55.13 ? 110 HOH A O   1 
HETATM 940 O O   . HOH B 2 .   ? -12.219 11.276  -7.464  1.00 51.78 ? 111 HOH A O   1 
HETATM 941 O O   . HOH B 2 .   ? 1.043   -3.842  19.631  1.00 60.01 ? 112 HOH A O   1 
HETATM 942 O O   . HOH B 2 .   ? 14.113  -10.131 10.175  1.00 58.42 ? 113 HOH A O   1 
HETATM 943 O O   . HOH B 2 .   ? 4.713   -12.785 9.725   1.00 51.80 ? 114 HOH A O   1 
HETATM 944 O O   . HOH B 2 .   ? -12.663 9.857   0.226   1.00 59.36 ? 115 HOH A O   1 
HETATM 945 O O   . HOH B 2 .   ? -1.043  1.905   10.519  1.00 60.91 ? 116 HOH A O   1 
HETATM 946 O O   . HOH B 2 .   ? -0.715  6.966   8.842   1.00 53.93 ? 117 HOH A O   1 
HETATM 947 O O   . HOH B 2 .   ? 10.175  -1.417  0.799   1.00 35.09 ? 118 HOH A O   1 
HETATM 948 O O   . HOH B 2 .   ? 11.335  4.729   4.044   1.00 51.25 ? 119 HOH A O   1 
HETATM 949 O O   . HOH B 2 .   ? -13.155 -8.088  5.516   1.00 41.45 ? 120 HOH A O   1 
HETATM 950 O O   . HOH B 2 .   ? -5.306  2.505   8.719   1.00 44.41 ? 121 HOH A O   1 
HETATM 951 O O   . HOH B 2 .   ? -12.566 1.438   5.446   1.00 44.76 ? 122 HOH A O   1 
HETATM 952 O O   . HOH B 2 .   ? 2.783   16.579  -7.509  1.00 42.60 ? 123 HOH A O   1 
# 
loop_
_pdbx_poly_seq_scheme.asym_id 
_pdbx_poly_seq_scheme.entity_id 
_pdbx_poly_seq_scheme.seq_id 
_pdbx_poly_seq_scheme.mon_id 
_pdbx_poly_seq_scheme.ndb_seq_num 
_pdbx_poly_seq_scheme.pdb_seq_num 
_pdbx_poly_seq_scheme.auth_seq_num 
_pdbx_poly_seq_scheme.pdb_mon_id 
_pdbx_poly_seq_scheme.auth_mon_id 
_pdbx_poly_seq_scheme.pdb_strand_id 
_pdbx_poly_seq_scheme.pdb_ins_code 
_pdbx_poly_seq_scheme.hetero 
A 1 1   ALA 1   245 ?   ?   ?   A . n 
A 1 2   SER 2   246 ?   ?   ?   A . n 
A 1 3   ASN 3   247 247 ASN ASN A . n 
A 1 4   LEU 4   248 248 LEU LEU A . n 
A 1 5   LYS 5   249 249 LYS LYS A . n 
A 1 6   ILE 6   250 250 ILE ILE A . n 
A 1 7   VAL 7   251 251 VAL VAL A . n 
A 1 8   ARG 8   252 252 ARG ARG A . n 
A 1 9   MET 9   253 253 MET MET A . n 
A 1 10  ASP 10  254 254 ASP ASP A . n 
A 1 11  ARG 11  255 255 ARG ARG A . n 
A 1 12  THR 12  256 256 THR THR A . n 
A 1 13  ALA 13  257 257 ALA ALA A . n 
A 1 14  GLY 14  258 258 GLY GLY A . n 
A 1 15  CYS 15  259 259 CYS CYS A . n 
A 1 16  VAL 16  260 260 VAL VAL A . n 
A 1 17  THR 17  261 261 THR THR A . n 
A 1 18  GLY 18  262 262 GLY GLY A . n 
A 1 19  GLY 19  263 263 GLY GLY A . n 
A 1 20  GLU 20  264 264 GLU GLU A . n 
A 1 21  GLU 21  265 265 GLU GLU A . n 
A 1 22  ILE 22  266 266 ILE ILE A . n 
A 1 23  TRP 23  267 267 TRP TRP A . n 
A 1 24  LEU 24  268 268 LEU LEU A . n 
A 1 25  LEU 25  269 269 LEU LEU A . n 
A 1 26  CYS 26  270 270 CYS CYS A . n 
A 1 27  ASP 27  271 271 ASP ASP A . n 
A 1 28  LYS 28  272 272 LYS LYS A . n 
A 1 29  VAL 29  273 273 VAL VAL A . n 
A 1 30  GLN 30  274 274 GLN GLN A . n 
A 1 31  LYS 31  275 275 LYS LYS A . n 
A 1 32  ASP 32  276 276 ASP ASP A . n 
A 1 33  ASP 33  277 277 ASP ASP A . n 
A 1 34  ILE 34  278 278 ILE ILE A . n 
A 1 35  GLN 35  279 279 GLN GLN A . n 
A 1 36  ILE 36  280 280 ILE ILE A . n 
A 1 37  ARG 37  281 281 ARG ARG A . n 
A 1 38  PHE 38  282 282 PHE PHE A . n 
A 1 39  TYR 39  283 283 TYR TYR A . n 
A 1 40  GLU 40  284 284 GLU GLU A . n 
A 1 41  GLU 41  285 285 GLU GLU A . n 
A 1 42  GLU 42  286 286 GLU GLU A . n 
A 1 43  GLU 43  287 ?   ?   ?   A . n 
A 1 44  ASN 44  288 ?   ?   ?   A . n 
A 1 45  GLY 45  289 ?   ?   ?   A . n 
A 1 46  GLY 46  290 ?   ?   ?   A . n 
A 1 47  VAL 47  291 291 VAL VAL A . n 
A 1 48  TRP 48  292 292 TRP TRP A . n 
A 1 49  GLU 49  293 293 GLU GLU A . n 
A 1 50  GLY 50  294 294 GLY GLY A . n 
A 1 51  PHE 51  295 295 PHE PHE A . n 
A 1 52  GLY 52  296 296 GLY GLY A . n 
A 1 53  ASP 53  297 297 ASP ASP A . n 
A 1 54  PHE 54  298 298 PHE PHE A . n 
A 1 55  SER 55  299 299 SER SER A . n 
A 1 56  PRO 56  300 300 PRO PRO A . n 
A 1 57  THR 57  301 301 THR THR A . n 
A 1 58  ASP 58  302 302 ASP ASP A . n 
A 1 59  VAL 59  303 303 VAL VAL A . n 
A 1 60  HIS 60  304 304 HIS HIS A . n 
A 1 61  ARG 61  305 305 ARG ARG A . n 
A 1 62  GLN 62  306 306 GLN GLN A . n 
A 1 63  PHE 63  307 307 PHE PHE A . n 
A 1 64  ALA 64  308 308 ALA ALA A . n 
A 1 65  ILE 65  309 309 ILE ILE A . n 
A 1 66  CYS 66  310 310 CYS CYS A . n 
A 1 67  PHE 67  311 311 PHE PHE A . n 
A 1 68  LYS 68  312 312 LYS LYS A . n 
A 1 69  THR 69  313 313 THR THR A . n 
A 1 70  PRO 70  314 314 PRO PRO A . n 
A 1 71  LYS 71  315 315 LYS LYS A . n 
A 1 72  TYR 72  316 316 TYR TYR A . n 
A 1 73  LYS 73  317 317 LYS LYS A . n 
A 1 74  ASP 74  318 318 ASP ASP A . n 
A 1 75  VAL 75  319 319 VAL VAL A . n 
A 1 76  ASN 76  320 320 ASN ASN A . n 
A 1 77  ILE 77  321 321 ILE ILE A . n 
A 1 78  THR 78  322 322 THR THR A . n 
A 1 79  LYS 79  323 323 LYS LYS A . n 
A 1 80  PRO 80  324 324 PRO PRO A . n 
A 1 81  ALA 81  325 325 ALA ALA A . n 
A 1 82  SER 82  326 326 SER SER A . n 
A 1 83  VAL 83  327 327 VAL VAL A . n 
A 1 84  PHE 84  328 328 PHE PHE A . n 
A 1 85  VAL 85  329 329 VAL VAL A . n 
A 1 86  GLN 86  330 330 GLN GLN A . n 
A 1 87  LEU 87  331 331 LEU LEU A . n 
A 1 88  ARG 88  332 332 ARG ARG A . n 
A 1 89  ARG 89  333 333 ARG ARG A . n 
A 1 90  LYS 90  334 334 LYS LYS A . n 
A 1 91  SER 91  335 335 SER SER A . n 
A 1 92  ASP 92  336 336 ASP ASP A . n 
A 1 93  LEU 93  337 337 LEU LEU A . n 
A 1 94  GLU 94  338 338 GLU GLU A . n 
A 1 95  THR 95  339 339 THR THR A . n 
A 1 96  SER 96  340 340 SER SER A . n 
A 1 97  GLU 97  341 341 GLU GLU A . n 
A 1 98  PRO 98  342 342 PRO PRO A . n 
A 1 99  LYS 99  343 343 LYS LYS A . n 
A 1 100 PRO 100 344 344 PRO PRO A . n 
A 1 101 PHE 101 345 345 PHE PHE A . n 
A 1 102 LEU 102 346 346 LEU LEU A . n 
A 1 103 TYR 103 347 347 TYR TYR A . n 
A 1 104 TYR 104 348 348 TYR TYR A . n 
A 1 105 PRO 105 349 349 PRO PRO A . n 
A 1 106 GLU 106 350 350 GLU GLU A . n 
# 
loop_
_pdbx_nonpoly_scheme.asym_id 
_pdbx_nonpoly_scheme.entity_id 
_pdbx_nonpoly_scheme.mon_id 
_pdbx_nonpoly_scheme.ndb_seq_num 
_pdbx_nonpoly_scheme.pdb_seq_num 
_pdbx_nonpoly_scheme.auth_seq_num 
_pdbx_nonpoly_scheme.pdb_mon_id 
_pdbx_nonpoly_scheme.auth_mon_id 
_pdbx_nonpoly_scheme.pdb_strand_id 
_pdbx_nonpoly_scheme.pdb_ins_code 
B 2 HOH 1   1   1   HOH HOH A . 
B 2 HOH 2   2   2   HOH HOH A . 
B 2 HOH 3   3   3   HOH HOH A . 
B 2 HOH 4   4   4   HOH HOH A . 
B 2 HOH 5   5   5   HOH HOH A . 
B 2 HOH 6   6   6   HOH HOH A . 
B 2 HOH 7   7   7   HOH HOH A . 
B 2 HOH 8   8   8   HOH HOH A . 
B 2 HOH 9   9   9   HOH HOH A . 
B 2 HOH 10  10  10  HOH HOH A . 
B 2 HOH 11  11  11  HOH HOH A . 
B 2 HOH 12  12  12  HOH HOH A . 
B 2 HOH 13  13  13  HOH HOH A . 
B 2 HOH 14  14  14  HOH HOH A . 
B 2 HOH 15  15  15  HOH HOH A . 
B 2 HOH 16  16  16  HOH HOH A . 
B 2 HOH 17  17  17  HOH HOH A . 
B 2 HOH 18  18  18  HOH HOH A . 
B 2 HOH 19  19  19  HOH HOH A . 
B 2 HOH 20  20  20  HOH HOH A . 
B 2 HOH 21  21  21  HOH HOH A . 
B 2 HOH 22  22  22  HOH HOH A . 
B 2 HOH 23  23  23  HOH HOH A . 
B 2 HOH 24  24  24  HOH HOH A . 
B 2 HOH 25  25  25  HOH HOH A . 
B 2 HOH 26  26  26  HOH HOH A . 
B 2 HOH 27  27  27  HOH HOH A . 
B 2 HOH 28  28  28  HOH HOH A . 
B 2 HOH 29  29  29  HOH HOH A . 
B 2 HOH 30  30  30  HOH HOH A . 
B 2 HOH 31  31  31  HOH HOH A . 
B 2 HOH 32  32  32  HOH HOH A . 
B 2 HOH 33  33  33  HOH HOH A . 
B 2 HOH 34  34  34  HOH HOH A . 
B 2 HOH 35  35  35  HOH HOH A . 
B 2 HOH 36  36  36  HOH HOH A . 
B 2 HOH 37  37  37  HOH HOH A . 
B 2 HOH 38  38  38  HOH HOH A . 
B 2 HOH 39  39  39  HOH HOH A . 
B 2 HOH 40  40  40  HOH HOH A . 
B 2 HOH 41  41  41  HOH HOH A . 
B 2 HOH 42  42  42  HOH HOH A . 
B 2 HOH 43  43  43  HOH HOH A . 
B 2 HOH 44  44  44  HOH HOH A . 
B 2 HOH 45  45  45  HOH HOH A . 
B 2 HOH 46  46  46  HOH HOH A . 
B 2 HOH 47  47  47  HOH HOH A . 
B 2 HOH 48  48  48  HOH HOH A . 
B 2 HOH 49  49  49  HOH HOH A . 
B 2 HOH 50  50  50  HOH HOH A . 
B 2 HOH 51  51  51  HOH HOH A . 
B 2 HOH 52  52  52  HOH HOH A . 
B 2 HOH 53  53  53  HOH HOH A . 
B 2 HOH 54  54  54  HOH HOH A . 
B 2 HOH 55  55  55  HOH HOH A . 
B 2 HOH 56  56  56  HOH HOH A . 
B 2 HOH 57  57  57  HOH HOH A . 
B 2 HOH 58  58  58  HOH HOH A . 
B 2 HOH 59  59  59  HOH HOH A . 
B 2 HOH 60  60  60  HOH HOH A . 
B 2 HOH 61  61  61  HOH HOH A . 
B 2 HOH 62  62  62  HOH HOH A . 
B 2 HOH 63  63  63  HOH HOH A . 
B 2 HOH 64  64  64  HOH HOH A . 
B 2 HOH 65  65  65  HOH HOH A . 
B 2 HOH 66  66  66  HOH HOH A . 
B 2 HOH 67  67  67  HOH HOH A . 
B 2 HOH 68  68  68  HOH HOH A . 
B 2 HOH 69  69  69  HOH HOH A . 
B 2 HOH 70  70  70  HOH HOH A . 
B 2 HOH 71  71  71  HOH HOH A . 
B 2 HOH 72  72  72  HOH HOH A . 
B 2 HOH 73  73  73  HOH HOH A . 
B 2 HOH 74  74  74  HOH HOH A . 
B 2 HOH 75  75  75  HOH HOH A . 
B 2 HOH 76  76  76  HOH HOH A . 
B 2 HOH 77  77  77  HOH HOH A . 
B 2 HOH 78  78  78  HOH HOH A . 
B 2 HOH 79  79  79  HOH HOH A . 
B 2 HOH 80  80  80  HOH HOH A . 
B 2 HOH 81  81  81  HOH HOH A . 
B 2 HOH 82  82  82  HOH HOH A . 
B 2 HOH 83  83  83  HOH HOH A . 
B 2 HOH 84  84  84  HOH HOH A . 
B 2 HOH 85  85  85  HOH HOH A . 
B 2 HOH 86  86  86  HOH HOH A . 
B 2 HOH 87  87  87  HOH HOH A . 
B 2 HOH 88  88  88  HOH HOH A . 
B 2 HOH 89  89  89  HOH HOH A . 
B 2 HOH 90  90  90  HOH HOH A . 
B 2 HOH 91  91  91  HOH HOH A . 
B 2 HOH 92  92  92  HOH HOH A . 
B 2 HOH 93  93  93  HOH HOH A . 
B 2 HOH 94  94  94  HOH HOH A . 
B 2 HOH 95  95  95  HOH HOH A . 
B 2 HOH 96  96  96  HOH HOH A . 
B 2 HOH 97  97  97  HOH HOH A . 
B 2 HOH 98  98  98  HOH HOH A . 
B 2 HOH 99  99  99  HOH HOH A . 
B 2 HOH 100 100 100 HOH HOH A . 
B 2 HOH 101 101 101 HOH HOH A . 
B 2 HOH 102 102 102 HOH HOH A . 
B 2 HOH 103 103 103 HOH HOH A . 
B 2 HOH 104 104 104 HOH HOH A . 
B 2 HOH 105 105 105 HOH HOH A . 
B 2 HOH 106 106 106 HOH HOH A . 
B 2 HOH 107 107 107 HOH HOH A . 
B 2 HOH 108 108 108 HOH HOH A . 
B 2 HOH 109 109 109 HOH HOH A . 
B 2 HOH 110 110 110 HOH HOH A . 
B 2 HOH 111 111 111 HOH HOH A . 
B 2 HOH 112 112 112 HOH HOH A . 
B 2 HOH 113 113 113 HOH HOH A . 
B 2 HOH 114 114 114 HOH HOH A . 
B 2 HOH 115 115 115 HOH HOH A . 
B 2 HOH 116 116 116 HOH HOH A . 
B 2 HOH 117 117 117 HOH HOH A . 
B 2 HOH 118 118 118 HOH HOH A . 
B 2 HOH 119 119 119 HOH HOH A . 
B 2 HOH 120 120 120 HOH HOH A . 
B 2 HOH 121 121 121 HOH HOH A . 
B 2 HOH 122 122 122 HOH HOH A . 
B 2 HOH 123 123 123 HOH HOH A . 
# 
_pdbx_struct_assembly.id                   1 
_pdbx_struct_assembly.details              author_defined_assembly 
_pdbx_struct_assembly.method_details       ? 
_pdbx_struct_assembly.oligomeric_details   dimeric 
_pdbx_struct_assembly.oligomeric_count     2 
# 
_pdbx_struct_assembly_gen.assembly_id       1 
_pdbx_struct_assembly_gen.oper_expression   1,2 
_pdbx_struct_assembly_gen.asym_id_list      A,B 
# 
loop_
_pdbx_struct_oper_list.id 
_pdbx_struct_oper_list.type 
_pdbx_struct_oper_list.name 
_pdbx_struct_oper_list.symmetry_operation 
_pdbx_struct_oper_list.matrix[1][1] 
_pdbx_struct_oper_list.matrix[1][2] 
_pdbx_struct_oper_list.matrix[1][3] 
_pdbx_struct_oper_list.vector[1] 
_pdbx_struct_oper_list.matrix[2][1] 
_pdbx_struct_oper_list.matrix[2][2] 
_pdbx_struct_oper_list.matrix[2][3] 
_pdbx_struct_oper_list.vector[2] 
_pdbx_struct_oper_list.matrix[3][1] 
_pdbx_struct_oper_list.matrix[3][2] 
_pdbx_struct_oper_list.matrix[3][3] 
_pdbx_struct_oper_list.vector[3] 
1 'identity operation'         1_555 x,y,z            1.0000000000  0.0000000000  0.0000000000 0.0000000000   0.0000000000  1.0000000000 0.0000000000  0.0000000000   0.0000000000 0.0000000000  1.0000000000  0.0000000000   
2 'crystal symmetry operation' 8_665 -y+1,-x+1,-z+1/2 -0.7848460046 -0.5293727009 0.3221510400 -15.6291562609 -0.5293727009 0.3024878111 -0.7926321137 -15.5988318137 0.3221510400 -0.7926321137 -0.5176418065 -15.1944886324 
# 
loop_
_pdbx_audit_revision_history.ordinal 
_pdbx_audit_revision_history.data_content_type 
_pdbx_audit_revision_history.major_revision 
_pdbx_audit_revision_history.minor_revision 
_pdbx_audit_revision_history.revision_date 
1 'Structure model' 1 0 2004-08-17 
2 'Structure model' 1 1 2008-04-30 
3 'Structure model' 1 2 2011-07-13 
4 'Structure model' 1 3 2017-02-01 
5 'Structure model' 1 4 2021-10-20 
6 'Structure model' 1 5 2023-08-23 
# 
_pdbx_audit_revision_details.ordinal             1 
_pdbx_audit_revision_details.revision_ordinal    1 
_pdbx_audit_revision_details.data_content_type   'Structure model' 
_pdbx_audit_revision_details.provider            repository 
_pdbx_audit_revision_details.type                'Initial release' 
_pdbx_audit_revision_details.description         ? 
_pdbx_audit_revision_details.details             ? 
# 
loop_
_pdbx_audit_revision_group.ordinal 
_pdbx_audit_revision_group.revision_ordinal 
_pdbx_audit_revision_group.data_content_type 
_pdbx_audit_revision_group.group 
1 2 'Structure model' 'Version format compliance' 
2 3 'Structure model' 'Version format compliance' 
3 4 'Structure model' 'Structure summary'         
4 5 'Structure model' 'Database references'       
5 6 'Structure model' 'Data collection'           
6 6 'Structure model' 'Refinement description'    
# 
loop_
_pdbx_audit_revision_category.ordinal 
_pdbx_audit_revision_category.revision_ordinal 
_pdbx_audit_revision_category.data_content_type 
_pdbx_audit_revision_category.category 
1 5 'Structure model' database_2                    
2 5 'Structure model' struct_ref_seq_dif            
3 6 'Structure model' chem_comp_atom                
4 6 'Structure model' chem_comp_bond                
5 6 'Structure model' pdbx_initial_refinement_model 
# 
loop_
_pdbx_audit_revision_item.ordinal 
_pdbx_audit_revision_item.revision_ordinal 
_pdbx_audit_revision_item.data_content_type 
_pdbx_audit_revision_item.item 
1 5 'Structure model' '_database_2.pdbx_DOI'                
2 5 'Structure model' '_database_2.pdbx_database_accession' 
3 5 'Structure model' '_struct_ref_seq_dif.details'         
# 
loop_
_software.name 
_software.classification 
_software.version 
_software.citation_id 
_software.pdbx_ordinal 
DENZO     'data reduction' .      ? 1 
SCALEPACK 'data scaling'   .      ? 2 
AMoRE     phasing          .      ? 3 
REFMAC    refinement       5.1.24 ? 4 
# 
loop_
_pdbx_validate_close_contact.id 
_pdbx_validate_close_contact.PDB_model_num 
_pdbx_validate_close_contact.auth_atom_id_1 
_pdbx_validate_close_contact.auth_asym_id_1 
_pdbx_validate_close_contact.auth_comp_id_1 
_pdbx_validate_close_contact.auth_seq_id_1 
_pdbx_validate_close_contact.PDB_ins_code_1 
_pdbx_validate_close_contact.label_alt_id_1 
_pdbx_validate_close_contact.auth_atom_id_2 
_pdbx_validate_close_contact.auth_asym_id_2 
_pdbx_validate_close_contact.auth_comp_id_2 
_pdbx_validate_close_contact.auth_seq_id_2 
_pdbx_validate_close_contact.PDB_ins_code_2 
_pdbx_validate_close_contact.label_alt_id_2 
_pdbx_validate_close_contact.dist 
1 1 O   A HOH 15  ? ? O A HOH 49  ? ? 1.79 
2 1 O   A HOH 22  ? ? O A HOH 86  ? ? 1.79 
3 1 NE2 A GLN 330 ? ? O A HOH 118 ? ? 1.80 
4 1 O   A HOH 28  ? ? O A HOH 61  ? ? 1.90 
5 1 O   A HOH 12  ? ? O A HOH 57  ? ? 1.95 
6 1 O   A HOH 13  ? ? O A HOH 57  ? ? 2.13 
7 1 NZ  A LYS 275 ? ? O A HOH 29  ? ? 2.19 
# 
_pdbx_validate_rmsd_angle.id                         1 
_pdbx_validate_rmsd_angle.PDB_model_num              1 
_pdbx_validate_rmsd_angle.auth_atom_id_1             NE 
_pdbx_validate_rmsd_angle.auth_asym_id_1             A 
_pdbx_validate_rmsd_angle.auth_comp_id_1             ARG 
_pdbx_validate_rmsd_angle.auth_seq_id_1              281 
_pdbx_validate_rmsd_angle.PDB_ins_code_1             ? 
_pdbx_validate_rmsd_angle.label_alt_id_1             ? 
_pdbx_validate_rmsd_angle.auth_atom_id_2             CZ 
_pdbx_validate_rmsd_angle.auth_asym_id_2             A 
_pdbx_validate_rmsd_angle.auth_comp_id_2             ARG 
_pdbx_validate_rmsd_angle.auth_seq_id_2              281 
_pdbx_validate_rmsd_angle.PDB_ins_code_2             ? 
_pdbx_validate_rmsd_angle.label_alt_id_2             ? 
_pdbx_validate_rmsd_angle.auth_atom_id_3             NH1 
_pdbx_validate_rmsd_angle.auth_asym_id_3             A 
_pdbx_validate_rmsd_angle.auth_comp_id_3             ARG 
_pdbx_validate_rmsd_angle.auth_seq_id_3              281 
_pdbx_validate_rmsd_angle.PDB_ins_code_3             ? 
_pdbx_validate_rmsd_angle.label_alt_id_3             ? 
_pdbx_validate_rmsd_angle.angle_value                123.57 
_pdbx_validate_rmsd_angle.angle_target_value         120.30 
_pdbx_validate_rmsd_angle.angle_deviation            3.27 
_pdbx_validate_rmsd_angle.angle_standard_deviation   0.50 
_pdbx_validate_rmsd_angle.linker_flag                N 
# 
loop_
_pdbx_unobs_or_zero_occ_residues.id 
_pdbx_unobs_or_zero_occ_residues.PDB_model_num 
_pdbx_unobs_or_zero_occ_residues.polymer_flag 
_pdbx_unobs_or_zero_occ_residues.occupancy_flag 
_pdbx_unobs_or_zero_occ_residues.auth_asym_id 
_pdbx_unobs_or_zero_occ_residues.auth_comp_id 
_pdbx_unobs_or_zero_occ_residues.auth_seq_id 
_pdbx_unobs_or_zero_occ_residues.PDB_ins_code 
_pdbx_unobs_or_zero_occ_residues.label_asym_id 
_pdbx_unobs_or_zero_occ_residues.label_comp_id 
_pdbx_unobs_or_zero_occ_residues.label_seq_id 
1 1 Y 1 A ALA 245 ? A ALA 1  
2 1 Y 1 A SER 246 ? A SER 2  
3 1 Y 1 A GLU 287 ? A GLU 43 
4 1 Y 1 A ASN 288 ? A ASN 44 
5 1 Y 1 A GLY 289 ? A GLY 45 
6 1 Y 1 A GLY 290 ? A GLY 46 
# 
loop_
_chem_comp_atom.comp_id 
_chem_comp_atom.atom_id 
_chem_comp_atom.type_symbol 
_chem_comp_atom.pdbx_aromatic_flag 
_chem_comp_atom.pdbx_stereo_config 
_chem_comp_atom.pdbx_ordinal 
ALA N    N N N 1   
ALA CA   C N S 2   
ALA C    C N N 3   
ALA O    O N N 4   
ALA CB   C N N 5   
ALA OXT  O N N 6   
ALA H    H N N 7   
ALA H2   H N N 8   
ALA HA   H N N 9   
ALA HB1  H N N 10  
ALA HB2  H N N 11  
ALA HB3  H N N 12  
ALA HXT  H N N 13  
ARG N    N N N 14  
ARG CA   C N S 15  
ARG C    C N N 16  
ARG O    O N N 17  
ARG CB   C N N 18  
ARG CG   C N N 19  
ARG CD   C N N 20  
ARG NE   N N N 21  
ARG CZ   C N N 22  
ARG NH1  N N N 23  
ARG NH2  N N N 24  
ARG OXT  O N N 25  
ARG H    H N N 26  
ARG H2   H N N 27  
ARG HA   H N N 28  
ARG HB2  H N N 29  
ARG HB3  H N N 30  
ARG HG2  H N N 31  
ARG HG3  H N N 32  
ARG HD2  H N N 33  
ARG HD3  H N N 34  
ARG HE   H N N 35  
ARG HH11 H N N 36  
ARG HH12 H N N 37  
ARG HH21 H N N 38  
ARG HH22 H N N 39  
ARG HXT  H N N 40  
ASN N    N N N 41  
ASN CA   C N S 42  
ASN C    C N N 43  
ASN O    O N N 44  
ASN CB   C N N 45  
ASN CG   C N N 46  
ASN OD1  O N N 47  
ASN ND2  N N N 48  
ASN OXT  O N N 49  
ASN H    H N N 50  
ASN H2   H N N 51  
ASN HA   H N N 52  
ASN HB2  H N N 53  
ASN HB3  H N N 54  
ASN HD21 H N N 55  
ASN HD22 H N N 56  
ASN HXT  H N N 57  
ASP N    N N N 58  
ASP CA   C N S 59  
ASP C    C N N 60  
ASP O    O N N 61  
ASP CB   C N N 62  
ASP CG   C N N 63  
ASP OD1  O N N 64  
ASP OD2  O N N 65  
ASP OXT  O N N 66  
ASP H    H N N 67  
ASP H2   H N N 68  
ASP HA   H N N 69  
ASP HB2  H N N 70  
ASP HB3  H N N 71  
ASP HD2  H N N 72  
ASP HXT  H N N 73  
CYS N    N N N 74  
CYS CA   C N R 75  
CYS C    C N N 76  
CYS O    O N N 77  
CYS CB   C N N 78  
CYS SG   S N N 79  
CYS OXT  O N N 80  
CYS H    H N N 81  
CYS H2   H N N 82  
CYS HA   H N N 83  
CYS HB2  H N N 84  
CYS HB3  H N N 85  
CYS HG   H N N 86  
CYS HXT  H N N 87  
GLN N    N N N 88  
GLN CA   C N S 89  
GLN C    C N N 90  
GLN O    O N N 91  
GLN CB   C N N 92  
GLN CG   C N N 93  
GLN CD   C N N 94  
GLN OE1  O N N 95  
GLN NE2  N N N 96  
GLN OXT  O N N 97  
GLN H    H N N 98  
GLN H2   H N N 99  
GLN HA   H N N 100 
GLN HB2  H N N 101 
GLN HB3  H N N 102 
GLN HG2  H N N 103 
GLN HG3  H N N 104 
GLN HE21 H N N 105 
GLN HE22 H N N 106 
GLN HXT  H N N 107 
GLU N    N N N 108 
GLU CA   C N S 109 
GLU C    C N N 110 
GLU O    O N N 111 
GLU CB   C N N 112 
GLU CG   C N N 113 
GLU CD   C N N 114 
GLU OE1  O N N 115 
GLU OE2  O N N 116 
GLU OXT  O N N 117 
GLU H    H N N 118 
GLU H2   H N N 119 
GLU HA   H N N 120 
GLU HB2  H N N 121 
GLU HB3  H N N 122 
GLU HG2  H N N 123 
GLU HG3  H N N 124 
GLU HE2  H N N 125 
GLU HXT  H N N 126 
GLY N    N N N 127 
GLY CA   C N N 128 
GLY C    C N N 129 
GLY O    O N N 130 
GLY OXT  O N N 131 
GLY H    H N N 132 
GLY H2   H N N 133 
GLY HA2  H N N 134 
GLY HA3  H N N 135 
GLY HXT  H N N 136 
HIS N    N N N 137 
HIS CA   C N S 138 
HIS C    C N N 139 
HIS O    O N N 140 
HIS CB   C N N 141 
HIS CG   C Y N 142 
HIS ND1  N Y N 143 
HIS CD2  C Y N 144 
HIS CE1  C Y N 145 
HIS NE2  N Y N 146 
HIS OXT  O N N 147 
HIS H    H N N 148 
HIS H2   H N N 149 
HIS HA   H N N 150 
HIS HB2  H N N 151 
HIS HB3  H N N 152 
HIS HD1  H N N 153 
HIS HD2  H N N 154 
HIS HE1  H N N 155 
HIS HE2  H N N 156 
HIS HXT  H N N 157 
HOH O    O N N 158 
HOH H1   H N N 159 
HOH H2   H N N 160 
ILE N    N N N 161 
ILE CA   C N S 162 
ILE C    C N N 163 
ILE O    O N N 164 
ILE CB   C N S 165 
ILE CG1  C N N 166 
ILE CG2  C N N 167 
ILE CD1  C N N 168 
ILE OXT  O N N 169 
ILE H    H N N 170 
ILE H2   H N N 171 
ILE HA   H N N 172 
ILE HB   H N N 173 
ILE HG12 H N N 174 
ILE HG13 H N N 175 
ILE HG21 H N N 176 
ILE HG22 H N N 177 
ILE HG23 H N N 178 
ILE HD11 H N N 179 
ILE HD12 H N N 180 
ILE HD13 H N N 181 
ILE HXT  H N N 182 
LEU N    N N N 183 
LEU CA   C N S 184 
LEU C    C N N 185 
LEU O    O N N 186 
LEU CB   C N N 187 
LEU CG   C N N 188 
LEU CD1  C N N 189 
LEU CD2  C N N 190 
LEU OXT  O N N 191 
LEU H    H N N 192 
LEU H2   H N N 193 
LEU HA   H N N 194 
LEU HB2  H N N 195 
LEU HB3  H N N 196 
LEU HG   H N N 197 
LEU HD11 H N N 198 
LEU HD12 H N N 199 
LEU HD13 H N N 200 
LEU HD21 H N N 201 
LEU HD22 H N N 202 
LEU HD23 H N N 203 
LEU HXT  H N N 204 
LYS N    N N N 205 
LYS CA   C N S 206 
LYS C    C N N 207 
LYS O    O N N 208 
LYS CB   C N N 209 
LYS CG   C N N 210 
LYS CD   C N N 211 
LYS CE   C N N 212 
LYS NZ   N N N 213 
LYS OXT  O N N 214 
LYS H    H N N 215 
LYS H2   H N N 216 
LYS HA   H N N 217 
LYS HB2  H N N 218 
LYS HB3  H N N 219 
LYS HG2  H N N 220 
LYS HG3  H N N 221 
LYS HD2  H N N 222 
LYS HD3  H N N 223 
LYS HE2  H N N 224 
LYS HE3  H N N 225 
LYS HZ1  H N N 226 
LYS HZ2  H N N 227 
LYS HZ3  H N N 228 
LYS HXT  H N N 229 
MET N    N N N 230 
MET CA   C N S 231 
MET C    C N N 232 
MET O    O N N 233 
MET CB   C N N 234 
MET CG   C N N 235 
MET SD   S N N 236 
MET CE   C N N 237 
MET OXT  O N N 238 
MET H    H N N 239 
MET H2   H N N 240 
MET HA   H N N 241 
MET HB2  H N N 242 
MET HB3  H N N 243 
MET HG2  H N N 244 
MET HG3  H N N 245 
MET HE1  H N N 246 
MET HE2  H N N 247 
MET HE3  H N N 248 
MET HXT  H N N 249 
PHE N    N N N 250 
PHE CA   C N S 251 
PHE C    C N N 252 
PHE O    O N N 253 
PHE CB   C N N 254 
PHE CG   C Y N 255 
PHE CD1  C Y N 256 
PHE CD2  C Y N 257 
PHE CE1  C Y N 258 
PHE CE2  C Y N 259 
PHE CZ   C Y N 260 
PHE OXT  O N N 261 
PHE H    H N N 262 
PHE H2   H N N 263 
PHE HA   H N N 264 
PHE HB2  H N N 265 
PHE HB3  H N N 266 
PHE HD1  H N N 267 
PHE HD2  H N N 268 
PHE HE1  H N N 269 
PHE HE2  H N N 270 
PHE HZ   H N N 271 
PHE HXT  H N N 272 
PRO N    N N N 273 
PRO CA   C N S 274 
PRO C    C N N 275 
PRO O    O N N 276 
PRO CB   C N N 277 
PRO CG   C N N 278 
PRO CD   C N N 279 
PRO OXT  O N N 280 
PRO H    H N N 281 
PRO HA   H N N 282 
PRO HB2  H N N 283 
PRO HB3  H N N 284 
PRO HG2  H N N 285 
PRO HG3  H N N 286 
PRO HD2  H N N 287 
PRO HD3  H N N 288 
PRO HXT  H N N 289 
SER N    N N N 290 
SER CA   C N S 291 
SER C    C N N 292 
SER O    O N N 293 
SER CB   C N N 294 
SER OG   O N N 295 
SER OXT  O N N 296 
SER H    H N N 297 
SER H2   H N N 298 
SER HA   H N N 299 
SER HB2  H N N 300 
SER HB3  H N N 301 
SER HG   H N N 302 
SER HXT  H N N 303 
THR N    N N N 304 
THR CA   C N S 305 
THR C    C N N 306 
THR O    O N N 307 
THR CB   C N R 308 
THR OG1  O N N 309 
THR CG2  C N N 310 
THR OXT  O N N 311 
THR H    H N N 312 
THR H2   H N N 313 
THR HA   H N N 314 
THR HB   H N N 315 
THR HG1  H N N 316 
THR HG21 H N N 317 
THR HG22 H N N 318 
THR HG23 H N N 319 
THR HXT  H N N 320 
TRP N    N N N 321 
TRP CA   C N S 322 
TRP C    C N N 323 
TRP O    O N N 324 
TRP CB   C N N 325 
TRP CG   C Y N 326 
TRP CD1  C Y N 327 
TRP CD2  C Y N 328 
TRP NE1  N Y N 329 
TRP CE2  C Y N 330 
TRP CE3  C Y N 331 
TRP CZ2  C Y N 332 
TRP CZ3  C Y N 333 
TRP CH2  C Y N 334 
TRP OXT  O N N 335 
TRP H    H N N 336 
TRP H2   H N N 337 
TRP HA   H N N 338 
TRP HB2  H N N 339 
TRP HB3  H N N 340 
TRP HD1  H N N 341 
TRP HE1  H N N 342 
TRP HE3  H N N 343 
TRP HZ2  H N N 344 
TRP HZ3  H N N 345 
TRP HH2  H N N 346 
TRP HXT  H N N 347 
TYR N    N N N 348 
TYR CA   C N S 349 
TYR C    C N N 350 
TYR O    O N N 351 
TYR CB   C N N 352 
TYR CG   C Y N 353 
TYR CD1  C Y N 354 
TYR CD2  C Y N 355 
TYR CE1  C Y N 356 
TYR CE2  C Y N 357 
TYR CZ   C Y N 358 
TYR OH   O N N 359 
TYR OXT  O N N 360 
TYR H    H N N 361 
TYR H2   H N N 362 
TYR HA   H N N 363 
TYR HB2  H N N 364 
TYR HB3  H N N 365 
TYR HD1  H N N 366 
TYR HD2  H N N 367 
TYR HE1  H N N 368 
TYR HE2  H N N 369 
TYR HH   H N N 370 
TYR HXT  H N N 371 
VAL N    N N N 372 
VAL CA   C N S 373 
VAL C    C N N 374 
VAL O    O N N 375 
VAL CB   C N N 376 
VAL CG1  C N N 377 
VAL CG2  C N N 378 
VAL OXT  O N N 379 
VAL H    H N N 380 
VAL H2   H N N 381 
VAL HA   H N N 382 
VAL HB   H N N 383 
VAL HG11 H N N 384 
VAL HG12 H N N 385 
VAL HG13 H N N 386 
VAL HG21 H N N 387 
VAL HG22 H N N 388 
VAL HG23 H N N 389 
VAL HXT  H N N 390 
# 
loop_
_chem_comp_bond.comp_id 
_chem_comp_bond.atom_id_1 
_chem_comp_bond.atom_id_2 
_chem_comp_bond.value_order 
_chem_comp_bond.pdbx_aromatic_flag 
_chem_comp_bond.pdbx_stereo_config 
_chem_comp_bond.pdbx_ordinal 
ALA N   CA   sing N N 1   
ALA N   H    sing N N 2   
ALA N   H2   sing N N 3   
ALA CA  C    sing N N 4   
ALA CA  CB   sing N N 5   
ALA CA  HA   sing N N 6   
ALA C   O    doub N N 7   
ALA C   OXT  sing N N 8   
ALA CB  HB1  sing N N 9   
ALA CB  HB2  sing N N 10  
ALA CB  HB3  sing N N 11  
ALA OXT HXT  sing N N 12  
ARG N   CA   sing N N 13  
ARG N   H    sing N N 14  
ARG N   H2   sing N N 15  
ARG CA  C    sing N N 16  
ARG CA  CB   sing N N 17  
ARG CA  HA   sing N N 18  
ARG C   O    doub N N 19  
ARG C   OXT  sing N N 20  
ARG CB  CG   sing N N 21  
ARG CB  HB2  sing N N 22  
ARG CB  HB3  sing N N 23  
ARG CG  CD   sing N N 24  
ARG CG  HG2  sing N N 25  
ARG CG  HG3  sing N N 26  
ARG CD  NE   sing N N 27  
ARG CD  HD2  sing N N 28  
ARG CD  HD3  sing N N 29  
ARG NE  CZ   sing N N 30  
ARG NE  HE   sing N N 31  
ARG CZ  NH1  sing N N 32  
ARG CZ  NH2  doub N N 33  
ARG NH1 HH11 sing N N 34  
ARG NH1 HH12 sing N N 35  
ARG NH2 HH21 sing N N 36  
ARG NH2 HH22 sing N N 37  
ARG OXT HXT  sing N N 38  
ASN N   CA   sing N N 39  
ASN N   H    sing N N 40  
ASN N   H2   sing N N 41  
ASN CA  C    sing N N 42  
ASN CA  CB   sing N N 43  
ASN CA  HA   sing N N 44  
ASN C   O    doub N N 45  
ASN C   OXT  sing N N 46  
ASN CB  CG   sing N N 47  
ASN CB  HB2  sing N N 48  
ASN CB  HB3  sing N N 49  
ASN CG  OD1  doub N N 50  
ASN CG  ND2  sing N N 51  
ASN ND2 HD21 sing N N 52  
ASN ND2 HD22 sing N N 53  
ASN OXT HXT  sing N N 54  
ASP N   CA   sing N N 55  
ASP N   H    sing N N 56  
ASP N   H2   sing N N 57  
ASP CA  C    sing N N 58  
ASP CA  CB   sing N N 59  
ASP CA  HA   sing N N 60  
ASP C   O    doub N N 61  
ASP C   OXT  sing N N 62  
ASP CB  CG   sing N N 63  
ASP CB  HB2  sing N N 64  
ASP CB  HB3  sing N N 65  
ASP CG  OD1  doub N N 66  
ASP CG  OD2  sing N N 67  
ASP OD2 HD2  sing N N 68  
ASP OXT HXT  sing N N 69  
CYS N   CA   sing N N 70  
CYS N   H    sing N N 71  
CYS N   H2   sing N N 72  
CYS CA  C    sing N N 73  
CYS CA  CB   sing N N 74  
CYS CA  HA   sing N N 75  
CYS C   O    doub N N 76  
CYS C   OXT  sing N N 77  
CYS CB  SG   sing N N 78  
CYS CB  HB2  sing N N 79  
CYS CB  HB3  sing N N 80  
CYS SG  HG   sing N N 81  
CYS OXT HXT  sing N N 82  
GLN N   CA   sing N N 83  
GLN N   H    sing N N 84  
GLN N   H2   sing N N 85  
GLN CA  C    sing N N 86  
GLN CA  CB   sing N N 87  
GLN CA  HA   sing N N 88  
GLN C   O    doub N N 89  
GLN C   OXT  sing N N 90  
GLN CB  CG   sing N N 91  
GLN CB  HB2  sing N N 92  
GLN CB  HB3  sing N N 93  
GLN CG  CD   sing N N 94  
GLN CG  HG2  sing N N 95  
GLN CG  HG3  sing N N 96  
GLN CD  OE1  doub N N 97  
GLN CD  NE2  sing N N 98  
GLN NE2 HE21 sing N N 99  
GLN NE2 HE22 sing N N 100 
GLN OXT HXT  sing N N 101 
GLU N   CA   sing N N 102 
GLU N   H    sing N N 103 
GLU N   H2   sing N N 104 
GLU CA  C    sing N N 105 
GLU CA  CB   sing N N 106 
GLU CA  HA   sing N N 107 
GLU C   O    doub N N 108 
GLU C   OXT  sing N N 109 
GLU CB  CG   sing N N 110 
GLU CB  HB2  sing N N 111 
GLU CB  HB3  sing N N 112 
GLU CG  CD   sing N N 113 
GLU CG  HG2  sing N N 114 
GLU CG  HG3  sing N N 115 
GLU CD  OE1  doub N N 116 
GLU CD  OE2  sing N N 117 
GLU OE2 HE2  sing N N 118 
GLU OXT HXT  sing N N 119 
GLY N   CA   sing N N 120 
GLY N   H    sing N N 121 
GLY N   H2   sing N N 122 
GLY CA  C    sing N N 123 
GLY CA  HA2  sing N N 124 
GLY CA  HA3  sing N N 125 
GLY C   O    doub N N 126 
GLY C   OXT  sing N N 127 
GLY OXT HXT  sing N N 128 
HIS N   CA   sing N N 129 
HIS N   H    sing N N 130 
HIS N   H2   sing N N 131 
HIS CA  C    sing N N 132 
HIS CA  CB   sing N N 133 
HIS CA  HA   sing N N 134 
HIS C   O    doub N N 135 
HIS C   OXT  sing N N 136 
HIS CB  CG   sing N N 137 
HIS CB  HB2  sing N N 138 
HIS CB  HB3  sing N N 139 
HIS CG  ND1  sing Y N 140 
HIS CG  CD2  doub Y N 141 
HIS ND1 CE1  doub Y N 142 
HIS ND1 HD1  sing N N 143 
HIS CD2 NE2  sing Y N 144 
HIS CD2 HD2  sing N N 145 
HIS CE1 NE2  sing Y N 146 
HIS CE1 HE1  sing N N 147 
HIS NE2 HE2  sing N N 148 
HIS OXT HXT  sing N N 149 
HOH O   H1   sing N N 150 
HOH O   H2   sing N N 151 
ILE N   CA   sing N N 152 
ILE N   H    sing N N 153 
ILE N   H2   sing N N 154 
ILE CA  C    sing N N 155 
ILE CA  CB   sing N N 156 
ILE CA  HA   sing N N 157 
ILE C   O    doub N N 158 
ILE C   OXT  sing N N 159 
ILE CB  CG1  sing N N 160 
ILE CB  CG2  sing N N 161 
ILE CB  HB   sing N N 162 
ILE CG1 CD1  sing N N 163 
ILE CG1 HG12 sing N N 164 
ILE CG1 HG13 sing N N 165 
ILE CG2 HG21 sing N N 166 
ILE CG2 HG22 sing N N 167 
ILE CG2 HG23 sing N N 168 
ILE CD1 HD11 sing N N 169 
ILE CD1 HD12 sing N N 170 
ILE CD1 HD13 sing N N 171 
ILE OXT HXT  sing N N 172 
LEU N   CA   sing N N 173 
LEU N   H    sing N N 174 
LEU N   H2   sing N N 175 
LEU CA  C    sing N N 176 
LEU CA  CB   sing N N 177 
LEU CA  HA   sing N N 178 
LEU C   O    doub N N 179 
LEU C   OXT  sing N N 180 
LEU CB  CG   sing N N 181 
LEU CB  HB2  sing N N 182 
LEU CB  HB3  sing N N 183 
LEU CG  CD1  sing N N 184 
LEU CG  CD2  sing N N 185 
LEU CG  HG   sing N N 186 
LEU CD1 HD11 sing N N 187 
LEU CD1 HD12 sing N N 188 
LEU CD1 HD13 sing N N 189 
LEU CD2 HD21 sing N N 190 
LEU CD2 HD22 sing N N 191 
LEU CD2 HD23 sing N N 192 
LEU OXT HXT  sing N N 193 
LYS N   CA   sing N N 194 
LYS N   H    sing N N 195 
LYS N   H2   sing N N 196 
LYS CA  C    sing N N 197 
LYS CA  CB   sing N N 198 
LYS CA  HA   sing N N 199 
LYS C   O    doub N N 200 
LYS C   OXT  sing N N 201 
LYS CB  CG   sing N N 202 
LYS CB  HB2  sing N N 203 
LYS CB  HB3  sing N N 204 
LYS CG  CD   sing N N 205 
LYS CG  HG2  sing N N 206 
LYS CG  HG3  sing N N 207 
LYS CD  CE   sing N N 208 
LYS CD  HD2  sing N N 209 
LYS CD  HD3  sing N N 210 
LYS CE  NZ   sing N N 211 
LYS CE  HE2  sing N N 212 
LYS CE  HE3  sing N N 213 
LYS NZ  HZ1  sing N N 214 
LYS NZ  HZ2  sing N N 215 
LYS NZ  HZ3  sing N N 216 
LYS OXT HXT  sing N N 217 
MET N   CA   sing N N 218 
MET N   H    sing N N 219 
MET N   H2   sing N N 220 
MET CA  C    sing N N 221 
MET CA  CB   sing N N 222 
MET CA  HA   sing N N 223 
MET C   O    doub N N 224 
MET C   OXT  sing N N 225 
MET CB  CG   sing N N 226 
MET CB  HB2  sing N N 227 
MET CB  HB3  sing N N 228 
MET CG  SD   sing N N 229 
MET CG  HG2  sing N N 230 
MET CG  HG3  sing N N 231 
MET SD  CE   sing N N 232 
MET CE  HE1  sing N N 233 
MET CE  HE2  sing N N 234 
MET CE  HE3  sing N N 235 
MET OXT HXT  sing N N 236 
PHE N   CA   sing N N 237 
PHE N   H    sing N N 238 
PHE N   H2   sing N N 239 
PHE CA  C    sing N N 240 
PHE CA  CB   sing N N 241 
PHE CA  HA   sing N N 242 
PHE C   O    doub N N 243 
PHE C   OXT  sing N N 244 
PHE CB  CG   sing N N 245 
PHE CB  HB2  sing N N 246 
PHE CB  HB3  sing N N 247 
PHE CG  CD1  doub Y N 248 
PHE CG  CD2  sing Y N 249 
PHE CD1 CE1  sing Y N 250 
PHE CD1 HD1  sing N N 251 
PHE CD2 CE2  doub Y N 252 
PHE CD2 HD2  sing N N 253 
PHE CE1 CZ   doub Y N 254 
PHE CE1 HE1  sing N N 255 
PHE CE2 CZ   sing Y N 256 
PHE CE2 HE2  sing N N 257 
PHE CZ  HZ   sing N N 258 
PHE OXT HXT  sing N N 259 
PRO N   CA   sing N N 260 
PRO N   CD   sing N N 261 
PRO N   H    sing N N 262 
PRO CA  C    sing N N 263 
PRO CA  CB   sing N N 264 
PRO CA  HA   sing N N 265 
PRO C   O    doub N N 266 
PRO C   OXT  sing N N 267 
PRO CB  CG   sing N N 268 
PRO CB  HB2  sing N N 269 
PRO CB  HB3  sing N N 270 
PRO CG  CD   sing N N 271 
PRO CG  HG2  sing N N 272 
PRO CG  HG3  sing N N 273 
PRO CD  HD2  sing N N 274 
PRO CD  HD3  sing N N 275 
PRO OXT HXT  sing N N 276 
SER N   CA   sing N N 277 
SER N   H    sing N N 278 
SER N   H2   sing N N 279 
SER CA  C    sing N N 280 
SER CA  CB   sing N N 281 
SER CA  HA   sing N N 282 
SER C   O    doub N N 283 
SER C   OXT  sing N N 284 
SER CB  OG   sing N N 285 
SER CB  HB2  sing N N 286 
SER CB  HB3  sing N N 287 
SER OG  HG   sing N N 288 
SER OXT HXT  sing N N 289 
THR N   CA   sing N N 290 
THR N   H    sing N N 291 
THR N   H2   sing N N 292 
THR CA  C    sing N N 293 
THR CA  CB   sing N N 294 
THR CA  HA   sing N N 295 
THR C   O    doub N N 296 
THR C   OXT  sing N N 297 
THR CB  OG1  sing N N 298 
THR CB  CG2  sing N N 299 
THR CB  HB   sing N N 300 
THR OG1 HG1  sing N N 301 
THR CG2 HG21 sing N N 302 
THR CG2 HG22 sing N N 303 
THR CG2 HG23 sing N N 304 
THR OXT HXT  sing N N 305 
TRP N   CA   sing N N 306 
TRP N   H    sing N N 307 
TRP N   H2   sing N N 308 
TRP CA  C    sing N N 309 
TRP CA  CB   sing N N 310 
TRP CA  HA   sing N N 311 
TRP C   O    doub N N 312 
TRP C   OXT  sing N N 313 
TRP CB  CG   sing N N 314 
TRP CB  HB2  sing N N 315 
TRP CB  HB3  sing N N 316 
TRP CG  CD1  doub Y N 317 
TRP CG  CD2  sing Y N 318 
TRP CD1 NE1  sing Y N 319 
TRP CD1 HD1  sing N N 320 
TRP CD2 CE2  doub Y N 321 
TRP CD2 CE3  sing Y N 322 
TRP NE1 CE2  sing Y N 323 
TRP NE1 HE1  sing N N 324 
TRP CE2 CZ2  sing Y N 325 
TRP CE3 CZ3  doub Y N 326 
TRP CE3 HE3  sing N N 327 
TRP CZ2 CH2  doub Y N 328 
TRP CZ2 HZ2  sing N N 329 
TRP CZ3 CH2  sing Y N 330 
TRP CZ3 HZ3  sing N N 331 
TRP CH2 HH2  sing N N 332 
TRP OXT HXT  sing N N 333 
TYR N   CA   sing N N 334 
TYR N   H    sing N N 335 
TYR N   H2   sing N N 336 
TYR CA  C    sing N N 337 
TYR CA  CB   sing N N 338 
TYR CA  HA   sing N N 339 
TYR C   O    doub N N 340 
TYR C   OXT  sing N N 341 
TYR CB  CG   sing N N 342 
TYR CB  HB2  sing N N 343 
TYR CB  HB3  sing N N 344 
TYR CG  CD1  doub Y N 345 
TYR CG  CD2  sing Y N 346 
TYR CD1 CE1  sing Y N 347 
TYR CD1 HD1  sing N N 348 
TYR CD2 CE2  doub Y N 349 
TYR CD2 HD2  sing N N 350 
TYR CE1 CZ   doub Y N 351 
TYR CE1 HE1  sing N N 352 
TYR CE2 CZ   sing Y N 353 
TYR CE2 HE2  sing N N 354 
TYR CZ  OH   sing N N 355 
TYR OH  HH   sing N N 356 
TYR OXT HXT  sing N N 357 
VAL N   CA   sing N N 358 
VAL N   H    sing N N 359 
VAL N   H2   sing N N 360 
VAL CA  C    sing N N 361 
VAL CA  CB   sing N N 362 
VAL CA  HA   sing N N 363 
VAL C   O    doub N N 364 
VAL C   OXT  sing N N 365 
VAL CB  CG1  sing N N 366 
VAL CB  CG2  sing N N 367 
VAL CB  HB   sing N N 368 
VAL CG1 HG11 sing N N 369 
VAL CG1 HG12 sing N N 370 
VAL CG1 HG13 sing N N 371 
VAL CG2 HG21 sing N N 372 
VAL CG2 HG22 sing N N 373 
VAL CG2 HG23 sing N N 374 
VAL OXT HXT  sing N N 375 
# 
_pdbx_entity_nonpoly.entity_id   2 
_pdbx_entity_nonpoly.name        water 
_pdbx_entity_nonpoly.comp_id     HOH 
# 
_pdbx_initial_refinement_model.id               1 
_pdbx_initial_refinement_model.entity_id_list   ? 
_pdbx_initial_refinement_model.type             'experimental model' 
_pdbx_initial_refinement_model.source_name      PDB 
_pdbx_initial_refinement_model.accession_code   1BFS 
_pdbx_initial_refinement_model.details          'PDB ENTRY 1BFS' 
# 
